data_1TOP
# 
_entry.id   1TOP 
# 
_audit_conform.dict_name       mmcif_pdbx.dic 
_audit_conform.dict_version    5.386 
_audit_conform.dict_location   http://mmcif.pdb.org/dictionaries/ascii/mmcif_pdbx.dic 
# 
loop_
_database_2.database_id 
_database_2.database_code 
_database_2.pdbx_database_accession 
_database_2.pdbx_DOI 
PDB   1TOP         pdb_00001top 10.2210/pdb1top/pdb 
WWPDB D_1000176772 ?            ?                   
# 
loop_
_pdbx_audit_revision_history.ordinal 
_pdbx_audit_revision_history.data_content_type 
_pdbx_audit_revision_history.major_revision 
_pdbx_audit_revision_history.minor_revision 
_pdbx_audit_revision_history.revision_date 
1 'Structure model' 1 0 1994-01-31 
2 'Structure model' 1 1 2008-03-24 
3 'Structure model' 1 2 2011-07-13 
4 'Structure model' 1 3 2024-02-14 
# 
_pdbx_audit_revision_details.ordinal             1 
_pdbx_audit_revision_details.revision_ordinal    1 
_pdbx_audit_revision_details.data_content_type   'Structure model' 
_pdbx_audit_revision_details.provider            repository 
_pdbx_audit_revision_details.type                'Initial release' 
_pdbx_audit_revision_details.description         ? 
_pdbx_audit_revision_details.details             ? 
# 
loop_
_pdbx_audit_revision_group.ordinal 
_pdbx_audit_revision_group.revision_ordinal 
_pdbx_audit_revision_group.data_content_type 
_pdbx_audit_revision_group.group 
1 2 'Structure model' 'Version format compliance' 
2 3 'Structure model' 'Version format compliance' 
3 4 'Structure model' 'Data collection'           
4 4 'Structure model' 'Database references'       
5 4 'Structure model' 'Derived calculations'      
6 4 'Structure model' Other                       
# 
loop_
_pdbx_audit_revision_category.ordinal 
_pdbx_audit_revision_category.revision_ordinal 
_pdbx_audit_revision_category.data_content_type 
_pdbx_audit_revision_category.category 
1 4 'Structure model' chem_comp_atom         
2 4 'Structure model' chem_comp_bond         
3 4 'Structure model' database_2             
4 4 'Structure model' pdbx_database_status   
5 4 'Structure model' pdbx_struct_conn_angle 
6 4 'Structure model' struct_conn            
7 4 'Structure model' struct_site            
# 
loop_
_pdbx_audit_revision_item.ordinal 
_pdbx_audit_revision_item.revision_ordinal 
_pdbx_audit_revision_item.data_content_type 
_pdbx_audit_revision_item.item 
1  4 'Structure model' '_database_2.pdbx_DOI'                        
2  4 'Structure model' '_database_2.pdbx_database_accession'         
3  4 'Structure model' '_pdbx_database_status.process_site'          
4  4 'Structure model' '_pdbx_struct_conn_angle.ptnr1_auth_comp_id'  
5  4 'Structure model' '_pdbx_struct_conn_angle.ptnr1_auth_seq_id'   
6  4 'Structure model' '_pdbx_struct_conn_angle.ptnr1_label_asym_id' 
7  4 'Structure model' '_pdbx_struct_conn_angle.ptnr1_label_atom_id' 
8  4 'Structure model' '_pdbx_struct_conn_angle.ptnr1_label_comp_id' 
9  4 'Structure model' '_pdbx_struct_conn_angle.ptnr1_label_seq_id'  
10 4 'Structure model' '_pdbx_struct_conn_angle.ptnr3_auth_comp_id'  
11 4 'Structure model' '_pdbx_struct_conn_angle.ptnr3_auth_seq_id'   
12 4 'Structure model' '_pdbx_struct_conn_angle.ptnr3_label_asym_id' 
13 4 'Structure model' '_pdbx_struct_conn_angle.ptnr3_label_atom_id' 
14 4 'Structure model' '_pdbx_struct_conn_angle.ptnr3_label_comp_id' 
15 4 'Structure model' '_pdbx_struct_conn_angle.ptnr3_label_seq_id'  
16 4 'Structure model' '_pdbx_struct_conn_angle.value'               
17 4 'Structure model' '_struct_conn.pdbx_dist_value'                
18 4 'Structure model' '_struct_conn.ptnr1_auth_comp_id'             
19 4 'Structure model' '_struct_conn.ptnr1_auth_seq_id'              
20 4 'Structure model' '_struct_conn.ptnr1_label_asym_id'            
21 4 'Structure model' '_struct_conn.ptnr1_label_atom_id'            
22 4 'Structure model' '_struct_conn.ptnr1_label_comp_id'            
23 4 'Structure model' '_struct_conn.ptnr1_label_seq_id'             
24 4 'Structure model' '_struct_conn.ptnr2_auth_comp_id'             
25 4 'Structure model' '_struct_conn.ptnr2_auth_seq_id'              
26 4 'Structure model' '_struct_conn.ptnr2_label_asym_id'            
27 4 'Structure model' '_struct_conn.ptnr2_label_atom_id'            
28 4 'Structure model' '_struct_conn.ptnr2_label_comp_id'            
29 4 'Structure model' '_struct_conn.ptnr2_label_seq_id'             
30 4 'Structure model' '_struct_site.pdbx_auth_asym_id'              
31 4 'Structure model' '_struct_site.pdbx_auth_comp_id'              
32 4 'Structure model' '_struct_site.pdbx_auth_seq_id'               
# 
_pdbx_database_status.status_code                     REL 
_pdbx_database_status.entry_id                        1TOP 
_pdbx_database_status.recvd_initial_deposition_date   1993-08-11 
_pdbx_database_status.deposit_site                    ? 
_pdbx_database_status.process_site                    BNL 
_pdbx_database_status.status_code_sf                  REL 
_pdbx_database_status.status_code_mr                  ? 
_pdbx_database_status.SG_entry                        ? 
_pdbx_database_status.pdb_format_compatible           Y 
_pdbx_database_status.status_code_cs                  ? 
_pdbx_database_status.status_code_nmr_data            ? 
_pdbx_database_status.methods_development_category    ? 
# 
_audit_author.name           'Sundaralingam, M.' 
_audit_author.pdbx_ordinal   1 
# 
loop_
_citation.id 
_citation.title 
_citation.journal_abbrev 
_citation.journal_volume 
_citation.page_first 
_citation.page_last 
_citation.year 
_citation.journal_id_ASTM 
_citation.country 
_citation.journal_id_ISSN 
_citation.journal_id_CSD 
_citation.book_publisher 
_citation.pdbx_database_id_PubMed 
_citation.pdbx_database_id_DOI 
primary 'Structure of chicken skeletal muscle troponin C at 1.78 A resolution.'                                      
'Acta Crystallogr.,Sect.D' 50  40   49 1994 ABCRE6 DK 0907-4449 0766 ? 15299475 10.1107/S090744499300798X 
1       'Refined Structure of Chicken Skeletal Muscle Troponin C in the Two-Calcium State at 2-Angstroms Resolution' J.Biol.Chem. 
263 1628 ?  1988 JBCHA3 US 0021-9258 0071 ? ?        ?                         
2       'Molecular Structure of Troponin C from Chicken Skeletal Muscle at 3-Angstrom Resolution'                    Science 227 
945  ?  1985 SCIEAS US 0036-8075 0038 ? ?        ?                         
3       'X-Ray Diffraction Studies of Troponin-C Crystals from Rabbit and Chicken Skeletal Muscles'                  J.Biol.Chem. 
255 3806 ?  1980 JBCHA3 US 0021-9258 0071 ? ?        ?                         
4       'The Amino Acid Sequence of Troponin C from Chicken Skeletal Muscle'                                         'FEBS Lett.' 
70  254  ?  1976 FEBLAL NE 0014-5793 0165 ? ?        ?                         
# 
loop_
_citation_author.citation_id 
_citation_author.name 
_citation_author.ordinal 
_citation_author.identifier_ORCID 
primary 'Satyshur, K.A.'    1  ? 
primary 'Pyzalska, D.'      2  ? 
primary 'Greaser, M.'       3  ? 
primary 'Rao, S.T.'         4  ? 
primary 'Sundaralingam, M.' 5  ? 
1       'Satyshur, K.A.'    6  ? 
1       'Rao, S.T.'         7  ? 
1       'Pyzalska, D.'      8  ? 
1       'Drendel, W.'       9  ? 
1       'Greaser, M.'       10 ? 
1       'Sundaralingam, M.' 11 ? 
2       'Sundaralingam, M.' 12 ? 
2       'Bergstrom, R.'     13 ? 
2       'Strasburg, G.'     14 ? 
2       'Rao, S.T.'         15 ? 
2       'Roychowdhury, P.'  16 ? 
2       'Greaser, M.'       17 ? 
2       'Wang, B.C.'        18 ? 
3       'Strasburg, G.M.'   19 ? 
3       'Greaser, M.L.'     20 ? 
3       'Sundaralingam, M.' 21 ? 
4       'Wilkinson, J.M.'   22 ? 
# 
loop_
_entity.id 
_entity.type 
_entity.src_method 
_entity.pdbx_description 
_entity.formula_weight 
_entity.pdbx_number_of_molecules 
_entity.pdbx_ec 
_entity.pdbx_mutation 
_entity.pdbx_fragment 
_entity.details 
1 polymer     man 'TROPONIN C'  18261.188 1   ? ? ? ? 
2 non-polymer syn 'CALCIUM ION' 40.078    2   ? ? ? ? 
3 non-polymer syn 'SULFATE ION' 96.063    1   ? ? ? ? 
4 water       nat water         18.015    164 ? ? ? ? 
# 
_entity_poly.entity_id                      1 
_entity_poly.type                           'polypeptide(L)' 
_entity_poly.nstd_linkage                   no 
_entity_poly.nstd_monomer                   no 
_entity_poly.pdbx_seq_one_letter_code       
;ASMTDQQAEARAFLSEEMIAEFKAAFDMFDADGGGDISTKELGTVMRMLGQNPTKEELDAIIEEVDEDGSGTIDFEEFLV
MMVRQMKEDAKGKSEEELANCFRIFDKNADGFIDIEELGEILRATGEHVTEEDIEDLMKDSDKNNDGRIDFDEFLKMMEG
VQ
;
_entity_poly.pdbx_seq_one_letter_code_can   
;ASMTDQQAEARAFLSEEMIAEFKAAFDMFDADGGGDISTKELGTVMRMLGQNPTKEELDAIIEEVDEDGSGTIDFEEFLV
MMVRQMKEDAKGKSEEELANCFRIFDKNADGFIDIEELGEILRATGEHVTEEDIEDLMKDSDKNNDGRIDFDEFLKMMEG
VQ
;
_entity_poly.pdbx_strand_id                 A 
_entity_poly.pdbx_target_identifier         ? 
# 
loop_
_pdbx_entity_nonpoly.entity_id 
_pdbx_entity_nonpoly.name 
_pdbx_entity_nonpoly.comp_id 
2 'CALCIUM ION' CA  
3 'SULFATE ION' SO4 
4 water         HOH 
# 
loop_
_entity_poly_seq.entity_id 
_entity_poly_seq.num 
_entity_poly_seq.mon_id 
_entity_poly_seq.hetero 
1 1   ALA n 
1 2   SER n 
1 3   MET n 
1 4   THR n 
1 5   ASP n 
1 6   GLN n 
1 7   GLN n 
1 8   ALA n 
1 9   GLU n 
1 10  ALA n 
1 11  ARG n 
1 12  ALA n 
1 13  PHE n 
1 14  LEU n 
1 15  SER n 
1 16  GLU n 
1 17  GLU n 
1 18  MET n 
1 19  ILE n 
1 20  ALA n 
1 21  GLU n 
1 22  PHE n 
1 23  LYS n 
1 24  ALA n 
1 25  ALA n 
1 26  PHE n 
1 27  ASP n 
1 28  MET n 
1 29  PHE n 
1 30  ASP n 
1 31  ALA n 
1 32  ASP n 
1 33  GLY n 
1 34  GLY n 
1 35  GLY n 
1 36  ASP n 
1 37  ILE n 
1 38  SER n 
1 39  THR n 
1 40  LYS n 
1 41  GLU n 
1 42  LEU n 
1 43  GLY n 
1 44  THR n 
1 45  VAL n 
1 46  MET n 
1 47  ARG n 
1 48  MET n 
1 49  LEU n 
1 50  GLY n 
1 51  GLN n 
1 52  ASN n 
1 53  PRO n 
1 54  THR n 
1 55  LYS n 
1 56  GLU n 
1 57  GLU n 
1 58  LEU n 
1 59  ASP n 
1 60  ALA n 
1 61  ILE n 
1 62  ILE n 
1 63  GLU n 
1 64  GLU n 
1 65  VAL n 
1 66  ASP n 
1 67  GLU n 
1 68  ASP n 
1 69  GLY n 
1 70  SER n 
1 71  GLY n 
1 72  THR n 
1 73  ILE n 
1 74  ASP n 
1 75  PHE n 
1 76  GLU n 
1 77  GLU n 
1 78  PHE n 
1 79  LEU n 
1 80  VAL n 
1 81  MET n 
1 82  MET n 
1 83  VAL n 
1 84  ARG n 
1 85  GLN n 
1 86  MET n 
1 87  LYS n 
1 88  GLU n 
1 89  ASP n 
1 90  ALA n 
1 91  LYS n 
1 92  GLY n 
1 93  LYS n 
1 94  SER n 
1 95  GLU n 
1 96  GLU n 
1 97  GLU n 
1 98  LEU n 
1 99  ALA n 
1 100 ASN n 
1 101 CYS n 
1 102 PHE n 
1 103 ARG n 
1 104 ILE n 
1 105 PHE n 
1 106 ASP n 
1 107 LYS n 
1 108 ASN n 
1 109 ALA n 
1 110 ASP n 
1 111 GLY n 
1 112 PHE n 
1 113 ILE n 
1 114 ASP n 
1 115 ILE n 
1 116 GLU n 
1 117 GLU n 
1 118 LEU n 
1 119 GLY n 
1 120 GLU n 
1 121 ILE n 
1 122 LEU n 
1 123 ARG n 
1 124 ALA n 
1 125 THR n 
1 126 GLY n 
1 127 GLU n 
1 128 HIS n 
1 129 VAL n 
1 130 THR n 
1 131 GLU n 
1 132 GLU n 
1 133 ASP n 
1 134 ILE n 
1 135 GLU n 
1 136 ASP n 
1 137 LEU n 
1 138 MET n 
1 139 LYS n 
1 140 ASP n 
1 141 SER n 
1 142 ASP n 
1 143 LYS n 
1 144 ASN n 
1 145 ASN n 
1 146 ASP n 
1 147 GLY n 
1 148 ARG n 
1 149 ILE n 
1 150 ASP n 
1 151 PHE n 
1 152 ASP n 
1 153 GLU n 
1 154 PHE n 
1 155 LEU n 
1 156 LYS n 
1 157 MET n 
1 158 MET n 
1 159 GLU n 
1 160 GLY n 
1 161 VAL n 
1 162 GLN n 
# 
_entity_src_gen.entity_id                          1 
_entity_src_gen.pdbx_src_id                        1 
_entity_src_gen.pdbx_alt_source_flag               sample 
_entity_src_gen.pdbx_seq_type                      ? 
_entity_src_gen.pdbx_beg_seq_num                   ? 
_entity_src_gen.pdbx_end_seq_num                   ? 
_entity_src_gen.gene_src_common_name               chicken 
_entity_src_gen.gene_src_genus                     Gallus 
_entity_src_gen.pdbx_gene_src_gene                 ? 
_entity_src_gen.gene_src_species                   ? 
_entity_src_gen.gene_src_strain                    ? 
_entity_src_gen.gene_src_tissue                    ? 
_entity_src_gen.gene_src_tissue_fraction           ? 
_entity_src_gen.gene_src_details                   ? 
_entity_src_gen.pdbx_gene_src_fragment             ? 
_entity_src_gen.pdbx_gene_src_scientific_name      'Gallus gallus' 
_entity_src_gen.pdbx_gene_src_ncbi_taxonomy_id     9031 
_entity_src_gen.pdbx_gene_src_variant              ? 
_entity_src_gen.pdbx_gene_src_cell_line            ? 
_entity_src_gen.pdbx_gene_src_atcc                 ? 
_entity_src_gen.pdbx_gene_src_organ                ? 
_entity_src_gen.pdbx_gene_src_organelle            ? 
_entity_src_gen.pdbx_gene_src_cell                 ? 
_entity_src_gen.pdbx_gene_src_cellular_location    ? 
_entity_src_gen.host_org_common_name               ? 
_entity_src_gen.pdbx_host_org_scientific_name      ? 
_entity_src_gen.pdbx_host_org_ncbi_taxonomy_id     ? 
_entity_src_gen.host_org_genus                     ? 
_entity_src_gen.pdbx_host_org_gene                 ? 
_entity_src_gen.pdbx_host_org_organ                ? 
_entity_src_gen.host_org_species                   ? 
_entity_src_gen.pdbx_host_org_tissue               ? 
_entity_src_gen.pdbx_host_org_tissue_fraction      ? 
_entity_src_gen.pdbx_host_org_strain               ? 
_entity_src_gen.pdbx_host_org_variant              ? 
_entity_src_gen.pdbx_host_org_cell_line            ? 
_entity_src_gen.pdbx_host_org_atcc                 ? 
_entity_src_gen.pdbx_host_org_culture_collection   ? 
_entity_src_gen.pdbx_host_org_cell                 ? 
_entity_src_gen.pdbx_host_org_organelle            ? 
_entity_src_gen.pdbx_host_org_cellular_location    ? 
_entity_src_gen.pdbx_host_org_vector_type          ? 
_entity_src_gen.pdbx_host_org_vector               ? 
_entity_src_gen.host_org_details                   ? 
_entity_src_gen.expression_system_id               ? 
_entity_src_gen.plasmid_name                       ? 
_entity_src_gen.plasmid_details                    ? 
_entity_src_gen.pdbx_description                   ? 
# 
loop_
_chem_comp.id 
_chem_comp.type 
_chem_comp.mon_nstd_flag 
_chem_comp.name 
_chem_comp.pdbx_synonyms 
_chem_comp.formula 
_chem_comp.formula_weight 
ALA 'L-peptide linking' y ALANINE         ? 'C3 H7 N O2'     89.093  
ARG 'L-peptide linking' y ARGININE        ? 'C6 H15 N4 O2 1' 175.209 
ASN 'L-peptide linking' y ASPARAGINE      ? 'C4 H8 N2 O3'    132.118 
ASP 'L-peptide linking' y 'ASPARTIC ACID' ? 'C4 H7 N O4'     133.103 
CA  non-polymer         . 'CALCIUM ION'   ? 'Ca 2'           40.078  
CYS 'L-peptide linking' y CYSTEINE        ? 'C3 H7 N O2 S'   121.158 
GLN 'L-peptide linking' y GLUTAMINE       ? 'C5 H10 N2 O3'   146.144 
GLU 'L-peptide linking' y 'GLUTAMIC ACID' ? 'C5 H9 N O4'     147.129 
GLY 'peptide linking'   y GLYCINE         ? 'C2 H5 N O2'     75.067  
HIS 'L-peptide linking' y HISTIDINE       ? 'C6 H10 N3 O2 1' 156.162 
HOH non-polymer         . WATER           ? 'H2 O'           18.015  
ILE 'L-peptide linking' y ISOLEUCINE      ? 'C6 H13 N O2'    131.173 
LEU 'L-peptide linking' y LEUCINE         ? 'C6 H13 N O2'    131.173 
LYS 'L-peptide linking' y LYSINE          ? 'C6 H15 N2 O2 1' 147.195 
MET 'L-peptide linking' y METHIONINE      ? 'C5 H11 N O2 S'  149.211 
PHE 'L-peptide linking' y PHENYLALANINE   ? 'C9 H11 N O2'    165.189 
PRO 'L-peptide linking' y PROLINE         ? 'C5 H9 N O2'     115.130 
SER 'L-peptide linking' y SERINE          ? 'C3 H7 N O3'     105.093 
SO4 non-polymer         . 'SULFATE ION'   ? 'O4 S -2'        96.063  
THR 'L-peptide linking' y THREONINE       ? 'C4 H9 N O3'     119.119 
VAL 'L-peptide linking' y VALINE          ? 'C5 H11 N O2'    117.146 
# 
loop_
_pdbx_poly_seq_scheme.asym_id 
_pdbx_poly_seq_scheme.entity_id 
_pdbx_poly_seq_scheme.seq_id 
_pdbx_poly_seq_scheme.mon_id 
_pdbx_poly_seq_scheme.ndb_seq_num 
_pdbx_poly_seq_scheme.pdb_seq_num 
_pdbx_poly_seq_scheme.auth_seq_num 
_pdbx_poly_seq_scheme.pdb_mon_id 
_pdbx_poly_seq_scheme.auth_mon_id 
_pdbx_poly_seq_scheme.pdb_strand_id 
_pdbx_poly_seq_scheme.pdb_ins_code 
_pdbx_poly_seq_scheme.hetero 
A 1 1   ALA 1   1   1   ALA ALA A . n 
A 1 2   SER 2   2   2   SER SER A . n 
A 1 3   MET 3   3   3   MET MET A . n 
A 1 4   THR 4   4   4   THR THR A . n 
A 1 5   ASP 5   5   5   ASP ASP A . n 
A 1 6   GLN 6   6   6   GLN GLN A . n 
A 1 7   GLN 7   7   7   GLN GLN A . n 
A 1 8   ALA 8   8   8   ALA ALA A . n 
A 1 9   GLU 9   9   9   GLU GLU A . n 
A 1 10  ALA 10  10  10  ALA ALA A . n 
A 1 11  ARG 11  11  11  ARG ARG A . n 
A 1 12  ALA 12  12  12  ALA ALA A . n 
A 1 13  PHE 13  13  13  PHE PHE A . n 
A 1 14  LEU 14  14  14  LEU LEU A . n 
A 1 15  SER 15  15  15  SER SER A . n 
A 1 16  GLU 16  16  16  GLU GLU A . n 
A 1 17  GLU 17  17  17  GLU GLU A . n 
A 1 18  MET 18  18  18  MET MET A . n 
A 1 19  ILE 19  19  19  ILE ILE A . n 
A 1 20  ALA 20  20  20  ALA ALA A . n 
A 1 21  GLU 21  21  21  GLU GLU A . n 
A 1 22  PHE 22  22  22  PHE PHE A . n 
A 1 23  LYS 23  23  23  LYS LYS A . n 
A 1 24  ALA 24  24  24  ALA ALA A . n 
A 1 25  ALA 25  25  25  ALA ALA A . n 
A 1 26  PHE 26  26  26  PHE PHE A . n 
A 1 27  ASP 27  27  27  ASP ASP A . n 
A 1 28  MET 28  28  28  MET MET A . n 
A 1 29  PHE 29  29  29  PHE PHE A . n 
A 1 30  ASP 30  30  30  ASP ASP A . n 
A 1 31  ALA 31  31  31  ALA ALA A . n 
A 1 32  ASP 32  32  32  ASP ASP A . n 
A 1 33  GLY 33  33  33  GLY GLY A . n 
A 1 34  GLY 34  34  34  GLY GLY A . n 
A 1 35  GLY 35  35  35  GLY GLY A . n 
A 1 36  ASP 36  36  36  ASP ASP A . n 
A 1 37  ILE 37  37  37  ILE ILE A . n 
A 1 38  SER 38  38  38  SER SER A . n 
A 1 39  THR 39  39  39  THR THR A . n 
A 1 40  LYS 40  40  40  LYS LYS A . n 
A 1 41  GLU 41  41  41  GLU GLU A . n 
A 1 42  LEU 42  42  42  LEU LEU A . n 
A 1 43  GLY 43  43  43  GLY GLY A . n 
A 1 44  THR 44  44  44  THR THR A . n 
A 1 45  VAL 45  45  45  VAL VAL A . n 
A 1 46  MET 46  46  46  MET MET A . n 
A 1 47  ARG 47  47  47  ARG ARG A . n 
A 1 48  MET 48  48  48  MET MET A . n 
A 1 49  LEU 49  49  49  LEU LEU A . n 
A 1 50  GLY 50  50  50  GLY GLY A . n 
A 1 51  GLN 51  51  51  GLN GLN A . n 
A 1 52  ASN 52  52  52  ASN ASN A . n 
A 1 53  PRO 53  53  53  PRO PRO A . n 
A 1 54  THR 54  54  54  THR THR A . n 
A 1 55  LYS 55  55  55  LYS LYS A . n 
A 1 56  GLU 56  56  56  GLU GLU A . n 
A 1 57  GLU 57  57  57  GLU GLU A . n 
A 1 58  LEU 58  58  58  LEU LEU A . n 
A 1 59  ASP 59  59  59  ASP ASP A . n 
A 1 60  ALA 60  60  60  ALA ALA A . n 
A 1 61  ILE 61  61  61  ILE ILE A . n 
A 1 62  ILE 62  62  62  ILE ILE A . n 
A 1 63  GLU 63  63  63  GLU GLU A . n 
A 1 64  GLU 64  64  64  GLU GLU A . n 
A 1 65  VAL 65  65  65  VAL VAL A . n 
A 1 66  ASP 66  66  66  ASP ASP A . n 
A 1 67  GLU 67  67  67  GLU GLU A . n 
A 1 68  ASP 68  68  68  ASP ASP A . n 
A 1 69  GLY 69  69  69  GLY GLY A . n 
A 1 70  SER 70  70  70  SER SER A . n 
A 1 71  GLY 71  71  71  GLY GLY A . n 
A 1 72  THR 72  72  72  THR THR A . n 
A 1 73  ILE 73  73  73  ILE ILE A . n 
A 1 74  ASP 74  74  74  ASP ASP A . n 
A 1 75  PHE 75  75  75  PHE PHE A . n 
A 1 76  GLU 76  76  76  GLU GLU A . n 
A 1 77  GLU 77  77  77  GLU GLU A . n 
A 1 78  PHE 78  78  78  PHE PHE A . n 
A 1 79  LEU 79  79  79  LEU LEU A . n 
A 1 80  VAL 80  80  80  VAL VAL A . n 
A 1 81  MET 81  81  81  MET MET A . n 
A 1 82  MET 82  82  82  MET MET A . n 
A 1 83  VAL 83  83  83  VAL VAL A . n 
A 1 84  ARG 84  84  84  ARG ARG A . n 
A 1 85  GLN 85  85  85  GLN GLN A . n 
A 1 86  MET 86  86  86  MET MET A . n 
A 1 87  LYS 87  87  87  LYS LYS A . n 
A 1 88  GLU 88  88  88  GLU GLU A . n 
A 1 89  ASP 89  89  89  ASP ASP A . n 
A 1 90  ALA 90  90  90  ALA ALA A . n 
A 1 91  LYS 91  91  91  LYS LYS A . n 
A 1 92  GLY 92  92  92  GLY GLY A . n 
A 1 93  LYS 93  93  93  LYS LYS A . n 
A 1 94  SER 94  94  94  SER SER A . n 
A 1 95  GLU 95  95  95  GLU GLU A . n 
A 1 96  GLU 96  96  96  GLU GLU A . n 
A 1 97  GLU 97  97  97  GLU GLU A . n 
A 1 98  LEU 98  98  98  LEU LEU A . n 
A 1 99  ALA 99  99  99  ALA ALA A . n 
A 1 100 ASN 100 100 100 ASN ASN A . n 
A 1 101 CYS 101 101 101 CYS CYS A . n 
A 1 102 PHE 102 102 102 PHE PHE A . n 
A 1 103 ARG 103 103 103 ARG ARG A . n 
A 1 104 ILE 104 104 104 ILE ILE A . n 
A 1 105 PHE 105 105 105 PHE PHE A . n 
A 1 106 ASP 106 106 106 ASP ASP A . n 
A 1 107 LYS 107 107 107 LYS LYS A . n 
A 1 108 ASN 108 108 108 ASN ASN A . n 
A 1 109 ALA 109 109 109 ALA ALA A . n 
A 1 110 ASP 110 110 110 ASP ASP A . n 
A 1 111 GLY 111 111 111 GLY GLY A . n 
A 1 112 PHE 112 112 112 PHE PHE A . n 
A 1 113 ILE 113 113 113 ILE ILE A . n 
A 1 114 ASP 114 114 114 ASP ASP A . n 
A 1 115 ILE 115 115 115 ILE ILE A . n 
A 1 116 GLU 116 116 116 GLU GLU A . n 
A 1 117 GLU 117 117 117 GLU GLU A . n 
A 1 118 LEU 118 118 118 LEU LEU A . n 
A 1 119 GLY 119 119 119 GLY GLY A . n 
A 1 120 GLU 120 120 120 GLU GLU A . n 
A 1 121 ILE 121 121 121 ILE ILE A . n 
A 1 122 LEU 122 122 122 LEU LEU A . n 
A 1 123 ARG 123 123 123 ARG ARG A . n 
A 1 124 ALA 124 124 124 ALA ALA A . n 
A 1 125 THR 125 125 125 THR THR A . n 
A 1 126 GLY 126 126 126 GLY GLY A . n 
A 1 127 GLU 127 127 127 GLU GLU A . n 
A 1 128 HIS 128 128 128 HIS HIS A . n 
A 1 129 VAL 129 129 129 VAL VAL A . n 
A 1 130 THR 130 130 130 THR THR A . n 
A 1 131 GLU 131 131 131 GLU GLU A . n 
A 1 132 GLU 132 132 132 GLU GLU A . n 
A 1 133 ASP 133 133 133 ASP ASP A . n 
A 1 134 ILE 134 134 134 ILE ILE A . n 
A 1 135 GLU 135 135 135 GLU GLU A . n 
A 1 136 ASP 136 136 136 ASP ASP A . n 
A 1 137 LEU 137 137 137 LEU LEU A . n 
A 1 138 MET 138 138 138 MET MET A . n 
A 1 139 LYS 139 139 139 LYS LYS A . n 
A 1 140 ASP 140 140 140 ASP ASP A . n 
A 1 141 SER 141 141 141 SER SER A . n 
A 1 142 ASP 142 142 142 ASP ASP A . n 
A 1 143 LYS 143 143 143 LYS LYS A . n 
A 1 144 ASN 144 144 144 ASN ASN A . n 
A 1 145 ASN 145 145 145 ASN ASN A . n 
A 1 146 ASP 146 146 146 ASP ASP A . n 
A 1 147 GLY 147 147 147 GLY GLY A . n 
A 1 148 ARG 148 148 148 ARG ARG A . n 
A 1 149 ILE 149 149 149 ILE ILE A . n 
A 1 150 ASP 150 150 150 ASP ASP A . n 
A 1 151 PHE 151 151 151 PHE PHE A . n 
A 1 152 ASP 152 152 152 ASP ASP A . n 
A 1 153 GLU 153 153 153 GLU GLU A . n 
A 1 154 PHE 154 154 154 PHE PHE A . n 
A 1 155 LEU 155 155 155 LEU LEU A . n 
A 1 156 LYS 156 156 156 LYS LYS A . n 
A 1 157 MET 157 157 157 MET MET A . n 
A 1 158 MET 158 158 158 MET MET A . n 
A 1 159 GLU 159 159 159 GLU GLU A . n 
A 1 160 GLY 160 160 160 GLY GLY A . n 
A 1 161 VAL 161 161 161 VAL VAL A . n 
A 1 162 GLN 162 162 162 GLN GLN A . n 
# 
loop_
_pdbx_nonpoly_scheme.asym_id 
_pdbx_nonpoly_scheme.entity_id 
_pdbx_nonpoly_scheme.mon_id 
_pdbx_nonpoly_scheme.ndb_seq_num 
_pdbx_nonpoly_scheme.pdb_seq_num 
_pdbx_nonpoly_scheme.auth_seq_num 
_pdbx_nonpoly_scheme.pdb_mon_id 
_pdbx_nonpoly_scheme.auth_mon_id 
_pdbx_nonpoly_scheme.pdb_strand_id 
_pdbx_nonpoly_scheme.pdb_ins_code 
B 2 CA  1   163 163 CA  CA  A . 
C 2 CA  1   164 164 CA  CA  A . 
D 3 SO4 1   225 225 SO4 SO4 A . 
E 4 HOH 1   165 165 HOH HOH A . 
E 4 HOH 2   166 166 HOH HOH A . 
E 4 HOH 3   167 167 HOH HOH A . 
E 4 HOH 4   168 168 HOH HOH A . 
E 4 HOH 5   170 170 HOH HOH A . 
E 4 HOH 6   172 172 HOH HOH A . 
E 4 HOH 7   173 173 HOH HOH A . 
E 4 HOH 8   174 174 HOH HOH A . 
E 4 HOH 9   175 175 HOH HOH A . 
E 4 HOH 10  176 176 HOH HOH A . 
E 4 HOH 11  177 177 HOH HOH A . 
E 4 HOH 12  178 178 HOH HOH A . 
E 4 HOH 13  179 179 HOH HOH A . 
E 4 HOH 14  181 181 HOH HOH A . 
E 4 HOH 15  182 182 HOH HOH A . 
E 4 HOH 16  183 183 HOH HOH A . 
E 4 HOH 17  184 184 HOH HOH A . 
E 4 HOH 18  185 185 HOH HOH A . 
E 4 HOH 19  186 186 HOH HOH A . 
E 4 HOH 20  187 187 HOH HOH A . 
E 4 HOH 21  188 188 HOH HOH A . 
E 4 HOH 22  189 189 HOH HOH A . 
E 4 HOH 23  190 190 HOH HOH A . 
E 4 HOH 24  191 191 HOH HOH A . 
E 4 HOH 25  192 192 HOH HOH A . 
E 4 HOH 26  193 193 HOH HOH A . 
E 4 HOH 27  194 194 HOH HOH A . 
E 4 HOH 28  195 195 HOH HOH A . 
E 4 HOH 29  196 196 HOH HOH A . 
E 4 HOH 30  197 197 HOH HOH A . 
E 4 HOH 31  198 198 HOH HOH A . 
E 4 HOH 32  199 199 HOH HOH A . 
E 4 HOH 33  200 200 HOH HOH A . 
E 4 HOH 34  201 201 HOH HOH A . 
E 4 HOH 35  202 202 HOH HOH A . 
E 4 HOH 36  204 204 HOH HOH A . 
E 4 HOH 37  205 205 HOH HOH A . 
E 4 HOH 38  206 206 HOH HOH A . 
E 4 HOH 39  207 207 HOH HOH A . 
E 4 HOH 40  208 208 HOH HOH A . 
E 4 HOH 41  209 209 HOH HOH A . 
E 4 HOH 42  210 210 HOH HOH A . 
E 4 HOH 43  211 211 HOH HOH A . 
E 4 HOH 44  212 212 HOH HOH A . 
E 4 HOH 45  213 213 HOH HOH A . 
E 4 HOH 46  214 214 HOH HOH A . 
E 4 HOH 47  216 216 HOH HOH A . 
E 4 HOH 48  217 217 HOH HOH A . 
E 4 HOH 49  218 218 HOH HOH A . 
E 4 HOH 50  219 219 HOH HOH A . 
E 4 HOH 51  220 220 HOH HOH A . 
E 4 HOH 52  221 221 HOH HOH A . 
E 4 HOH 53  222 222 HOH HOH A . 
E 4 HOH 54  223 223 HOH HOH A . 
E 4 HOH 55  224 224 HOH HOH A . 
E 4 HOH 56  227 227 HOH HOH A . 
E 4 HOH 57  228 228 HOH HOH A . 
E 4 HOH 58  229 229 HOH HOH A . 
E 4 HOH 59  230 230 HOH HOH A . 
E 4 HOH 60  231 231 HOH HOH A . 
E 4 HOH 61  232 232 HOH HOH A . 
E 4 HOH 62  233 233 HOH HOH A . 
E 4 HOH 63  234 234 HOH HOH A . 
E 4 HOH 64  235 235 HOH HOH A . 
E 4 HOH 65  236 236 HOH HOH A . 
E 4 HOH 66  237 237 HOH HOH A . 
E 4 HOH 67  238 238 HOH HOH A . 
E 4 HOH 68  239 239 HOH HOH A . 
E 4 HOH 69  240 240 HOH HOH A . 
E 4 HOH 70  241 241 HOH HOH A . 
E 4 HOH 71  242 242 HOH HOH A . 
E 4 HOH 72  244 244 HOH HOH A . 
E 4 HOH 73  246 246 HOH HOH A . 
E 4 HOH 74  247 247 HOH HOH A . 
E 4 HOH 75  248 248 HOH HOH A . 
E 4 HOH 76  249 249 HOH HOH A . 
E 4 HOH 77  250 250 HOH HOH A . 
E 4 HOH 78  251 251 HOH HOH A . 
E 4 HOH 79  252 252 HOH HOH A . 
E 4 HOH 80  254 254 HOH HOH A . 
E 4 HOH 81  255 255 HOH HOH A . 
E 4 HOH 82  258 258 HOH HOH A . 
E 4 HOH 83  260 260 HOH HOH A . 
E 4 HOH 84  262 262 HOH HOH A . 
E 4 HOH 85  263 263 HOH HOH A . 
E 4 HOH 86  264 264 HOH HOH A . 
E 4 HOH 87  266 266 HOH HOH A . 
E 4 HOH 88  267 267 HOH HOH A . 
E 4 HOH 89  268 268 HOH HOH A . 
E 4 HOH 90  269 269 HOH HOH A . 
E 4 HOH 91  270 270 HOH HOH A . 
E 4 HOH 92  271 271 HOH HOH A . 
E 4 HOH 93  273 273 HOH HOH A . 
E 4 HOH 94  274 274 HOH HOH A . 
E 4 HOH 95  276 276 HOH HOH A . 
E 4 HOH 96  278 278 HOH HOH A . 
E 4 HOH 97  279 279 HOH HOH A . 
E 4 HOH 98  280 280 HOH HOH A . 
E 4 HOH 99  281 281 HOH HOH A . 
E 4 HOH 100 283 283 HOH HOH A . 
E 4 HOH 101 284 284 HOH HOH A . 
E 4 HOH 102 285 285 HOH HOH A . 
E 4 HOH 103 286 286 HOH HOH A . 
E 4 HOH 104 288 288 HOH HOH A . 
E 4 HOH 105 289 289 HOH HOH A . 
E 4 HOH 106 290 290 HOH HOH A . 
E 4 HOH 107 291 291 HOH HOH A . 
E 4 HOH 108 292 292 HOH HOH A . 
E 4 HOH 109 293 293 HOH HOH A . 
E 4 HOH 110 294 294 HOH HOH A . 
E 4 HOH 111 295 295 HOH HOH A . 
E 4 HOH 112 296 296 HOH HOH A . 
E 4 HOH 113 297 297 HOH HOH A . 
E 4 HOH 114 298 298 HOH HOH A . 
E 4 HOH 115 304 304 HOH HOH A . 
E 4 HOH 116 306 306 HOH HOH A . 
E 4 HOH 117 307 307 HOH HOH A . 
E 4 HOH 118 308 308 HOH HOH A . 
E 4 HOH 119 309 309 HOH HOH A . 
E 4 HOH 120 310 310 HOH HOH A . 
E 4 HOH 121 311 311 HOH HOH A . 
E 4 HOH 122 312 312 HOH HOH A . 
E 4 HOH 123 313 313 HOH HOH A . 
E 4 HOH 124 316 316 HOH HOH A . 
E 4 HOH 125 317 317 HOH HOH A . 
E 4 HOH 126 318 318 HOH HOH A . 
E 4 HOH 127 322 322 HOH HOH A . 
E 4 HOH 128 323 323 HOH HOH A . 
E 4 HOH 129 324 324 HOH HOH A . 
E 4 HOH 130 325 325 HOH HOH A . 
E 4 HOH 131 326 326 HOH HOH A . 
E 4 HOH 132 327 327 HOH HOH A . 
E 4 HOH 133 331 331 HOH HOH A . 
E 4 HOH 134 332 332 HOH HOH A . 
E 4 HOH 135 333 333 HOH HOH A . 
E 4 HOH 136 334 334 HOH HOH A . 
E 4 HOH 137 337 337 HOH HOH A . 
E 4 HOH 138 338 338 HOH HOH A . 
E 4 HOH 139 341 341 HOH HOH A . 
E 4 HOH 140 344 344 HOH HOH A . 
E 4 HOH 141 345 345 HOH HOH A . 
E 4 HOH 142 346 346 HOH HOH A . 
E 4 HOH 143 347 347 HOH HOH A . 
E 4 HOH 144 348 348 HOH HOH A . 
E 4 HOH 145 350 350 HOH HOH A . 
E 4 HOH 146 351 351 HOH HOH A . 
E 4 HOH 147 355 355 HOH HOH A . 
E 4 HOH 148 357 357 HOH HOH A . 
E 4 HOH 149 360 360 HOH HOH A . 
E 4 HOH 150 363 363 HOH HOH A . 
E 4 HOH 151 369 369 HOH HOH A . 
E 4 HOH 152 372 372 HOH HOH A . 
E 4 HOH 153 373 373 HOH HOH A . 
E 4 HOH 154 376 376 HOH HOH A . 
E 4 HOH 155 377 377 HOH HOH A . 
E 4 HOH 156 378 378 HOH HOH A . 
E 4 HOH 157 380 380 HOH HOH A . 
E 4 HOH 158 381 381 HOH HOH A . 
E 4 HOH 159 382 382 HOH HOH A . 
E 4 HOH 160 383 383 HOH HOH A . 
E 4 HOH 161 385 385 HOH HOH A . 
E 4 HOH 162 386 386 HOH HOH A . 
E 4 HOH 163 387 387 HOH HOH A . 
E 4 HOH 164 388 388 HOH HOH A . 
# 
loop_
_software.name 
_software.classification 
_software.version 
_software.citation_id 
_software.pdbx_ordinal 
X-PLOR 'model building' . ? 1 
X-PLOR refinement       . ? 2 
X-PLOR phasing          . ? 3 
# 
_cell.entry_id           1TOP 
_cell.length_a           66.700 
_cell.length_b           66.700 
_cell.length_c           60.800 
_cell.angle_alpha        90.00 
_cell.angle_beta         90.00 
_cell.angle_gamma        120.00 
_cell.Z_PDB              6 
_cell.pdbx_unique_axis   ? 
# 
_symmetry.entry_id                         1TOP 
_symmetry.space_group_name_H-M             'P 32 2 1' 
_symmetry.pdbx_full_space_group_name_H-M   ? 
_symmetry.cell_setting                     ? 
_symmetry.Int_Tables_number                154 
# 
_exptl.entry_id          1TOP 
_exptl.method            'X-RAY DIFFRACTION' 
_exptl.crystals_number   ? 
# 
_exptl_crystal.id                    1 
_exptl_crystal.density_meas          ? 
_exptl_crystal.density_Matthews      2.14 
_exptl_crystal.density_percent_sol   42.47 
_exptl_crystal.description           ? 
# 
_refine.entry_id                                 1TOP 
_refine.ls_number_reflns_obs                     ? 
_refine.ls_number_reflns_all                     ? 
_refine.pdbx_ls_sigma_I                          ? 
_refine.pdbx_ls_sigma_F                          ? 
_refine.pdbx_data_cutoff_high_absF               ? 
_refine.pdbx_data_cutoff_low_absF                ? 
_refine.pdbx_data_cutoff_high_rms_absF           ? 
_refine.ls_d_res_low                             ? 
_refine.ls_d_res_high                            1.78 
_refine.ls_percent_reflns_obs                    ? 
_refine.ls_R_factor_obs                          0.1680000 
_refine.ls_R_factor_all                          ? 
_refine.ls_R_factor_R_work                       0.1680000 
_refine.ls_R_factor_R_free                       ? 
_refine.ls_R_factor_R_free_error                 ? 
_refine.ls_R_factor_R_free_error_details         ? 
_refine.ls_percent_reflns_R_free                 ? 
_refine.ls_number_reflns_R_free                  ? 
_refine.ls_number_parameters                     ? 
_refine.ls_number_restraints                     ? 
_refine.occupancy_min                            ? 
_refine.occupancy_max                            ? 
_refine.B_iso_mean                               ? 
_refine.aniso_B[1][1]                            ? 
_refine.aniso_B[2][2]                            ? 
_refine.aniso_B[3][3]                            ? 
_refine.aniso_B[1][2]                            ? 
_refine.aniso_B[1][3]                            ? 
_refine.aniso_B[2][3]                            ? 
_refine.solvent_model_details                    ? 
_refine.solvent_model_param_ksol                 ? 
_refine.solvent_model_param_bsol                 ? 
_refine.pdbx_ls_cross_valid_method               ? 
_refine.details                                  ? 
_refine.pdbx_starting_model                      ? 
_refine.pdbx_method_to_determine_struct          ? 
_refine.pdbx_isotropic_thermal_model             ? 
_refine.pdbx_stereochemistry_target_values       ? 
_refine.pdbx_stereochem_target_val_spec_case     ? 
_refine.pdbx_R_Free_selection_details            ? 
_refine.pdbx_overall_ESU_R                       ? 
_refine.pdbx_overall_ESU_R_Free                  ? 
_refine.overall_SU_ML                            ? 
_refine.overall_SU_B                             ? 
_refine.pdbx_refine_id                           'X-RAY DIFFRACTION' 
_refine.pdbx_diffrn_id                           1 
_refine.pdbx_TLS_residual_ADP_flag               ? 
_refine.correlation_coeff_Fo_to_Fc               ? 
_refine.correlation_coeff_Fo_to_Fc_free          ? 
_refine.pdbx_solvent_vdw_probe_radii             ? 
_refine.pdbx_solvent_ion_probe_radii             ? 
_refine.pdbx_solvent_shrinkage_radii             ? 
_refine.pdbx_overall_phase_error                 ? 
_refine.overall_SU_R_Cruickshank_DPI             ? 
_refine.pdbx_overall_SU_R_free_Cruickshank_DPI   ? 
_refine.pdbx_overall_SU_R_Blow_DPI               ? 
_refine.pdbx_overall_SU_R_free_Blow_DPI          ? 
# 
_refine_hist.pdbx_refine_id                   'X-RAY DIFFRACTION' 
_refine_hist.cycle_id                         LAST 
_refine_hist.pdbx_number_atoms_protein        1293 
_refine_hist.pdbx_number_atoms_nucleic_acid   0 
_refine_hist.pdbx_number_atoms_ligand         7 
_refine_hist.number_atoms_solvent             164 
_refine_hist.number_atoms_total               1464 
_refine_hist.d_res_high                       1.78 
_refine_hist.d_res_low                        . 
# 
loop_
_refine_ls_restr.type 
_refine_ls_restr.dev_ideal 
_refine_ls_restr.dev_ideal_target 
_refine_ls_restr.weight 
_refine_ls_restr.number 
_refine_ls_restr.pdbx_refine_id 
_refine_ls_restr.pdbx_restraint_function 
x_bond_d                0.012 ? ? ? 'X-RAY DIFFRACTION' ? 
x_bond_d_na             ?     ? ? ? 'X-RAY DIFFRACTION' ? 
x_bond_d_prot           ?     ? ? ? 'X-RAY DIFFRACTION' ? 
x_angle_d               ?     ? ? ? 'X-RAY DIFFRACTION' ? 
x_angle_d_na            ?     ? ? ? 'X-RAY DIFFRACTION' ? 
x_angle_d_prot          ?     ? ? ? 'X-RAY DIFFRACTION' ? 
x_angle_deg             2.3   ? ? ? 'X-RAY DIFFRACTION' ? 
x_angle_deg_na          ?     ? ? ? 'X-RAY DIFFRACTION' ? 
x_angle_deg_prot        ?     ? ? ? 'X-RAY DIFFRACTION' ? 
x_dihedral_angle_d      ?     ? ? ? 'X-RAY DIFFRACTION' ? 
x_dihedral_angle_d_na   ?     ? ? ? 'X-RAY DIFFRACTION' ? 
x_dihedral_angle_d_prot ?     ? ? ? 'X-RAY DIFFRACTION' ? 
x_improper_angle_d      ?     ? ? ? 'X-RAY DIFFRACTION' ? 
x_improper_angle_d_na   ?     ? ? ? 'X-RAY DIFFRACTION' ? 
x_improper_angle_d_prot ?     ? ? ? 'X-RAY DIFFRACTION' ? 
x_mcbond_it             ?     ? ? ? 'X-RAY DIFFRACTION' ? 
x_mcangle_it            ?     ? ? ? 'X-RAY DIFFRACTION' ? 
x_scbond_it             ?     ? ? ? 'X-RAY DIFFRACTION' ? 
x_scangle_it            ?     ? ? ? 'X-RAY DIFFRACTION' ? 
# 
_struct.entry_id                  1TOP 
_struct.title                     'STRUCTURE OF CHICKEN SKELETAL MUSCLE TROPONIN-C AT 1.78 ANGSTROMS RESOLUTION' 
_struct.pdbx_model_details        ? 
_struct.pdbx_CASP_flag            ? 
_struct.pdbx_model_type_details   ? 
# 
_struct_keywords.entry_id        1TOP 
_struct_keywords.pdbx_keywords   'CONTRACTILE SYSTEM PROTEIN' 
_struct_keywords.text            'CONTRACTILE SYSTEM PROTEIN' 
# 
loop_
_struct_asym.id 
_struct_asym.pdbx_blank_PDB_chainid_flag 
_struct_asym.pdbx_modified 
_struct_asym.entity_id 
_struct_asym.details 
A N N 1 ? 
B N N 2 ? 
C N N 2 ? 
D N N 3 ? 
E N N 4 ? 
# 
_struct_ref.id                         1 
_struct_ref.db_name                    UNP 
_struct_ref.db_code                    TNNC2_CHICK 
_struct_ref.entity_id                  1 
_struct_ref.pdbx_db_accession          P02588 
_struct_ref.pdbx_align_begin           1 
_struct_ref.pdbx_seq_one_letter_code   
;ASMTDQQAEARAFLSEEMIAEFKAAFDMFDADGGGDISTKELGTVMRMLGQNPTKEELDAIIEEVDEDGSGTIDFEEFLV
MMVRQMKEDAKGKSEEELANCFRIFDKNADGFIDIEELGEILRATGEHVTEEDIEDLMKDSDKNNDGRIDFDEFLKMMEG
VQ
;
_struct_ref.pdbx_db_isoform            ? 
# 
_struct_ref_seq.align_id                      1 
_struct_ref_seq.ref_id                        1 
_struct_ref_seq.pdbx_PDB_id_code              1TOP 
_struct_ref_seq.pdbx_strand_id                A 
_struct_ref_seq.seq_align_beg                 1 
_struct_ref_seq.pdbx_seq_align_beg_ins_code   ? 
_struct_ref_seq.seq_align_end                 162 
_struct_ref_seq.pdbx_seq_align_end_ins_code   ? 
_struct_ref_seq.pdbx_db_accession             P02588 
_struct_ref_seq.db_align_beg                  1 
_struct_ref_seq.pdbx_db_align_beg_ins_code    ? 
_struct_ref_seq.db_align_end                  162 
_struct_ref_seq.pdbx_db_align_end_ins_code    ? 
_struct_ref_seq.pdbx_auth_seq_align_beg       1 
_struct_ref_seq.pdbx_auth_seq_align_end       162 
# 
_pdbx_struct_assembly.id                   1 
_pdbx_struct_assembly.details              author_defined_assembly 
_pdbx_struct_assembly.method_details       ? 
_pdbx_struct_assembly.oligomeric_details   monomeric 
_pdbx_struct_assembly.oligomeric_count     1 
# 
_pdbx_struct_assembly_gen.assembly_id       1 
_pdbx_struct_assembly_gen.oper_expression   1 
_pdbx_struct_assembly_gen.asym_id_list      A,B,C,D,E 
# 
_pdbx_struct_oper_list.id                   1 
_pdbx_struct_oper_list.type                 'identity operation' 
_pdbx_struct_oper_list.name                 1_555 
_pdbx_struct_oper_list.symmetry_operation   x,y,z 
_pdbx_struct_oper_list.matrix[1][1]         1.0000000000 
_pdbx_struct_oper_list.matrix[1][2]         0.0000000000 
_pdbx_struct_oper_list.matrix[1][3]         0.0000000000 
_pdbx_struct_oper_list.vector[1]            0.0000000000 
_pdbx_struct_oper_list.matrix[2][1]         0.0000000000 
_pdbx_struct_oper_list.matrix[2][2]         1.0000000000 
_pdbx_struct_oper_list.matrix[2][3]         0.0000000000 
_pdbx_struct_oper_list.vector[2]            0.0000000000 
_pdbx_struct_oper_list.matrix[3][1]         0.0000000000 
_pdbx_struct_oper_list.matrix[3][2]         0.0000000000 
_pdbx_struct_oper_list.matrix[3][3]         1.0000000000 
_pdbx_struct_oper_list.vector[3]            0.0000000000 
# 
_struct_biol.id   1 
# 
loop_
_struct_conf.conf_type_id 
_struct_conf.id 
_struct_conf.pdbx_PDB_helix_id 
_struct_conf.beg_label_comp_id 
_struct_conf.beg_label_asym_id 
_struct_conf.beg_label_seq_id 
_struct_conf.pdbx_beg_PDB_ins_code 
_struct_conf.end_label_comp_id 
_struct_conf.end_label_asym_id 
_struct_conf.end_label_seq_id 
_struct_conf.pdbx_end_PDB_ins_code 
_struct_conf.beg_auth_comp_id 
_struct_conf.beg_auth_asym_id 
_struct_conf.beg_auth_seq_id 
_struct_conf.end_auth_comp_id 
_struct_conf.end_auth_asym_id 
_struct_conf.end_auth_seq_id 
_struct_conf.pdbx_PDB_helix_class 
_struct_conf.details 
_struct_conf.pdbx_PDB_helix_length 
HELX_P HELX_P1 NT  MET A 3   ? ALA A 12  ? MET A 3   ALA A 12  1 ?                            10 
HELX_P HELX_P2 A   GLU A 16  ? ASP A 27  ? GLU A 16  ASP A 27  1 ?                            12 
HELX_P HELX_P3 B   LEU A 42  ? MET A 48  ? LEU A 42  MET A 48  1 ?                            7  
HELX_P HELX_P4 C   LYS A 55  ? VAL A 65  ? LYS A 55  VAL A 65  1 ?                            11 
HELX_P HELX_P5 LCH PHE A 75  ? PHE A 105 ? PHE A 75  PHE A 105 1 'D HELIX,D/E LINKER,E HELIX' 31 
HELX_P HELX_P6 F   ILE A 115 ? ALA A 124 ? ILE A 115 ALA A 124 1 ?                            10 
HELX_P HELX_P7 G   GLU A 131 ? SER A 141 ? GLU A 131 SER A 141 1 ?                            11 
HELX_P HELX_P8 H   PHE A 151 ? GLU A 159 ? PHE A 151 GLU A 159 1 ?                            9  
# 
_struct_conf_type.id          HELX_P 
_struct_conf_type.criteria    ? 
_struct_conf_type.reference   ? 
# 
loop_
_struct_conn.id 
_struct_conn.conn_type_id 
_struct_conn.pdbx_leaving_atom_flag 
_struct_conn.pdbx_PDB_id 
_struct_conn.ptnr1_label_asym_id 
_struct_conn.ptnr1_label_comp_id 
_struct_conn.ptnr1_label_seq_id 
_struct_conn.ptnr1_label_atom_id 
_struct_conn.pdbx_ptnr1_label_alt_id 
_struct_conn.pdbx_ptnr1_PDB_ins_code 
_struct_conn.pdbx_ptnr1_standard_comp_id 
_struct_conn.ptnr1_symmetry 
_struct_conn.ptnr2_label_asym_id 
_struct_conn.ptnr2_label_comp_id 
_struct_conn.ptnr2_label_seq_id 
_struct_conn.ptnr2_label_atom_id 
_struct_conn.pdbx_ptnr2_label_alt_id 
_struct_conn.pdbx_ptnr2_PDB_ins_code 
_struct_conn.ptnr1_auth_asym_id 
_struct_conn.ptnr1_auth_comp_id 
_struct_conn.ptnr1_auth_seq_id 
_struct_conn.ptnr2_auth_asym_id 
_struct_conn.ptnr2_auth_comp_id 
_struct_conn.ptnr2_auth_seq_id 
_struct_conn.ptnr2_symmetry 
_struct_conn.pdbx_ptnr3_label_atom_id 
_struct_conn.pdbx_ptnr3_label_seq_id 
_struct_conn.pdbx_ptnr3_label_comp_id 
_struct_conn.pdbx_ptnr3_label_asym_id 
_struct_conn.pdbx_ptnr3_label_alt_id 
_struct_conn.pdbx_ptnr3_PDB_ins_code 
_struct_conn.details 
_struct_conn.pdbx_dist_value 
_struct_conn.pdbx_value_order 
_struct_conn.pdbx_role 
metalc1  metalc ? ? A ASP 106 OD1 ? ? ? 1_555 B CA  . CA ? ? A ASP 106 A CA  163 1_555 ? ? ? ? ? ? ? 2.217 ? ? 
metalc2  metalc ? ? A ASN 108 OD1 ? ? ? 1_555 B CA  . CA ? ? A ASN 108 A CA  163 1_555 ? ? ? ? ? ? ? 1.949 ? ? 
metalc3  metalc ? ? A ASP 110 OD1 ? ? ? 1_555 B CA  . CA ? ? A ASP 110 A CA  163 1_555 ? ? ? ? ? ? ? 2.431 ? ? 
metalc4  metalc ? ? A PHE 112 O   ? ? ? 1_555 B CA  . CA ? ? A PHE 112 A CA  163 1_555 ? ? ? ? ? ? ? 2.076 ? ? 
metalc5  metalc ? ? A GLU 117 OE1 ? ? ? 1_555 B CA  . CA ? ? A GLU 117 A CA  163 1_555 ? ? ? ? ? ? ? 2.380 ? ? 
metalc6  metalc ? ? A GLU 117 OE2 ? ? ? 1_555 B CA  . CA ? ? A GLU 117 A CA  163 1_555 ? ? ? ? ? ? ? 2.532 ? ? 
metalc7  metalc ? ? A ASP 142 OD1 ? ? ? 1_555 C CA  . CA ? ? A ASP 142 A CA  164 1_555 ? ? ? ? ? ? ? 2.260 ? ? 
metalc8  metalc ? ? A ASN 144 OD1 ? ? ? 1_555 C CA  . CA ? ? A ASN 144 A CA  164 1_555 ? ? ? ? ? ? ? 2.088 ? ? 
metalc9  metalc ? ? A ASP 146 OD1 ? ? ? 1_555 C CA  . CA ? ? A ASP 146 A CA  164 1_555 ? ? ? ? ? ? ? 2.375 ? ? 
metalc10 metalc ? ? A ARG 148 O   ? ? ? 1_555 C CA  . CA ? ? A ARG 148 A CA  164 1_555 ? ? ? ? ? ? ? 2.051 ? ? 
metalc11 metalc ? ? A GLU 153 OE1 ? ? ? 1_555 C CA  . CA ? ? A GLU 153 A CA  164 1_555 ? ? ? ? ? ? ? 2.436 ? ? 
metalc12 metalc ? ? A GLU 153 OE2 ? ? ? 1_555 C CA  . CA ? ? A GLU 153 A CA  164 1_555 ? ? ? ? ? ? ? 2.568 ? ? 
metalc13 metalc ? ? B CA  .   CA  ? ? ? 1_555 E HOH . O  ? ? A CA  163 A HOH 176 1_555 ? ? ? ? ? ? ? 1.510 ? ? 
metalc14 metalc ? ? C CA  .   CA  ? ? ? 1_555 E HOH . O  ? ? A CA  164 A HOH 209 1_555 ? ? ? ? ? ? ? 1.527 ? ? 
# 
_struct_conn_type.id          metalc 
_struct_conn_type.criteria    ? 
_struct_conn_type.reference   ? 
# 
loop_
_pdbx_struct_conn_angle.id 
_pdbx_struct_conn_angle.ptnr1_label_atom_id 
_pdbx_struct_conn_angle.ptnr1_label_alt_id 
_pdbx_struct_conn_angle.ptnr1_label_asym_id 
_pdbx_struct_conn_angle.ptnr1_label_comp_id 
_pdbx_struct_conn_angle.ptnr1_label_seq_id 
_pdbx_struct_conn_angle.ptnr1_auth_atom_id 
_pdbx_struct_conn_angle.ptnr1_auth_asym_id 
_pdbx_struct_conn_angle.ptnr1_auth_comp_id 
_pdbx_struct_conn_angle.ptnr1_auth_seq_id 
_pdbx_struct_conn_angle.ptnr1_PDB_ins_code 
_pdbx_struct_conn_angle.ptnr1_symmetry 
_pdbx_struct_conn_angle.ptnr2_label_atom_id 
_pdbx_struct_conn_angle.ptnr2_label_alt_id 
_pdbx_struct_conn_angle.ptnr2_label_asym_id 
_pdbx_struct_conn_angle.ptnr2_label_comp_id 
_pdbx_struct_conn_angle.ptnr2_label_seq_id 
_pdbx_struct_conn_angle.ptnr2_auth_atom_id 
_pdbx_struct_conn_angle.ptnr2_auth_asym_id 
_pdbx_struct_conn_angle.ptnr2_auth_comp_id 
_pdbx_struct_conn_angle.ptnr2_auth_seq_id 
_pdbx_struct_conn_angle.ptnr2_PDB_ins_code 
_pdbx_struct_conn_angle.ptnr2_symmetry 
_pdbx_struct_conn_angle.ptnr3_label_atom_id 
_pdbx_struct_conn_angle.ptnr3_label_alt_id 
_pdbx_struct_conn_angle.ptnr3_label_asym_id 
_pdbx_struct_conn_angle.ptnr3_label_comp_id 
_pdbx_struct_conn_angle.ptnr3_label_seq_id 
_pdbx_struct_conn_angle.ptnr3_auth_atom_id 
_pdbx_struct_conn_angle.ptnr3_auth_asym_id 
_pdbx_struct_conn_angle.ptnr3_auth_comp_id 
_pdbx_struct_conn_angle.ptnr3_auth_seq_id 
_pdbx_struct_conn_angle.ptnr3_PDB_ins_code 
_pdbx_struct_conn_angle.ptnr3_symmetry 
_pdbx_struct_conn_angle.value 
_pdbx_struct_conn_angle.value_esd 
1  OD1 ? A ASP 106 ? A ASP 106 ? 1_555 CA ? B CA . ? A CA 163 ? 1_555 OD1 ? A ASN 108 ? A ASN 108 ? 1_555 80.2  ? 
2  OD1 ? A ASP 106 ? A ASP 106 ? 1_555 CA ? B CA . ? A CA 163 ? 1_555 OD1 ? A ASP 110 ? A ASP 110 ? 1_555 83.4  ? 
3  OD1 ? A ASN 108 ? A ASN 108 ? 1_555 CA ? B CA . ? A CA 163 ? 1_555 OD1 ? A ASP 110 ? A ASP 110 ? 1_555 84.1  ? 
4  OD1 ? A ASP 106 ? A ASP 106 ? 1_555 CA ? B CA . ? A CA 163 ? 1_555 O   ? A PHE 112 ? A PHE 112 ? 1_555 80.9  ? 
5  OD1 ? A ASN 108 ? A ASN 108 ? 1_555 CA ? B CA . ? A CA 163 ? 1_555 O   ? A PHE 112 ? A PHE 112 ? 1_555 155.2 ? 
6  OD1 ? A ASP 110 ? A ASP 110 ? 1_555 CA ? B CA . ? A CA 163 ? 1_555 O   ? A PHE 112 ? A PHE 112 ? 1_555 78.0  ? 
7  OD1 ? A ASP 106 ? A ASP 106 ? 1_555 CA ? B CA . ? A CA 163 ? 1_555 OE1 ? A GLU 117 ? A GLU 117 ? 1_555 112.9 ? 
8  OD1 ? A ASN 108 ? A ASN 108 ? 1_555 CA ? B CA . ? A CA 163 ? 1_555 OE1 ? A GLU 117 ? A GLU 117 ? 1_555 122.2 ? 
9  OD1 ? A ASP 110 ? A ASP 110 ? 1_555 CA ? B CA . ? A CA 163 ? 1_555 OE1 ? A GLU 117 ? A GLU 117 ? 1_555 150.1 ? 
10 O   ? A PHE 112 ? A PHE 112 ? 1_555 CA ? B CA . ? A CA 163 ? 1_555 OE1 ? A GLU 117 ? A GLU 117 ? 1_555 80.1  ? 
11 OD1 ? A ASP 106 ? A ASP 106 ? 1_555 CA ? B CA . ? A CA 163 ? 1_555 OE2 ? A GLU 117 ? A GLU 117 ? 1_555 93.4  ? 
12 OD1 ? A ASN 108 ? A ASN 108 ? 1_555 CA ? B CA . ? A CA 163 ? 1_555 OE2 ? A GLU 117 ? A GLU 117 ? 1_555 73.1  ? 
13 OD1 ? A ASP 110 ? A ASP 110 ? 1_555 CA ? B CA . ? A CA 163 ? 1_555 OE2 ? A GLU 117 ? A GLU 117 ? 1_555 157.2 ? 
14 O   ? A PHE 112 ? A PHE 112 ? 1_555 CA ? B CA . ? A CA 163 ? 1_555 OE2 ? A GLU 117 ? A GLU 117 ? 1_555 124.0 ? 
15 OE1 ? A GLU 117 ? A GLU 117 ? 1_555 CA ? B CA . ? A CA 163 ? 1_555 OE2 ? A GLU 117 ? A GLU 117 ? 1_555 51.0  ? 
16 OD1 ? A ASP 106 ? A ASP 106 ? 1_555 CA ? B CA . ? A CA 163 ? 1_555 O   ? E HOH .   ? A HOH 176 ? 1_555 163.8 ? 
17 OD1 ? A ASN 108 ? A ASN 108 ? 1_555 CA ? B CA . ? A CA 163 ? 1_555 O   ? E HOH .   ? A HOH 176 ? 1_555 97.9  ? 
18 OD1 ? A ASP 110 ? A ASP 110 ? 1_555 CA ? B CA . ? A CA 163 ? 1_555 O   ? E HOH .   ? A HOH 176 ? 1_555 80.5  ? 
19 O   ? A PHE 112 ? A PHE 112 ? 1_555 CA ? B CA . ? A CA 163 ? 1_555 O   ? E HOH .   ? A HOH 176 ? 1_555 95.8  ? 
20 OE1 ? A GLU 117 ? A GLU 117 ? 1_555 CA ? B CA . ? A CA 163 ? 1_555 O   ? E HOH .   ? A HOH 176 ? 1_555 81.8  ? 
21 OE2 ? A GLU 117 ? A GLU 117 ? 1_555 CA ? B CA . ? A CA 163 ? 1_555 O   ? E HOH .   ? A HOH 176 ? 1_555 101.4 ? 
22 OD1 ? A ASP 142 ? A ASP 142 ? 1_555 CA ? C CA . ? A CA 164 ? 1_555 OD1 ? A ASN 144 ? A ASN 144 ? 1_555 83.9  ? 
23 OD1 ? A ASP 142 ? A ASP 142 ? 1_555 CA ? C CA . ? A CA 164 ? 1_555 OD1 ? A ASP 146 ? A ASP 146 ? 1_555 80.6  ? 
24 OD1 ? A ASN 144 ? A ASN 144 ? 1_555 CA ? C CA . ? A CA 164 ? 1_555 OD1 ? A ASP 146 ? A ASP 146 ? 1_555 83.2  ? 
25 OD1 ? A ASP 142 ? A ASP 142 ? 1_555 CA ? C CA . ? A CA 164 ? 1_555 O   ? A ARG 148 ? A ARG 148 ? 1_555 86.6  ? 
26 OD1 ? A ASN 144 ? A ASN 144 ? 1_555 CA ? C CA . ? A CA 164 ? 1_555 O   ? A ARG 148 ? A ARG 148 ? 1_555 160.3 ? 
27 OD1 ? A ASP 146 ? A ASP 146 ? 1_555 CA ? C CA . ? A CA 164 ? 1_555 O   ? A ARG 148 ? A ARG 148 ? 1_555 78.2  ? 
28 OD1 ? A ASP 142 ? A ASP 142 ? 1_555 CA ? C CA . ? A CA 164 ? 1_555 OE1 ? A GLU 153 ? A GLU 153 ? 1_555 117.2 ? 
29 OD1 ? A ASN 144 ? A ASN 144 ? 1_555 CA ? C CA . ? A CA 164 ? 1_555 OE1 ? A GLU 153 ? A GLU 153 ? 1_555 120.4 ? 
30 OD1 ? A ASP 146 ? A ASP 146 ? 1_555 CA ? C CA . ? A CA 164 ? 1_555 OE1 ? A GLU 153 ? A GLU 153 ? 1_555 150.3 ? 
31 O   ? A ARG 148 ? A ARG 148 ? 1_555 CA ? C CA . ? A CA 164 ? 1_555 OE1 ? A GLU 153 ? A GLU 153 ? 1_555 79.3  ? 
32 OD1 ? A ASP 142 ? A ASP 142 ? 1_555 CA ? C CA . ? A CA 164 ? 1_555 OE2 ? A GLU 153 ? A GLU 153 ? 1_555 94.1  ? 
33 OD1 ? A ASN 144 ? A ASN 144 ? 1_555 CA ? C CA . ? A CA 164 ? 1_555 OE2 ? A GLU 153 ? A GLU 153 ? 1_555 75.0  ? 
34 OD1 ? A ASP 146 ? A ASP 146 ? 1_555 CA ? C CA . ? A CA 164 ? 1_555 OE2 ? A GLU 153 ? A GLU 153 ? 1_555 158.0 ? 
35 O   ? A ARG 148 ? A ARG 148 ? 1_555 CA ? C CA . ? A CA 164 ? 1_555 OE2 ? A GLU 153 ? A GLU 153 ? 1_555 123.1 ? 
36 OE1 ? A GLU 153 ? A GLU 153 ? 1_555 CA ? C CA . ? A CA 164 ? 1_555 OE2 ? A GLU 153 ? A GLU 153 ? 1_555 50.2  ? 
37 OD1 ? A ASP 142 ? A ASP 142 ? 1_555 CA ? C CA . ? A CA 164 ? 1_555 O   ? E HOH .   ? A HOH 209 ? 1_555 161.2 ? 
38 OD1 ? A ASN 144 ? A ASN 144 ? 1_555 CA ? C CA . ? A CA 164 ? 1_555 O   ? E HOH .   ? A HOH 209 ? 1_555 88.4  ? 
39 OD1 ? A ASP 146 ? A ASP 146 ? 1_555 CA ? C CA . ? A CA 164 ? 1_555 O   ? E HOH .   ? A HOH 209 ? 1_555 81.5  ? 
40 O   ? A ARG 148 ? A ARG 148 ? 1_555 CA ? C CA . ? A CA 164 ? 1_555 O   ? E HOH .   ? A HOH 209 ? 1_555 95.2  ? 
41 OE1 ? A GLU 153 ? A GLU 153 ? 1_555 CA ? C CA . ? A CA 164 ? 1_555 O   ? E HOH .   ? A HOH 209 ? 1_555 81.5  ? 
42 OE2 ? A GLU 153 ? A GLU 153 ? 1_555 CA ? C CA . ? A CA 164 ? 1_555 O   ? E HOH .   ? A HOH 209 ? 1_555 100.4 ? 
# 
loop_
_struct_sheet.id 
_struct_sheet.type 
_struct_sheet.number_strands 
_struct_sheet.details 
B1 ? 2 ? 
B2 ? 2 ? 
# 
loop_
_struct_sheet_order.sheet_id 
_struct_sheet_order.range_id_1 
_struct_sheet_order.range_id_2 
_struct_sheet_order.offset 
_struct_sheet_order.sense 
B1 1 2 ? anti-parallel 
B2 1 2 ? anti-parallel 
# 
loop_
_struct_sheet_range.sheet_id 
_struct_sheet_range.id 
_struct_sheet_range.beg_label_comp_id 
_struct_sheet_range.beg_label_asym_id 
_struct_sheet_range.beg_label_seq_id 
_struct_sheet_range.pdbx_beg_PDB_ins_code 
_struct_sheet_range.end_label_comp_id 
_struct_sheet_range.end_label_asym_id 
_struct_sheet_range.end_label_seq_id 
_struct_sheet_range.pdbx_end_PDB_ins_code 
_struct_sheet_range.beg_auth_comp_id 
_struct_sheet_range.beg_auth_asym_id 
_struct_sheet_range.beg_auth_seq_id 
_struct_sheet_range.end_auth_comp_id 
_struct_sheet_range.end_auth_asym_id 
_struct_sheet_range.end_auth_seq_id 
B1 1 GLY A 35  ? THR A 39  ? GLY A 35  THR A 39  
B1 2 GLY A 71  ? PHE A 75  ? GLY A 71  PHE A 75  
B2 1 ILE A 113 ? ILE A 113 ? ILE A 113 ILE A 113 
B2 2 ILE A 149 ? ILE A 149 ? ILE A 149 ILE A 149 
# 
loop_
_struct_site.id 
_struct_site.pdbx_evidence_code 
_struct_site.pdbx_auth_asym_id 
_struct_site.pdbx_auth_comp_id 
_struct_site.pdbx_auth_seq_id 
_struct_site.pdbx_auth_ins_code 
_struct_site.pdbx_num_residues 
_struct_site.details 
AC1 Software A CA  163 ? 6 'BINDING SITE FOR RESIDUE CA A 163'  
AC2 Software A CA  164 ? 6 'BINDING SITE FOR RESIDUE CA A 164'  
AC3 Software A SO4 225 ? 8 'BINDING SITE FOR RESIDUE SO4 A 225' 
# 
loop_
_struct_site_gen.id 
_struct_site_gen.site_id 
_struct_site_gen.pdbx_num_res 
_struct_site_gen.label_comp_id 
_struct_site_gen.label_asym_id 
_struct_site_gen.label_seq_id 
_struct_site_gen.pdbx_auth_ins_code 
_struct_site_gen.auth_comp_id 
_struct_site_gen.auth_asym_id 
_struct_site_gen.auth_seq_id 
_struct_site_gen.label_atom_id 
_struct_site_gen.label_alt_id 
_struct_site_gen.symmetry 
_struct_site_gen.details 
1  AC1 6 ASP A 106 ? ASP A 106 . ? 1_555 ? 
2  AC1 6 ASN A 108 ? ASN A 108 . ? 1_555 ? 
3  AC1 6 ASP A 110 ? ASP A 110 . ? 1_555 ? 
4  AC1 6 PHE A 112 ? PHE A 112 . ? 1_555 ? 
5  AC1 6 GLU A 117 ? GLU A 117 . ? 1_555 ? 
6  AC1 6 HOH E .   ? HOH A 176 . ? 1_555 ? 
7  AC2 6 ASP A 142 ? ASP A 142 . ? 1_555 ? 
8  AC2 6 ASN A 144 ? ASN A 144 . ? 1_555 ? 
9  AC2 6 ASP A 146 ? ASP A 146 . ? 1_555 ? 
10 AC2 6 ARG A 148 ? ARG A 148 . ? 1_555 ? 
11 AC2 6 GLU A 153 ? GLU A 153 . ? 1_555 ? 
12 AC2 6 HOH E .   ? HOH A 209 . ? 1_555 ? 
13 AC3 8 GLY A 43  ? GLY A 43  . ? 1_555 ? 
14 AC3 8 ARG A 47  ? ARG A 47  . ? 1_555 ? 
15 AC3 8 LYS A 55  ? LYS A 55  . ? 1_555 ? 
16 AC3 8 HOH E .   ? HOH A 230 . ? 1_555 ? 
17 AC3 8 HOH E .   ? HOH A 234 . ? 1_555 ? 
18 AC3 8 HOH E .   ? HOH A 240 . ? 1_555 ? 
19 AC3 8 HOH E .   ? HOH A 254 . ? 1_555 ? 
20 AC3 8 HOH E .   ? HOH A 306 . ? 1_555 ? 
# 
_pdbx_validate_rmsd_bond.id                        1 
_pdbx_validate_rmsd_bond.PDB_model_num             1 
_pdbx_validate_rmsd_bond.auth_atom_id_1            NE2 
_pdbx_validate_rmsd_bond.auth_asym_id_1            A 
_pdbx_validate_rmsd_bond.auth_comp_id_1            HIS 
_pdbx_validate_rmsd_bond.auth_seq_id_1             128 
_pdbx_validate_rmsd_bond.PDB_ins_code_1            ? 
_pdbx_validate_rmsd_bond.label_alt_id_1            ? 
_pdbx_validate_rmsd_bond.auth_atom_id_2            CD2 
_pdbx_validate_rmsd_bond.auth_asym_id_2            A 
_pdbx_validate_rmsd_bond.auth_comp_id_2            HIS 
_pdbx_validate_rmsd_bond.auth_seq_id_2             128 
_pdbx_validate_rmsd_bond.PDB_ins_code_2            ? 
_pdbx_validate_rmsd_bond.label_alt_id_2            ? 
_pdbx_validate_rmsd_bond.bond_value                1.295 
_pdbx_validate_rmsd_bond.bond_target_value         1.373 
_pdbx_validate_rmsd_bond.bond_deviation            -0.078 
_pdbx_validate_rmsd_bond.bond_standard_deviation   0.011 
_pdbx_validate_rmsd_bond.linker_flag               N 
# 
loop_
_pdbx_validate_rmsd_angle.id 
_pdbx_validate_rmsd_angle.PDB_model_num 
_pdbx_validate_rmsd_angle.auth_atom_id_1 
_pdbx_validate_rmsd_angle.auth_asym_id_1 
_pdbx_validate_rmsd_angle.auth_comp_id_1 
_pdbx_validate_rmsd_angle.auth_seq_id_1 
_pdbx_validate_rmsd_angle.PDB_ins_code_1 
_pdbx_validate_rmsd_angle.label_alt_id_1 
_pdbx_validate_rmsd_angle.auth_atom_id_2 
_pdbx_validate_rmsd_angle.auth_asym_id_2 
_pdbx_validate_rmsd_angle.auth_comp_id_2 
_pdbx_validate_rmsd_angle.auth_seq_id_2 
_pdbx_validate_rmsd_angle.PDB_ins_code_2 
_pdbx_validate_rmsd_angle.label_alt_id_2 
_pdbx_validate_rmsd_angle.auth_atom_id_3 
_pdbx_validate_rmsd_angle.auth_asym_id_3 
_pdbx_validate_rmsd_angle.auth_comp_id_3 
_pdbx_validate_rmsd_angle.auth_seq_id_3 
_pdbx_validate_rmsd_angle.PDB_ins_code_3 
_pdbx_validate_rmsd_angle.label_alt_id_3 
_pdbx_validate_rmsd_angle.angle_value 
_pdbx_validate_rmsd_angle.angle_target_value 
_pdbx_validate_rmsd_angle.angle_deviation 
_pdbx_validate_rmsd_angle.angle_standard_deviation 
_pdbx_validate_rmsd_angle.linker_flag 
1 1 NE A ARG 47  ? ? CZ A ARG 47  ? ? NH1 A ARG 47  ? ? 123.43 120.30 3.13  0.50 N 
2 1 CA A CYS 101 ? ? CB A CYS 101 ? A SG  A CYS 101 ? A 122.06 114.20 7.86  1.10 N 
3 1 NE A ARG 123 ? B CZ A ARG 123 ? B NH1 A ARG 123 ? B 127.01 120.30 6.71  0.50 N 
4 1 NE A ARG 123 ? B CZ A ARG 123 ? B NH2 A ARG 123 ? B 113.88 120.30 -6.42 0.50 N 
# 
_pdbx_validate_torsion.id              1 
_pdbx_validate_torsion.PDB_model_num   1 
_pdbx_validate_torsion.auth_comp_id    ALA 
_pdbx_validate_torsion.auth_asym_id    A 
_pdbx_validate_torsion.auth_seq_id     31 
_pdbx_validate_torsion.PDB_ins_code    ? 
_pdbx_validate_torsion.label_alt_id    ? 
_pdbx_validate_torsion.phi             77.56 
_pdbx_validate_torsion.psi             -57.23 
# 
_pdbx_validate_peptide_omega.id               1 
_pdbx_validate_peptide_omega.PDB_model_num    1 
_pdbx_validate_peptide_omega.auth_comp_id_1   GLU 
_pdbx_validate_peptide_omega.auth_asym_id_1   A 
_pdbx_validate_peptide_omega.auth_seq_id_1    159 
_pdbx_validate_peptide_omega.PDB_ins_code_1   ? 
_pdbx_validate_peptide_omega.label_alt_id_1   ? 
_pdbx_validate_peptide_omega.auth_comp_id_2   GLY 
_pdbx_validate_peptide_omega.auth_asym_id_2   A 
_pdbx_validate_peptide_omega.auth_seq_id_2    160 
_pdbx_validate_peptide_omega.PDB_ins_code_2   ? 
_pdbx_validate_peptide_omega.label_alt_id_2   ? 
_pdbx_validate_peptide_omega.omega            144.91 
# 
loop_
_chem_comp_atom.comp_id 
_chem_comp_atom.atom_id 
_chem_comp_atom.type_symbol 
_chem_comp_atom.pdbx_aromatic_flag 
_chem_comp_atom.pdbx_stereo_config 
_chem_comp_atom.pdbx_ordinal 
ALA N    N  N N 1   
ALA CA   C  N S 2   
ALA C    C  N N 3   
ALA O    O  N N 4   
ALA CB   C  N N 5   
ALA OXT  O  N N 6   
ALA H    H  N N 7   
ALA H2   H  N N 8   
ALA HA   H  N N 9   
ALA HB1  H  N N 10  
ALA HB2  H  N N 11  
ALA HB3  H  N N 12  
ALA HXT  H  N N 13  
ARG N    N  N N 14  
ARG CA   C  N S 15  
ARG C    C  N N 16  
ARG O    O  N N 17  
ARG CB   C  N N 18  
ARG CG   C  N N 19  
ARG CD   C  N N 20  
ARG NE   N  N N 21  
ARG CZ   C  N N 22  
ARG NH1  N  N N 23  
ARG NH2  N  N N 24  
ARG OXT  O  N N 25  
ARG H    H  N N 26  
ARG H2   H  N N 27  
ARG HA   H  N N 28  
ARG HB2  H  N N 29  
ARG HB3  H  N N 30  
ARG HG2  H  N N 31  
ARG HG3  H  N N 32  
ARG HD2  H  N N 33  
ARG HD3  H  N N 34  
ARG HE   H  N N 35  
ARG HH11 H  N N 36  
ARG HH12 H  N N 37  
ARG HH21 H  N N 38  
ARG HH22 H  N N 39  
ARG HXT  H  N N 40  
ASN N    N  N N 41  
ASN CA   C  N S 42  
ASN C    C  N N 43  
ASN O    O  N N 44  
ASN CB   C  N N 45  
ASN CG   C  N N 46  
ASN OD1  O  N N 47  
ASN ND2  N  N N 48  
ASN OXT  O  N N 49  
ASN H    H  N N 50  
ASN H2   H  N N 51  
ASN HA   H  N N 52  
ASN HB2  H  N N 53  
ASN HB3  H  N N 54  
ASN HD21 H  N N 55  
ASN HD22 H  N N 56  
ASN HXT  H  N N 57  
ASP N    N  N N 58  
ASP CA   C  N S 59  
ASP C    C  N N 60  
ASP O    O  N N 61  
ASP CB   C  N N 62  
ASP CG   C  N N 63  
ASP OD1  O  N N 64  
ASP OD2  O  N N 65  
ASP OXT  O  N N 66  
ASP H    H  N N 67  
ASP H2   H  N N 68  
ASP HA   H  N N 69  
ASP HB2  H  N N 70  
ASP HB3  H  N N 71  
ASP HD2  H  N N 72  
ASP HXT  H  N N 73  
CA  CA   CA N N 74  
CYS N    N  N N 75  
CYS CA   C  N R 76  
CYS C    C  N N 77  
CYS O    O  N N 78  
CYS CB   C  N N 79  
CYS SG   S  N N 80  
CYS OXT  O  N N 81  
CYS H    H  N N 82  
CYS H2   H  N N 83  
CYS HA   H  N N 84  
CYS HB2  H  N N 85  
CYS HB3  H  N N 86  
CYS HG   H  N N 87  
CYS HXT  H  N N 88  
GLN N    N  N N 89  
GLN CA   C  N S 90  
GLN C    C  N N 91  
GLN O    O  N N 92  
GLN CB   C  N N 93  
GLN CG   C  N N 94  
GLN CD   C  N N 95  
GLN OE1  O  N N 96  
GLN NE2  N  N N 97  
GLN OXT  O  N N 98  
GLN H    H  N N 99  
GLN H2   H  N N 100 
GLN HA   H  N N 101 
GLN HB2  H  N N 102 
GLN HB3  H  N N 103 
GLN HG2  H  N N 104 
GLN HG3  H  N N 105 
GLN HE21 H  N N 106 
GLN HE22 H  N N 107 
GLN HXT  H  N N 108 
GLU N    N  N N 109 
GLU CA   C  N S 110 
GLU C    C  N N 111 
GLU O    O  N N 112 
GLU CB   C  N N 113 
GLU CG   C  N N 114 
GLU CD   C  N N 115 
GLU OE1  O  N N 116 
GLU OE2  O  N N 117 
GLU OXT  O  N N 118 
GLU H    H  N N 119 
GLU H2   H  N N 120 
GLU HA   H  N N 121 
GLU HB2  H  N N 122 
GLU HB3  H  N N 123 
GLU HG2  H  N N 124 
GLU HG3  H  N N 125 
GLU HE2  H  N N 126 
GLU HXT  H  N N 127 
GLY N    N  N N 128 
GLY CA   C  N N 129 
GLY C    C  N N 130 
GLY O    O  N N 131 
GLY OXT  O  N N 132 
GLY H    H  N N 133 
GLY H2   H  N N 134 
GLY HA2  H  N N 135 
GLY HA3  H  N N 136 
GLY HXT  H  N N 137 
HIS N    N  N N 138 
HIS CA   C  N S 139 
HIS C    C  N N 140 
HIS O    O  N N 141 
HIS CB   C  N N 142 
HIS CG   C  Y N 143 
HIS ND1  N  Y N 144 
HIS CD2  C  Y N 145 
HIS CE1  C  Y N 146 
HIS NE2  N  Y N 147 
HIS OXT  O  N N 148 
HIS H    H  N N 149 
HIS H2   H  N N 150 
HIS HA   H  N N 151 
HIS HB2  H  N N 152 
HIS HB3  H  N N 153 
HIS HD1  H  N N 154 
HIS HD2  H  N N 155 
HIS HE1  H  N N 156 
HIS HE2  H  N N 157 
HIS HXT  H  N N 158 
HOH O    O  N N 159 
HOH H1   H  N N 160 
HOH H2   H  N N 161 
ILE N    N  N N 162 
ILE CA   C  N S 163 
ILE C    C  N N 164 
ILE O    O  N N 165 
ILE CB   C  N S 166 
ILE CG1  C  N N 167 
ILE CG2  C  N N 168 
ILE CD1  C  N N 169 
ILE OXT  O  N N 170 
ILE H    H  N N 171 
ILE H2   H  N N 172 
ILE HA   H  N N 173 
ILE HB   H  N N 174 
ILE HG12 H  N N 175 
ILE HG13 H  N N 176 
ILE HG21 H  N N 177 
ILE HG22 H  N N 178 
ILE HG23 H  N N 179 
ILE HD11 H  N N 180 
ILE HD12 H  N N 181 
ILE HD13 H  N N 182 
ILE HXT  H  N N 183 
LEU N    N  N N 184 
LEU CA   C  N S 185 
LEU C    C  N N 186 
LEU O    O  N N 187 
LEU CB   C  N N 188 
LEU CG   C  N N 189 
LEU CD1  C  N N 190 
LEU CD2  C  N N 191 
LEU OXT  O  N N 192 
LEU H    H  N N 193 
LEU H2   H  N N 194 
LEU HA   H  N N 195 
LEU HB2  H  N N 196 
LEU HB3  H  N N 197 
LEU HG   H  N N 198 
LEU HD11 H  N N 199 
LEU HD12 H  N N 200 
LEU HD13 H  N N 201 
LEU HD21 H  N N 202 
LEU HD22 H  N N 203 
LEU HD23 H  N N 204 
LEU HXT  H  N N 205 
LYS N    N  N N 206 
LYS CA   C  N S 207 
LYS C    C  N N 208 
LYS O    O  N N 209 
LYS CB   C  N N 210 
LYS CG   C  N N 211 
LYS CD   C  N N 212 
LYS CE   C  N N 213 
LYS NZ   N  N N 214 
LYS OXT  O  N N 215 
LYS H    H  N N 216 
LYS H2   H  N N 217 
LYS HA   H  N N 218 
LYS HB2  H  N N 219 
LYS HB3  H  N N 220 
LYS HG2  H  N N 221 
LYS HG3  H  N N 222 
LYS HD2  H  N N 223 
LYS HD3  H  N N 224 
LYS HE2  H  N N 225 
LYS HE3  H  N N 226 
LYS HZ1  H  N N 227 
LYS HZ2  H  N N 228 
LYS HZ3  H  N N 229 
LYS HXT  H  N N 230 
MET N    N  N N 231 
MET CA   C  N S 232 
MET C    C  N N 233 
MET O    O  N N 234 
MET CB   C  N N 235 
MET CG   C  N N 236 
MET SD   S  N N 237 
MET CE   C  N N 238 
MET OXT  O  N N 239 
MET H    H  N N 240 
MET H2   H  N N 241 
MET HA   H  N N 242 
MET HB2  H  N N 243 
MET HB3  H  N N 244 
MET HG2  H  N N 245 
MET HG3  H  N N 246 
MET HE1  H  N N 247 
MET HE2  H  N N 248 
MET HE3  H  N N 249 
MET HXT  H  N N 250 
PHE N    N  N N 251 
PHE CA   C  N S 252 
PHE C    C  N N 253 
PHE O    O  N N 254 
PHE CB   C  N N 255 
PHE CG   C  Y N 256 
PHE CD1  C  Y N 257 
PHE CD2  C  Y N 258 
PHE CE1  C  Y N 259 
PHE CE2  C  Y N 260 
PHE CZ   C  Y N 261 
PHE OXT  O  N N 262 
PHE H    H  N N 263 
PHE H2   H  N N 264 
PHE HA   H  N N 265 
PHE HB2  H  N N 266 
PHE HB3  H  N N 267 
PHE HD1  H  N N 268 
PHE HD2  H  N N 269 
PHE HE1  H  N N 270 
PHE HE2  H  N N 271 
PHE HZ   H  N N 272 
PHE HXT  H  N N 273 
PRO N    N  N N 274 
PRO CA   C  N S 275 
PRO C    C  N N 276 
PRO O    O  N N 277 
PRO CB   C  N N 278 
PRO CG   C  N N 279 
PRO CD   C  N N 280 
PRO OXT  O  N N 281 
PRO H    H  N N 282 
PRO HA   H  N N 283 
PRO HB2  H  N N 284 
PRO HB3  H  N N 285 
PRO HG2  H  N N 286 
PRO HG3  H  N N 287 
PRO HD2  H  N N 288 
PRO HD3  H  N N 289 
PRO HXT  H  N N 290 
SER N    N  N N 291 
SER CA   C  N S 292 
SER C    C  N N 293 
SER O    O  N N 294 
SER CB   C  N N 295 
SER OG   O  N N 296 
SER OXT  O  N N 297 
SER H    H  N N 298 
SER H2   H  N N 299 
SER HA   H  N N 300 
SER HB2  H  N N 301 
SER HB3  H  N N 302 
SER HG   H  N N 303 
SER HXT  H  N N 304 
SO4 S    S  N N 305 
SO4 O1   O  N N 306 
SO4 O2   O  N N 307 
SO4 O3   O  N N 308 
SO4 O4   O  N N 309 
THR N    N  N N 310 
THR CA   C  N S 311 
THR C    C  N N 312 
THR O    O  N N 313 
THR CB   C  N R 314 
THR OG1  O  N N 315 
THR CG2  C  N N 316 
THR OXT  O  N N 317 
THR H    H  N N 318 
THR H2   H  N N 319 
THR HA   H  N N 320 
THR HB   H  N N 321 
THR HG1  H  N N 322 
THR HG21 H  N N 323 
THR HG22 H  N N 324 
THR HG23 H  N N 325 
THR HXT  H  N N 326 
VAL N    N  N N 327 
VAL CA   C  N S 328 
VAL C    C  N N 329 
VAL O    O  N N 330 
VAL CB   C  N N 331 
VAL CG1  C  N N 332 
VAL CG2  C  N N 333 
VAL OXT  O  N N 334 
VAL H    H  N N 335 
VAL H2   H  N N 336 
VAL HA   H  N N 337 
VAL HB   H  N N 338 
VAL HG11 H  N N 339 
VAL HG12 H  N N 340 
VAL HG13 H  N N 341 
VAL HG21 H  N N 342 
VAL HG22 H  N N 343 
VAL HG23 H  N N 344 
VAL HXT  H  N N 345 
# 
loop_
_chem_comp_bond.comp_id 
_chem_comp_bond.atom_id_1 
_chem_comp_bond.atom_id_2 
_chem_comp_bond.value_order 
_chem_comp_bond.pdbx_aromatic_flag 
_chem_comp_bond.pdbx_stereo_config 
_chem_comp_bond.pdbx_ordinal 
ALA N   CA   sing N N 1   
ALA N   H    sing N N 2   
ALA N   H2   sing N N 3   
ALA CA  C    sing N N 4   
ALA CA  CB   sing N N 5   
ALA CA  HA   sing N N 6   
ALA C   O    doub N N 7   
ALA C   OXT  sing N N 8   
ALA CB  HB1  sing N N 9   
ALA CB  HB2  sing N N 10  
ALA CB  HB3  sing N N 11  
ALA OXT HXT  sing N N 12  
ARG N   CA   sing N N 13  
ARG N   H    sing N N 14  
ARG N   H2   sing N N 15  
ARG CA  C    sing N N 16  
ARG CA  CB   sing N N 17  
ARG CA  HA   sing N N 18  
ARG C   O    doub N N 19  
ARG C   OXT  sing N N 20  
ARG CB  CG   sing N N 21  
ARG CB  HB2  sing N N 22  
ARG CB  HB3  sing N N 23  
ARG CG  CD   sing N N 24  
ARG CG  HG2  sing N N 25  
ARG CG  HG3  sing N N 26  
ARG CD  NE   sing N N 27  
ARG CD  HD2  sing N N 28  
ARG CD  HD3  sing N N 29  
ARG NE  CZ   sing N N 30  
ARG NE  HE   sing N N 31  
ARG CZ  NH1  sing N N 32  
ARG CZ  NH2  doub N N 33  
ARG NH1 HH11 sing N N 34  
ARG NH1 HH12 sing N N 35  
ARG NH2 HH21 sing N N 36  
ARG NH2 HH22 sing N N 37  
ARG OXT HXT  sing N N 38  
ASN N   CA   sing N N 39  
ASN N   H    sing N N 40  
ASN N   H2   sing N N 41  
ASN CA  C    sing N N 42  
ASN CA  CB   sing N N 43  
ASN CA  HA   sing N N 44  
ASN C   O    doub N N 45  
ASN C   OXT  sing N N 46  
ASN CB  CG   sing N N 47  
ASN CB  HB2  sing N N 48  
ASN CB  HB3  sing N N 49  
ASN CG  OD1  doub N N 50  
ASN CG  ND2  sing N N 51  
ASN ND2 HD21 sing N N 52  
ASN ND2 HD22 sing N N 53  
ASN OXT HXT  sing N N 54  
ASP N   CA   sing N N 55  
ASP N   H    sing N N 56  
ASP N   H2   sing N N 57  
ASP CA  C    sing N N 58  
ASP CA  CB   sing N N 59  
ASP CA  HA   sing N N 60  
ASP C   O    doub N N 61  
ASP C   OXT  sing N N 62  
ASP CB  CG   sing N N 63  
ASP CB  HB2  sing N N 64  
ASP CB  HB3  sing N N 65  
ASP CG  OD1  doub N N 66  
ASP CG  OD2  sing N N 67  
ASP OD2 HD2  sing N N 68  
ASP OXT HXT  sing N N 69  
CYS N   CA   sing N N 70  
CYS N   H    sing N N 71  
CYS N   H2   sing N N 72  
CYS CA  C    sing N N 73  
CYS CA  CB   sing N N 74  
CYS CA  HA   sing N N 75  
CYS C   O    doub N N 76  
CYS C   OXT  sing N N 77  
CYS CB  SG   sing N N 78  
CYS CB  HB2  sing N N 79  
CYS CB  HB3  sing N N 80  
CYS SG  HG   sing N N 81  
CYS OXT HXT  sing N N 82  
GLN N   CA   sing N N 83  
GLN N   H    sing N N 84  
GLN N   H2   sing N N 85  
GLN CA  C    sing N N 86  
GLN CA  CB   sing N N 87  
GLN CA  HA   sing N N 88  
GLN C   O    doub N N 89  
GLN C   OXT  sing N N 90  
GLN CB  CG   sing N N 91  
GLN CB  HB2  sing N N 92  
GLN CB  HB3  sing N N 93  
GLN CG  CD   sing N N 94  
GLN CG  HG2  sing N N 95  
GLN CG  HG3  sing N N 96  
GLN CD  OE1  doub N N 97  
GLN CD  NE2  sing N N 98  
GLN NE2 HE21 sing N N 99  
GLN NE2 HE22 sing N N 100 
GLN OXT HXT  sing N N 101 
GLU N   CA   sing N N 102 
GLU N   H    sing N N 103 
GLU N   H2   sing N N 104 
GLU CA  C    sing N N 105 
GLU CA  CB   sing N N 106 
GLU CA  HA   sing N N 107 
GLU C   O    doub N N 108 
GLU C   OXT  sing N N 109 
GLU CB  CG   sing N N 110 
GLU CB  HB2  sing N N 111 
GLU CB  HB3  sing N N 112 
GLU CG  CD   sing N N 113 
GLU CG  HG2  sing N N 114 
GLU CG  HG3  sing N N 115 
GLU CD  OE1  doub N N 116 
GLU CD  OE2  sing N N 117 
GLU OE2 HE2  sing N N 118 
GLU OXT HXT  sing N N 119 
GLY N   CA   sing N N 120 
GLY N   H    sing N N 121 
GLY N   H2   sing N N 122 
GLY CA  C    sing N N 123 
GLY CA  HA2  sing N N 124 
GLY CA  HA3  sing N N 125 
GLY C   O    doub N N 126 
GLY C   OXT  sing N N 127 
GLY OXT HXT  sing N N 128 
HIS N   CA   sing N N 129 
HIS N   H    sing N N 130 
HIS N   H2   sing N N 131 
HIS CA  C    sing N N 132 
HIS CA  CB   sing N N 133 
HIS CA  HA   sing N N 134 
HIS C   O    doub N N 135 
HIS C   OXT  sing N N 136 
HIS CB  CG   sing N N 137 
HIS CB  HB2  sing N N 138 
HIS CB  HB3  sing N N 139 
HIS CG  ND1  sing Y N 140 
HIS CG  CD2  doub Y N 141 
HIS ND1 CE1  doub Y N 142 
HIS ND1 HD1  sing N N 143 
HIS CD2 NE2  sing Y N 144 
HIS CD2 HD2  sing N N 145 
HIS CE1 NE2  sing Y N 146 
HIS CE1 HE1  sing N N 147 
HIS NE2 HE2  sing N N 148 
HIS OXT HXT  sing N N 149 
HOH O   H1   sing N N 150 
HOH O   H2   sing N N 151 
ILE N   CA   sing N N 152 
ILE N   H    sing N N 153 
ILE N   H2   sing N N 154 
ILE CA  C    sing N N 155 
ILE CA  CB   sing N N 156 
ILE CA  HA   sing N N 157 
ILE C   O    doub N N 158 
ILE C   OXT  sing N N 159 
ILE CB  CG1  sing N N 160 
ILE CB  CG2  sing N N 161 
ILE CB  HB   sing N N 162 
ILE CG1 CD1  sing N N 163 
ILE CG1 HG12 sing N N 164 
ILE CG1 HG13 sing N N 165 
ILE CG2 HG21 sing N N 166 
ILE CG2 HG22 sing N N 167 
ILE CG2 HG23 sing N N 168 
ILE CD1 HD11 sing N N 169 
ILE CD1 HD12 sing N N 170 
ILE CD1 HD13 sing N N 171 
ILE OXT HXT  sing N N 172 
LEU N   CA   sing N N 173 
LEU N   H    sing N N 174 
LEU N   H2   sing N N 175 
LEU CA  C    sing N N 176 
LEU CA  CB   sing N N 177 
LEU CA  HA   sing N N 178 
LEU C   O    doub N N 179 
LEU C   OXT  sing N N 180 
LEU CB  CG   sing N N 181 
LEU CB  HB2  sing N N 182 
LEU CB  HB3  sing N N 183 
LEU CG  CD1  sing N N 184 
LEU CG  CD2  sing N N 185 
LEU CG  HG   sing N N 186 
LEU CD1 HD11 sing N N 187 
LEU CD1 HD12 sing N N 188 
LEU CD1 HD13 sing N N 189 
LEU CD2 HD21 sing N N 190 
LEU CD2 HD22 sing N N 191 
LEU CD2 HD23 sing N N 192 
LEU OXT HXT  sing N N 193 
LYS N   CA   sing N N 194 
LYS N   H    sing N N 195 
LYS N   H2   sing N N 196 
LYS CA  C    sing N N 197 
LYS CA  CB   sing N N 198 
LYS CA  HA   sing N N 199 
LYS C   O    doub N N 200 
LYS C   OXT  sing N N 201 
LYS CB  CG   sing N N 202 
LYS CB  HB2  sing N N 203 
LYS CB  HB3  sing N N 204 
LYS CG  CD   sing N N 205 
LYS CG  HG2  sing N N 206 
LYS CG  HG3  sing N N 207 
LYS CD  CE   sing N N 208 
LYS CD  HD2  sing N N 209 
LYS CD  HD3  sing N N 210 
LYS CE  NZ   sing N N 211 
LYS CE  HE2  sing N N 212 
LYS CE  HE3  sing N N 213 
LYS NZ  HZ1  sing N N 214 
LYS NZ  HZ2  sing N N 215 
LYS NZ  HZ3  sing N N 216 
LYS OXT HXT  sing N N 217 
MET N   CA   sing N N 218 
MET N   H    sing N N 219 
MET N   H2   sing N N 220 
MET CA  C    sing N N 221 
MET CA  CB   sing N N 222 
MET CA  HA   sing N N 223 
MET C   O    doub N N 224 
MET C   OXT  sing N N 225 
MET CB  CG   sing N N 226 
MET CB  HB2  sing N N 227 
MET CB  HB3  sing N N 228 
MET CG  SD   sing N N 229 
MET CG  HG2  sing N N 230 
MET CG  HG3  sing N N 231 
MET SD  CE   sing N N 232 
MET CE  HE1  sing N N 233 
MET CE  HE2  sing N N 234 
MET CE  HE3  sing N N 235 
MET OXT HXT  sing N N 236 
PHE N   CA   sing N N 237 
PHE N   H    sing N N 238 
PHE N   H2   sing N N 239 
PHE CA  C    sing N N 240 
PHE CA  CB   sing N N 241 
PHE CA  HA   sing N N 242 
PHE C   O    doub N N 243 
PHE C   OXT  sing N N 244 
PHE CB  CG   sing N N 245 
PHE CB  HB2  sing N N 246 
PHE CB  HB3  sing N N 247 
PHE CG  CD1  doub Y N 248 
PHE CG  CD2  sing Y N 249 
PHE CD1 CE1  sing Y N 250 
PHE CD1 HD1  sing N N 251 
PHE CD2 CE2  doub Y N 252 
PHE CD2 HD2  sing N N 253 
PHE CE1 CZ   doub Y N 254 
PHE CE1 HE1  sing N N 255 
PHE CE2 CZ   sing Y N 256 
PHE CE2 HE2  sing N N 257 
PHE CZ  HZ   sing N N 258 
PHE OXT HXT  sing N N 259 
PRO N   CA   sing N N 260 
PRO N   CD   sing N N 261 
PRO N   H    sing N N 262 
PRO CA  C    sing N N 263 
PRO CA  CB   sing N N 264 
PRO CA  HA   sing N N 265 
PRO C   O    doub N N 266 
PRO C   OXT  sing N N 267 
PRO CB  CG   sing N N 268 
PRO CB  HB2  sing N N 269 
PRO CB  HB3  sing N N 270 
PRO CG  CD   sing N N 271 
PRO CG  HG2  sing N N 272 
PRO CG  HG3  sing N N 273 
PRO CD  HD2  sing N N 274 
PRO CD  HD3  sing N N 275 
PRO OXT HXT  sing N N 276 
SER N   CA   sing N N 277 
SER N   H    sing N N 278 
SER N   H2   sing N N 279 
SER CA  C    sing N N 280 
SER CA  CB   sing N N 281 
SER CA  HA   sing N N 282 
SER C   O    doub N N 283 
SER C   OXT  sing N N 284 
SER CB  OG   sing N N 285 
SER CB  HB2  sing N N 286 
SER CB  HB3  sing N N 287 
SER OG  HG   sing N N 288 
SER OXT HXT  sing N N 289 
SO4 S   O1   doub N N 290 
SO4 S   O2   doub N N 291 
SO4 S   O3   sing N N 292 
SO4 S   O4   sing N N 293 
THR N   CA   sing N N 294 
THR N   H    sing N N 295 
THR N   H2   sing N N 296 
THR CA  C    sing N N 297 
THR CA  CB   sing N N 298 
THR CA  HA   sing N N 299 
THR C   O    doub N N 300 
THR C   OXT  sing N N 301 
THR CB  OG1  sing N N 302 
THR CB  CG2  sing N N 303 
THR CB  HB   sing N N 304 
THR OG1 HG1  sing N N 305 
THR CG2 HG21 sing N N 306 
THR CG2 HG22 sing N N 307 
THR CG2 HG23 sing N N 308 
THR OXT HXT  sing N N 309 
VAL N   CA   sing N N 310 
VAL N   H    sing N N 311 
VAL N   H2   sing N N 312 
VAL CA  C    sing N N 313 
VAL CA  CB   sing N N 314 
VAL CA  HA   sing N N 315 
VAL C   O    doub N N 316 
VAL C   OXT  sing N N 317 
VAL CB  CG1  sing N N 318 
VAL CB  CG2  sing N N 319 
VAL CB  HB   sing N N 320 
VAL CG1 HG11 sing N N 321 
VAL CG1 HG12 sing N N 322 
VAL CG1 HG13 sing N N 323 
VAL CG2 HG21 sing N N 324 
VAL CG2 HG22 sing N N 325 
VAL CG2 HG23 sing N N 326 
VAL OXT HXT  sing N N 327 
# 
_atom_sites.entry_id                    1TOP 
_atom_sites.fract_transf_matrix[1][1]   0.00620034 
_atom_sites.fract_transf_matrix[1][2]   0.01579056 
_atom_sites.fract_transf_matrix[1][3]   -0.00345403 
_atom_sites.fract_transf_matrix[2][1]   -0.00556200 
_atom_sites.fract_transf_matrix[2][2]   0.01365765 
_atom_sites.fract_transf_matrix[2][3]   0.00906852 
_atom_sites.fract_transf_matrix[3][1]   0.01206290 
_atom_sites.fract_transf_matrix[3][2]   -0.00234557 
_atom_sites.fract_transf_matrix[3][3]   0.01093109 
_atom_sites.fract_transf_vector[1]      0.312860 
_atom_sites.fract_transf_vector[2]      0.683724 
_atom_sites.fract_transf_vector[3]      0.135171 
# 
_atom_sites_footnote.id     1 
_atom_sites_footnote.text   
'GLU     159  - GLY     160     OMEGA ANGLE =   144.906 PEPTIDE BOND DEVIATES SIGNIFICANTLY FROM TRANS CONFORMATION' 
# 
loop_
_atom_type.symbol 
C  
CA 
N  
O  
S  
# 
loop_
_atom_site.group_PDB 
_atom_site.id 
_atom_site.type_symbol 
_atom_site.label_atom_id 
_atom_site.label_alt_id 
_atom_site.label_comp_id 
_atom_site.label_asym_id 
_atom_site.label_entity_id 
_atom_site.label_seq_id 
_atom_site.pdbx_PDB_ins_code 
_atom_site.Cartn_x 
_atom_site.Cartn_y 
_atom_site.Cartn_z 
_atom_site.occupancy 
_atom_site.B_iso_or_equiv 
_atom_site.pdbx_formal_charge 
_atom_site.auth_seq_id 
_atom_site.auth_comp_id 
_atom_site.auth_asym_id 
_atom_site.auth_atom_id 
_atom_site.pdbx_PDB_model_num 
ATOM   1    N  N   . ALA A 1 1   ? 3.345   -14.060 -15.884 1.00 59.16  ? 1   ALA A N   1 
ATOM   2    C  CA  . ALA A 1 1   ? 4.386   -13.050 -15.929 1.00 96.80  ? 1   ALA A CA  1 
ATOM   3    C  C   . ALA A 1 1   ? 5.727   -13.755 -15.717 1.00 55.00  ? 1   ALA A C   1 
ATOM   4    O  O   . ALA A 1 1   ? 5.913   -14.348 -14.653 1.00 48.53  ? 1   ALA A O   1 
ATOM   5    C  CB  . ALA A 1 1   ? 4.223   -12.015 -14.789 1.00 41.62  ? 1   ALA A CB  1 
ATOM   6    N  N   . SER A 1 2   ? 6.615   -13.785 -16.715 1.00 55.87  ? 2   SER A N   1 
ATOM   7    C  CA  . SER A 1 2   ? 7.998   -14.168 -16.513 1.00 53.66  ? 2   SER A CA  1 
ATOM   8    C  C   . SER A 1 2   ? 8.709   -13.153 -15.612 1.00 58.21  ? 2   SER A C   1 
ATOM   9    O  O   . SER A 1 2   ? 8.151   -12.086 -15.325 1.00 36.15  ? 2   SER A O   1 
ATOM   10   C  CB  . SER A 1 2   ? 8.690   -14.215 -17.877 1.00 45.33  ? 2   SER A CB  1 
ATOM   11   O  OG  . SER A 1 2   ? 8.678   -12.983 -18.594 1.00 52.18  ? 2   SER A OG  1 
ATOM   12   N  N   . MET A 1 3   ? 9.929   -13.453 -15.159 1.00 35.16  ? 3   MET A N   1 
ATOM   13   C  CA  . MET A 1 3   ? 10.754  -12.455 -14.522 1.00 39.57  ? 3   MET A CA  1 
ATOM   14   C  C   . MET A 1 3   ? 10.944  -11.200 -15.351 1.00 33.67  ? 3   MET A C   1 
ATOM   15   O  O   . MET A 1 3   ? 10.836  -10.091 -14.840 1.00 24.31  ? 3   MET A O   1 
ATOM   16   C  CB  . MET A 1 3   ? 12.105  -12.999 -14.123 1.00 39.05  ? 3   MET A CB  1 
ATOM   17   C  CG  . MET A 1 3   ? 12.211  -12.940 -12.618 1.00 74.46  ? 3   MET A CG  1 
ATOM   18   S  SD  . MET A 1 3   ? 11.596  -11.399 -11.849 1.00 78.80  ? 3   MET A SD  1 
ATOM   19   C  CE  . MET A 1 3   ? 11.111  -12.041 -10.257 1.00 60.76  ? 3   MET A CE  1 
ATOM   20   N  N   . THR A 1 4   ? 11.182  -11.346 -16.638 1.00 25.52  ? 4   THR A N   1 
ATOM   21   C  CA  . THR A 1 4   ? 11.320  -10.203 -17.496 1.00 23.69  ? 4   THR A CA  1 
ATOM   22   C  C   . THR A 1 4   ? 10.010  -9.454  -17.603 1.00 28.38  ? 4   THR A C   1 
ATOM   23   O  O   . THR A 1 4   ? 10.007  -8.222  -17.536 1.00 32.99  ? 4   THR A O   1 
ATOM   24   C  CB  . THR A 1 4   ? 11.826  -10.656 -18.857 1.00 30.65  ? 4   THR A CB  1 
ATOM   25   O  OG1 . THR A 1 4   ? 11.057  -11.821 -19.167 1.00 83.49  ? 4   THR A OG1 1 
ATOM   26   C  CG2 . THR A 1 4   ? 13.321  -10.939 -18.824 1.00 51.04  ? 4   THR A CG2 1 
ATOM   27   N  N   . ASP A 1 5   ? 8.883   -10.156 -17.691 1.00 22.47  ? 5   ASP A N   1 
ATOM   28   C  CA  . ASP A 1 5   ? 7.598   -9.493  -17.631 1.00 21.91  ? 5   ASP A CA  1 
ATOM   29   C  C   . ASP A 1 5   ? 7.404   -8.708  -16.352 1.00 20.32  ? 5   ASP A C   1 
ATOM   30   O  O   . ASP A 1 5   ? 7.022   -7.533  -16.388 1.00 22.28  ? 5   ASP A O   1 
ATOM   31   C  CB  . ASP A 1 5   ? 6.489   -10.493 -17.774 1.00 36.13  ? 5   ASP A CB  1 
ATOM   32   C  CG  . ASP A 1 5   ? 6.399   -11.157 -19.150 1.00 58.46  ? 5   ASP A CG  1 
ATOM   33   O  OD1 . ASP A 1 5   ? 6.961   -10.658 -20.130 1.00 45.02  ? 5   ASP A OD1 1 
ATOM   34   O  OD2 . ASP A 1 5   ? 5.756   -12.201 -19.240 1.00 57.63  ? 5   ASP A OD2 1 
ATOM   35   N  N   . GLN A 1 6   ? 7.753   -9.312  -15.207 1.00 23.06  ? 6   GLN A N   1 
ATOM   36   C  CA  . GLN A 1 6   ? 7.688   -8.640  -13.902 1.00 24.56  ? 6   GLN A CA  1 
ATOM   37   C  C   . GLN A 1 6   ? 8.630   -7.437  -13.835 1.00 18.11  ? 6   GLN A C   1 
ATOM   38   O  O   . GLN A 1 6   ? 8.260   -6.387  -13.317 1.00 17.65  ? 6   GLN A O   1 
ATOM   39   C  CB  . GLN A 1 6   ? 8.071   -9.563  -12.756 1.00 26.31  ? 6   GLN A CB  1 
ATOM   40   C  CG  . GLN A 1 6   ? 7.073   -10.638 -12.394 1.00 26.59  ? 6   GLN A CG  1 
ATOM   41   C  CD  . GLN A 1 6   ? 7.616   -11.453 -11.229 1.00 33.59  ? 6   GLN A CD  1 
ATOM   42   O  OE1 . GLN A 1 6   ? 7.799   -10.979 -10.110 1.00 36.77  ? 6   GLN A OE1 1 
ATOM   43   N  NE2 . GLN A 1 6   ? 7.981   -12.699 -11.443 1.00 33.25  ? 6   GLN A NE2 1 
ATOM   44   N  N   . GLN A 1 7   ? 9.842   -7.557  -14.364 1.00 14.91  ? 7   GLN A N   1 
ATOM   45   C  CA  . GLN A 1 7   ? 10.778  -6.455  -14.472 1.00 19.33  ? 7   GLN A CA  1 
ATOM   46   C  C   . GLN A 1 7   ? 10.222  -5.334  -15.373 1.00 18.75  ? 7   GLN A C   1 
ATOM   47   O  O   . GLN A 1 7   ? 10.319  -4.160  -14.992 1.00 20.74  ? 7   GLN A O   1 
ATOM   48   C  CB  . GLN A 1 7   ? 12.115  -6.983  -14.989 1.00 13.10  ? 7   GLN A CB  1 
ATOM   49   C  CG  . GLN A 1 7   ? 12.812  -7.895  -13.985 1.00 19.92  ? 7   GLN A CG  1 
ATOM   50   C  CD  . GLN A 1 7   ? 14.036  -8.549  -14.583 1.00 26.08  ? 7   GLN A CD  1 
ATOM   51   O  OE1 . GLN A 1 7   ? 14.452  -8.246  -15.701 1.00 20.11  ? 7   GLN A OE1 1 
ATOM   52   N  NE2 . GLN A 1 7   ? 14.669  -9.466  -13.885 1.00 16.96  ? 7   GLN A NE2 1 
ATOM   53   N  N   . ALA A 1 8   ? 9.576   -5.604  -16.521 1.00 19.49  ? 8   ALA A N   1 
ATOM   54   C  CA  . ALA A 1 8   ? 8.988   -4.566  -17.378 1.00 21.92  ? 8   ALA A CA  1 
ATOM   55   C  C   . ALA A 1 8   ? 7.827   -3.863  -16.698 1.00 20.95  ? 8   ALA A C   1 
ATOM   56   O  O   . ALA A 1 8   ? 7.637   -2.651  -16.820 1.00 20.18  ? 8   ALA A O   1 
ATOM   57   C  CB  . ALA A 1 8   ? 8.450   -5.170  -18.668 1.00 21.30  ? 8   ALA A CB  1 
ATOM   58   N  N   . GLU A 1 9   ? 7.016   -4.597  -15.946 1.00 15.95  ? 9   GLU A N   1 
ATOM   59   C  CA  . GLU A 1 9   ? 5.948   -3.989  -15.157 1.00 21.65  ? 9   GLU A CA  1 
ATOM   60   C  C   . GLU A 1 9   ? 6.488   -3.170  -14.002 1.00 15.03  ? 9   GLU A C   1 
ATOM   61   O  O   . GLU A 1 9   ? 5.939   -2.112  -13.707 1.00 18.70  ? 9   GLU A O   1 
ATOM   62   C  CB  . GLU A 1 9   ? 4.982   -5.018  -14.595 1.00 26.14  ? 9   GLU A CB  1 
ATOM   63   C  CG  . GLU A 1 9   ? 4.317   -5.716  -15.774 1.00 69.13  ? 9   GLU A CG  1 
ATOM   64   C  CD  . GLU A 1 9   ? 3.310   -6.792  -15.405 1.00 91.80  ? 9   GLU A CD  1 
ATOM   65   O  OE1 . GLU A 1 9   ? 2.154   -6.433  -15.154 1.00 89.00  ? 9   GLU A OE1 1 
ATOM   66   O  OE2 . GLU A 1 9   ? 3.686   -7.970  -15.383 1.00 86.00  ? 9   GLU A OE2 1 
ATOM   67   N  N   . ALA A 1 10  ? 7.568   -3.609  -13.345 1.00 17.12  ? 10  ALA A N   1 
ATOM   68   C  CA  . ALA A 1 10  ? 8.215   -2.850  -12.267 1.00 21.94  ? 10  ALA A CA  1 
ATOM   69   C  C   . ALA A 1 10  ? 8.743   -1.553  -12.823 1.00 21.03  ? 10  ALA A C   1 
ATOM   70   O  O   . ALA A 1 10  ? 8.412   -0.490  -12.294 1.00 16.29  ? 10  ALA A O   1 
ATOM   71   C  CB  . ALA A 1 10  ? 9.387   -3.582  -11.625 1.00 16.88  ? 10  ALA A CB  1 
ATOM   72   N  N   . ARG A 1 11  ? 9.455   -1.567  -13.950 1.00 11.75  ? 11  ARG A N   1 
ATOM   73   C  CA  . ARG A 1 11  ? 9.837   -0.312  -14.589 1.00 13.90  ? 11  ARG A CA  1 
ATOM   74   C  C   . ARG A 1 11  ? 8.678   0.604   -14.998 1.00 20.34  ? 11  ARG A C   1 
ATOM   75   O  O   . ARG A 1 11  ? 8.767   1.830   -14.847 1.00 19.70  ? 11  ARG A O   1 
ATOM   76   C  CB  . ARG A 1 11  ? 10.736  -0.546  -15.781 1.00 17.68  ? 11  ARG A CB  1 
ATOM   77   C  CG  . ARG A 1 11  ? 12.123  -0.950  -15.336 1.00 17.93  ? 11  ARG A CG  1 
ATOM   78   C  CD  . ARG A 1 11  ? 13.050  -0.815  -16.541 1.00 18.23  ? 11  ARG A CD  1 
ATOM   79   N  NE  . ARG A 1 11  ? 14.434  -0.992  -16.127 1.00 19.11  ? 11  ARG A NE  1 
ATOM   80   C  CZ  . ARG A 1 11  ? 15.269  0.038   -15.923 1.00 20.86  ? 11  ARG A CZ  1 
ATOM   81   N  NH1 . ARG A 1 11  ? 14.921  1.290   -16.289 1.00 12.60  ? 11  ARG A NH1 1 
ATOM   82   N  NH2 . ARG A 1 11  ? 16.439  -0.191  -15.296 1.00 14.22  ? 11  ARG A NH2 1 
ATOM   83   N  N   . ALA A 1 12  ? 7.553   0.069   -15.483 1.00 20.08  ? 12  ALA A N   1 
ATOM   84   C  CA  . ALA A 1 12  ? 6.433   0.906   -15.924 1.00 24.35  ? 12  ALA A CA  1 
ATOM   85   C  C   . ALA A 1 12  ? 5.684   1.575   -14.760 1.00 29.85  ? 12  ALA A C   1 
ATOM   86   O  O   . ALA A 1 12  ? 5.037   2.618   -14.916 1.00 21.96  ? 12  ALA A O   1 
ATOM   87   C  CB  . ALA A 1 12  ? 5.467   0.017   -16.697 1.00 18.96  ? 12  ALA A CB  1 
ATOM   88   N  N   . PHE A 1 13  ? 5.777   0.979   -13.558 1.00 18.14  ? 13  PHE A N   1 
ATOM   89   C  CA  . PHE A 1 13  ? 5.159   1.487   -12.337 1.00 14.54  ? 13  PHE A CA  1 
ATOM   90   C  C   . PHE A 1 13  ? 5.840   2.715   -11.759 1.00 12.41  ? 13  PHE A C   1 
ATOM   91   O  O   . PHE A 1 13  ? 5.240   3.453   -10.963 1.00 12.68  ? 13  PHE A O   1 
ATOM   92   C  CB  . PHE A 1 13  ? 5.128   0.354   -11.312 1.00 13.24  ? 13  PHE A CB  1 
ATOM   93   C  CG  . PHE A 1 13  ? 4.319   0.610   -10.049 1.00 15.88  ? 13  PHE A CG  1 
ATOM   94   C  CD1 . PHE A 1 13  ? 4.937   1.165   -8.935  1.00 18.47  ? 13  PHE A CD1 1 
ATOM   95   C  CD2 . PHE A 1 13  ? 2.978   0.245   -10.001 1.00 14.23  ? 13  PHE A CD2 1 
ATOM   96   C  CE1 . PHE A 1 13  ? 4.190   1.358   -7.792  1.00 15.62  ? 13  PHE A CE1 1 
ATOM   97   C  CE2 . PHE A 1 13  ? 2.252   0.447   -8.846  1.00 12.28  ? 13  PHE A CE2 1 
ATOM   98   C  CZ  . PHE A 1 13  ? 2.854   1.013   -7.751  1.00 12.49  ? 13  PHE A CZ  1 
ATOM   99   N  N   . LEU A 1 14  ? 7.098   2.952   -12.134 1.00 9.45   ? 14  LEU A N   1 
ATOM   100  C  CA  . LEU A 1 14  ? 7.919   3.978   -11.514 1.00 14.68  ? 14  LEU A CA  1 
ATOM   101  C  C   . LEU A 1 14  ? 8.278   5.051   -12.525 1.00 13.48  ? 14  LEU A C   1 
ATOM   102  O  O   . LEU A 1 14  ? 8.383   4.771   -13.724 1.00 13.33  ? 14  LEU A O   1 
ATOM   103  C  CB  . LEU A 1 14  ? 9.214   3.363   -10.976 1.00 14.23  ? 14  LEU A CB  1 
ATOM   104  C  CG  . LEU A 1 14  ? 9.119   2.241   -9.944  1.00 13.14  ? 14  LEU A CG  1 
ATOM   105  C  CD1 . LEU A 1 14  ? 10.486  1.586   -9.703  1.00 12.54  ? 14  LEU A CD1 1 
ATOM   106  C  CD2 . LEU A 1 14  ? 8.505   2.803   -8.673  1.00 12.39  ? 14  LEU A CD2 1 
ATOM   107  N  N   . SER A 1 15  ? 8.429   6.321   -12.114 1.00 12.10  ? 15  SER A N   1 
ATOM   108  C  CA  . SER A 1 15  ? 8.862   7.343   -13.073 1.00 16.46  ? 15  SER A CA  1 
ATOM   109  C  C   . SER A 1 15  ? 10.356  7.144   -13.283 1.00 16.97  ? 15  SER A C   1 
ATOM   110  O  O   . SER A 1 15  ? 11.039  6.635   -12.378 1.00 19.36  ? 15  SER A O   1 
ATOM   111  C  CB  . SER A 1 15  ? 8.614   8.754   -12.559 1.00 14.08  ? 15  SER A CB  1 
ATOM   112  O  OG  . SER A 1 15  ? 9.314   8.877   -11.322 1.00 23.29  ? 15  SER A OG  1 
ATOM   113  N  N   . GLU A 1 16  ? 10.892  7.565   -14.416 1.00 14.10  ? 16  GLU A N   1 
ATOM   114  C  CA  . GLU A 1 16  ? 12.291  7.347   -14.685 1.00 14.35  ? 16  GLU A CA  1 
ATOM   115  C  C   . GLU A 1 16  ? 13.235  8.032   -13.685 1.00 15.31  ? 16  GLU A C   1 
ATOM   116  O  O   . GLU A 1 16  ? 14.262  7.462   -13.289 1.00 15.26  ? 16  GLU A O   1 
ATOM   117  C  CB  . GLU A 1 16  ? 12.583  7.700   -16.117 1.00 13.26  ? 16  GLU A CB  1 
ATOM   118  C  CG  . GLU A 1 16  ? 14.054  7.513   -16.521 1.00 16.46  ? 16  GLU A CG  1 
ATOM   119  C  CD  . GLU A 1 16  ? 14.668  6.133   -16.340 1.00 15.12  ? 16  GLU A CD  1 
ATOM   120  O  OE1 . GLU A 1 16  ? 14.020  5.120   -16.599 1.00 20.74  ? 16  GLU A OE1 1 
ATOM   121  O  OE2 . GLU A 1 16  ? 15.816  6.086   -15.918 1.00 23.74  ? 16  GLU A OE2 1 
ATOM   122  N  N   . GLU A 1 17  ? 12.893  9.214   -13.168 1.00 10.54  ? 17  GLU A N   1 
ATOM   123  C  CA  . GLU A 1 17  ? 13.753  9.865   -12.177 1.00 11.08  ? 17  GLU A CA  1 
ATOM   124  C  C   . GLU A 1 17  ? 13.791  9.065   -10.891 1.00 13.75  ? 17  GLU A C   1 
ATOM   125  O  O   . GLU A 1 17  ? 14.847  9.008   -10.254 1.00 13.16  ? 17  GLU A O   1 
ATOM   126  C  CB  . GLU A 1 17  ? 13.364  11.317  -11.885 1.00 14.78  ? 17  GLU A CB  1 
ATOM   127  C  CG  . GLU A 1 17  ? 11.943  11.580  -11.352 1.00 19.27  ? 17  GLU A CG  1 
ATOM   128  C  CD  . GLU A 1 17  ? 10.817  11.750  -12.381 1.00 19.68  ? 17  GLU A CD  1 
ATOM   129  O  OE1 . GLU A 1 17  ? 10.923  11.310  -13.532 1.00 18.12  ? 17  GLU A OE1 1 
ATOM   130  O  OE2 . GLU A 1 17  ? 9.788   12.312  -12.002 1.00 18.27  ? 17  GLU A OE2 1 
ATOM   131  N  N   . MET A 1 18  ? 12.678  8.389   -10.544 1.00 11.38  ? 18  MET A N   1 
ATOM   132  C  CA  . MET A 1 18  ? 12.656  7.567   -9.348  1.00 16.11  ? 18  MET A CA  1 
ATOM   133  C  C   . MET A 1 18  ? 13.556  6.354   -9.533  1.00 15.18  ? 18  MET A C   1 
ATOM   134  O  O   . MET A 1 18  ? 14.309  5.998   -8.625  1.00 11.13  ? 18  MET A O   1 
ATOM   135  C  CB  . MET A 1 18  ? 11.253  7.123   -9.003  1.00 11.44  ? 18  MET A CB  1 
ATOM   136  C  CG  . MET A 1 18  ? 11.317  6.439   -7.650  1.00 14.46  ? 18  MET A CG  1 
ATOM   137  S  SD  . MET A 1 18  ? 9.683   6.263   -6.891  1.00 19.70  ? 18  MET A SD  1 
ATOM   138  C  CE  . MET A 1 18  ? 9.636   7.883   -6.222  1.00 19.17  ? 18  MET A CE  1 
ATOM   139  N  N   . ILE A 1 19  ? 13.520  5.740   -10.713 1.00 10.99  ? 19  ILE A N   1 
ATOM   140  C  CA  . ILE A 1 19  ? 14.401  4.613   -11.048 1.00 9.93   ? 19  ILE A CA  1 
ATOM   141  C  C   . ILE A 1 19  ? 15.867  5.023   -10.941 1.00 15.58  ? 19  ILE A C   1 
ATOM   142  O  O   . ILE A 1 19  ? 16.677  4.304   -10.349 1.00 13.68  ? 19  ILE A O   1 
ATOM   143  C  CB  . ILE A 1 19  ? 14.101  4.005   -12.444 1.00 13.12  ? 19  ILE A CB  1 
ATOM   144  C  CG1 . ILE A 1 19  ? 12.703  3.430   -12.489 1.00 11.12  ? 19  ILE A CG1 1 
ATOM   145  C  CG2 . ILE A 1 19  ? 15.117  2.904   -12.793 1.00 13.70  ? 19  ILE A CG2 1 
ATOM   146  C  CD1 . ILE A 1 19  ? 12.300  3.065   -13.925 1.00 15.09  ? 19  ILE A CD1 1 
ATOM   147  N  N   . ALA A 1 20  ? 16.225  6.181   -11.479 1.00 10.66  ? 20  ALA A N   1 
ATOM   148  C  CA  . ALA A 1 20  ? 17.613  6.624   -11.376 1.00 19.89  ? 20  ALA A CA  1 
ATOM   149  C  C   . ALA A 1 20  ? 18.024  6.966   -9.925  1.00 17.79  ? 20  ALA A C   1 
ATOM   150  O  O   . ALA A 1 20  ? 19.150  6.704   -9.500  1.00 13.94  ? 20  ALA A O   1 
ATOM   151  C  CB  . ALA A 1 20  ? 17.819  7.842   -12.280 1.00 14.96  ? 20  ALA A CB  1 
ATOM   152  N  N   . GLU A 1 21  ? 17.112  7.489   -9.103  1.00 12.99  ? 21  GLU A N   1 
ATOM   153  C  CA  . GLU A 1 21  ? 17.370  7.723   -7.693  1.00 9.47   ? 21  GLU A CA  1 
ATOM   154  C  C   . GLU A 1 21  ? 17.644  6.401   -7.014  1.00 18.33  ? 21  GLU A C   1 
ATOM   155  O  O   . GLU A 1 21  ? 18.612  6.298   -6.237  1.00 14.85  ? 21  GLU A O   1 
ATOM   156  C  CB  . GLU A 1 21  ? 16.164  8.341   -7.083  1.00 8.57   ? 21  GLU A CB  1 
ATOM   157  C  CG  . GLU A 1 21  ? 16.325  8.625   -5.625  1.00 11.79  ? 21  GLU A CG  1 
ATOM   158  C  CD  . GLU A 1 21  ? 14.938  8.732   -5.032  1.00 22.16  ? 21  GLU A CD  1 
ATOM   159  O  OE1 . GLU A 1 21  ? 14.293  9.753   -5.210  1.00 22.29  ? 21  GLU A OE1 1 
ATOM   160  O  OE2 . GLU A 1 21  ? 14.472  7.788   -4.408  1.00 33.49  ? 21  GLU A OE2 1 
ATOM   161  N  N   . PHE A 1 22  ? 16.837  5.351   -7.304  1.00 11.51  ? 22  PHE A N   1 
ATOM   162  C  CA  . PHE A 1 22  ? 17.034  4.047   -6.692  1.00 8.45   ? 22  PHE A CA  1 
ATOM   163  C  C   . PHE A 1 22  ? 18.349  3.472   -7.146  1.00 16.37  ? 22  PHE A C   1 
ATOM   164  O  O   . PHE A 1 22  ? 19.087  2.919   -6.320  1.00 13.38  ? 22  PHE A O   1 
ATOM   165  C  CB  . PHE A 1 22  ? 15.965  3.085   -7.052  1.00 7.78   ? 22  PHE A CB  1 
ATOM   166  C  CG  . PHE A 1 22  ? 14.590  3.366   -6.474  1.00 9.64   ? 22  PHE A CG  1 
ATOM   167  C  CD1 . PHE A 1 22  ? 14.340  4.404   -5.596  1.00 14.57  ? 22  PHE A CD1 1 
ATOM   168  C  CD2 . PHE A 1 22  ? 13.572  2.519   -6.835  1.00 12.49  ? 22  PHE A CD2 1 
ATOM   169  C  CE1 . PHE A 1 22  ? 13.089  4.557   -5.043  1.00 11.33  ? 22  PHE A CE1 1 
ATOM   170  C  CE2 . PHE A 1 22  ? 12.310  2.698   -6.302  1.00 18.34  ? 22  PHE A CE2 1 
ATOM   171  C  CZ  . PHE A 1 22  ? 12.076  3.704   -5.393  1.00 12.16  ? 22  PHE A CZ  1 
ATOM   172  N  N   . LYS A 1 23  ? 18.725  3.651   -8.424  1.00 13.25  ? 23  LYS A N   1 
ATOM   173  C  CA  . LYS A 1 23  ? 20.014  3.166   -8.894  1.00 16.32  ? 23  LYS A CA  1 
ATOM   174  C  C   . LYS A 1 23  ? 21.180  3.902   -8.259  1.00 17.96  ? 23  LYS A C   1 
ATOM   175  O  O   . LYS A 1 23  ? 22.217  3.290   -7.991  1.00 14.79  ? 23  LYS A O   1 
ATOM   176  C  CB  . LYS A 1 23  ? 20.162  3.207   -10.416 1.00 11.89  ? 23  LYS A CB  1 
ATOM   177  C  CG  . LYS A 1 23  ? 21.240  2.159   -10.740 1.00 14.03  ? 23  LYS A CG  1 
ATOM   178  C  CD  . LYS A 1 23  ? 21.276  1.691   -12.174 1.00 31.38  ? 23  LYS A CD  1 
ATOM   179  C  CE  . LYS A 1 23  ? 22.334  0.584   -12.332 1.00 26.20  ? 23  LYS A CE  1 
ATOM   180  N  NZ  . LYS A 1 23  ? 23.662  1.178   -12.360 1.00 22.14  ? 23  LYS A NZ  1 
ATOM   181  N  N   . ALA A 1 24  ? 21.048  5.192   -7.981  1.00 12.96  ? 24  ALA A N   1 
ATOM   182  C  CA  . ALA A 1 24  ? 22.104  5.944   -7.332  1.00 19.70  ? 24  ALA A CA  1 
ATOM   183  C  C   . ALA A 1 24  ? 22.429  5.340   -5.949  1.00 20.99  ? 24  ALA A C   1 
ATOM   184  O  O   . ALA A 1 24  ? 23.605  5.173   -5.612  1.00 18.25  ? 24  ALA A O   1 
ATOM   185  C  CB  . ALA A 1 24  ? 21.645  7.381   -7.207  1.00 13.73  ? 24  ALA A CB  1 
ATOM   186  N  N   . ALA A 1 25  ? 21.450  4.937   -5.136  1.00 14.25  ? 25  ALA A N   1 
ATOM   187  C  CA  . ALA A 1 25  ? 21.718  4.296   -3.859  1.00 16.99  ? 25  ALA A CA  1 
ATOM   188  C  C   . ALA A 1 25  ? 22.252  2.882   -4.037  1.00 15.23  ? 25  ALA A C   1 
ATOM   189  O  O   . ALA A 1 25  ? 23.250  2.520   -3.414  1.00 17.03  ? 25  ALA A O   1 
ATOM   190  C  CB  . ALA A 1 25  ? 20.432  4.216   -3.044  1.00 17.51  ? 25  ALA A CB  1 
ATOM   191  N  N   . PHE A 1 26  ? 21.656  2.076   -4.928  1.00 13.39  ? 26  PHE A N   1 
ATOM   192  C  CA  . PHE A 1 26  ? 22.079  0.706   -5.241  1.00 12.97  ? 26  PHE A CA  1 
ATOM   193  C  C   . PHE A 1 26  ? 23.569  0.692   -5.605  1.00 19.75  ? 26  PHE A C   1 
ATOM   194  O  O   . PHE A 1 26  ? 24.350  -0.104  -5.078  1.00 14.81  ? 26  PHE A O   1 
ATOM   195  C  CB  . PHE A 1 26  ? 21.180  0.214   -6.407  1.00 11.97  ? 26  PHE A CB  1 
ATOM   196  C  CG  . PHE A 1 26  ? 21.331  -1.236  -6.843  1.00 13.02  ? 26  PHE A CG  1 
ATOM   197  C  CD1 . PHE A 1 26  ? 22.276  -1.568  -7.786  1.00 8.82   ? 26  PHE A CD1 1 
ATOM   198  C  CD2 . PHE A 1 26  ? 20.536  -2.208  -6.295  1.00 7.93   ? 26  PHE A CD2 1 
ATOM   199  C  CE1 . PHE A 1 26  ? 22.437  -2.885  -8.158  1.00 13.91  ? 26  PHE A CE1 1 
ATOM   200  C  CE2 . PHE A 1 26  ? 20.681  -3.510  -6.692  1.00 16.90  ? 26  PHE A CE2 1 
ATOM   201  C  CZ  . PHE A 1 26  ? 21.637  -3.863  -7.616  1.00 11.87  ? 26  PHE A CZ  1 
ATOM   202  N  N   . ASP A 1 27  ? 23.999  1.608   -6.479  1.00 17.87  ? 27  ASP A N   1 
ATOM   203  C  CA  . ASP A 1 27  ? 25.354  1.707   -6.991  1.00 16.48  ? 27  ASP A CA  1 
ATOM   204  C  C   . ASP A 1 27  ? 26.389  1.946   -5.936  1.00 20.33  ? 27  ASP A C   1 
ATOM   205  O  O   . ASP A 1 27  ? 27.519  1.468   -6.091  1.00 20.98  ? 27  ASP A O   1 
ATOM   206  C  CB  . ASP A 1 27  ? 25.502  2.766   -8.086  1.00 10.06  ? 27  ASP A CB  1 
ATOM   207  C  CG  . ASP A 1 27  ? 24.910  2.342   -9.445  1.00 26.06  ? 27  ASP A CG  1 
ATOM   208  O  OD1 . ASP A 1 27  ? 24.508  1.187   -9.660  1.00 14.84  ? 27  ASP A OD1 1 
ATOM   209  O  OD2 . ASP A 1 27  ? 24.823  3.192   -10.319 1.00 21.17  ? 27  ASP A OD2 1 
ATOM   210  N  N   . MET A 1 28  ? 26.014  2.563   -4.826  1.00 19.53  ? 28  MET A N   1 
ATOM   211  C  CA  . MET A 1 28  ? 26.926  2.768   -3.709  1.00 28.19  ? 28  MET A CA  1 
ATOM   212  C  C   . MET A 1 28  ? 27.352  1.435   -3.062  1.00 31.74  ? 28  MET A C   1 
ATOM   213  O  O   . MET A 1 28  ? 28.368  1.359   -2.368  1.00 21.76  ? 28  MET A O   1 
ATOM   214  C  CB  . MET A 1 28  ? 26.219  3.695   -2.717  1.00 25.75  ? 28  MET A CB  1 
ATOM   215  C  CG  . MET A 1 28  ? 27.101  4.170   -1.562  1.00 63.83  ? 28  MET A CG  1 
ATOM   216  S  SD  . MET A 1 28  ? 26.371  5.388   -0.429  1.00 56.03  ? 28  MET A SD  1 
ATOM   217  C  CE  . MET A 1 28  ? 25.752  4.307   0.832   1.00 47.33  ? 28  MET A CE  1 
ATOM   218  N  N   . PHE A 1 29  ? 26.623  0.336   -3.249  1.00 20.58  ? 29  PHE A N   1 
ATOM   219  C  CA  . PHE A 1 29  ? 26.977  -0.942  -2.664  1.00 20.82  ? 29  PHE A CA  1 
ATOM   220  C  C   . PHE A 1 29  ? 27.494  -1.901  -3.713  1.00 18.54  ? 29  PHE A C   1 
ATOM   221  O  O   . PHE A 1 29  ? 27.720  -3.091  -3.446  1.00 22.49  ? 29  PHE A O   1 
ATOM   222  C  CB  . PHE A 1 29  ? 25.768  -1.558  -1.978  1.00 15.17  ? 29  PHE A CB  1 
ATOM   223  C  CG  . PHE A 1 29  ? 25.303  -0.730  -0.793  1.00 18.31  ? 29  PHE A CG  1 
ATOM   224  C  CD1 . PHE A 1 29  ? 24.452  0.337   -1.004  1.00 22.53  ? 29  PHE A CD1 1 
ATOM   225  C  CD2 . PHE A 1 29  ? 25.743  -1.037  0.475   1.00 22.35  ? 29  PHE A CD2 1 
ATOM   226  C  CE1 . PHE A 1 29  ? 24.026  1.106   0.051   1.00 23.87  ? 29  PHE A CE1 1 
ATOM   227  C  CE2 . PHE A 1 29  ? 25.300  -0.271  1.543   1.00 26.81  ? 29  PHE A CE2 1 
ATOM   228  C  CZ  . PHE A 1 29  ? 24.452  0.795   1.320   1.00 24.12  ? 29  PHE A CZ  1 
ATOM   229  N  N   . ASP A 1 30  ? 27.643  -1.441  -4.943  1.00 23.10  ? 30  ASP A N   1 
ATOM   230  C  CA  . ASP A 1 30  ? 28.106  -2.349  -5.972  1.00 34.34  ? 30  ASP A CA  1 
ATOM   231  C  C   . ASP A 1 30  ? 29.624  -2.273  -5.943  1.00 42.68  ? 30  ASP A C   1 
ATOM   232  O  O   . ASP A 1 30  ? 30.244  -3.308  -5.675  1.00 56.19  ? 30  ASP A O   1 
ATOM   233  C  CB  . ASP A 1 30  ? 27.486  -2.061  -7.350  1.00 35.20  ? 30  ASP A CB  1 
ATOM   234  C  CG  . ASP A 1 30  ? 27.989  -2.831  -8.574  1.00 48.21  ? 30  ASP A CG  1 
ATOM   235  O  OD1 . ASP A 1 30  ? 28.796  -3.768  -8.468  1.00 21.48  ? 30  ASP A OD1 1 
ATOM   236  O  OD2 . ASP A 1 30  ? 27.547  -2.460  -9.662  1.00 29.20  ? 30  ASP A OD2 1 
ATOM   237  N  N   . ALA A 1 31  ? 30.223  -1.106  -6.213  1.00 32.22  ? 31  ALA A N   1 
ATOM   238  C  CA  . ALA A 1 31  ? 31.682  -0.871  -6.129  1.00 108.47 ? 31  ALA A CA  1 
ATOM   239  C  C   . ALA A 1 31  ? 32.424  -1.446  -7.335  1.00 64.50  ? 31  ALA A C   1 
ATOM   240  O  O   . ALA A 1 31  ? 33.087  -0.735  -8.088  1.00 68.01  ? 31  ALA A O   1 
ATOM   241  C  CB  . ALA A 1 31  ? 32.387  -1.398  -4.835  1.00 45.75  ? 31  ALA A CB  1 
ATOM   242  N  N   . ASP A 1 32  ? 32.233  -2.751  -7.520  1.00 49.99  ? 32  ASP A N   1 
ATOM   243  C  CA  . ASP A 1 32  ? 32.647  -3.530  -8.666  1.00 67.49  ? 32  ASP A CA  1 
ATOM   244  C  C   . ASP A 1 32  ? 32.004  -3.074  -9.985  1.00 48.13  ? 32  ASP A C   1 
ATOM   245  O  O   . ASP A 1 32  ? 32.417  -3.482  -11.062 1.00 47.17  ? 32  ASP A O   1 
ATOM   246  C  CB  . ASP A 1 32  ? 32.294  -4.957  -8.235  1.00 37.49  ? 32  ASP A CB  1 
ATOM   247  C  CG  . ASP A 1 32  ? 32.563  -6.049  -9.247  1.00 83.40  ? 32  ASP A CG  1 
ATOM   248  O  OD1 . ASP A 1 32  ? 33.725  -6.435  -9.390  1.00 108.73 ? 32  ASP A OD1 1 
ATOM   249  O  OD2 . ASP A 1 32  ? 31.601  -6.506  -9.876  1.00 89.43  ? 32  ASP A OD2 1 
ATOM   250  N  N   . GLY A 1 33  ? 30.965  -2.247  -10.001 1.00 41.74  ? 33  GLY A N   1 
ATOM   251  C  CA  . GLY A 1 33  ? 30.413  -1.759  -11.251 1.00 30.59  ? 33  GLY A CA  1 
ATOM   252  C  C   . GLY A 1 33  ? 29.697  -2.840  -12.039 1.00 40.64  ? 33  GLY A C   1 
ATOM   253  O  O   . GLY A 1 33  ? 29.358  -2.564  -13.177 1.00 33.82  ? 33  GLY A O   1 
ATOM   254  N  N   . GLY A 1 34  ? 29.398  -4.037  -11.491 1.00 37.35  ? 34  GLY A N   1 
ATOM   255  C  CA  . GLY A 1 34  ? 28.751  -5.129  -12.223 1.00 40.75  ? 34  GLY A CA  1 
ATOM   256  C  C   . GLY A 1 34  ? 27.222  -5.059  -12.396 1.00 50.15  ? 34  GLY A C   1 
ATOM   257  O  O   . GLY A 1 34  ? 26.660  -5.954  -13.030 1.00 40.32  ? 34  GLY A O   1 
ATOM   258  N  N   . GLY A 1 35  ? 26.490  -4.081  -11.853 1.00 25.04  ? 35  GLY A N   1 
ATOM   259  C  CA  . GLY A 1 35  ? 25.045  -4.069  -11.889 1.00 19.87  ? 35  GLY A CA  1 
ATOM   260  C  C   . GLY A 1 35  ? 24.389  -4.932  -10.830 1.00 26.13  ? 35  GLY A C   1 
ATOM   261  O  O   . GLY A 1 35  ? 23.201  -5.286  -10.966 1.00 28.75  ? 35  GLY A O   1 
ATOM   262  N  N   . ASP A 1 36  ? 25.128  -5.285  -9.769  1.00 22.05  ? 36  ASP A N   1 
ATOM   263  C  CA  . ASP A 1 36  ? 24.555  -6.059  -8.686  1.00 18.52  ? 36  ASP A CA  1 
ATOM   264  C  C   . ASP A 1 36  ? 25.204  -5.851  -7.333  1.00 17.73  ? 36  ASP A C   1 
ATOM   265  O  O   . ASP A 1 36  ? 26.309  -5.305  -7.221  1.00 16.02  ? 36  ASP A O   1 
ATOM   266  C  CB  . ASP A 1 36  ? 24.464  -7.544  -8.992  1.00 21.00  ? 36  ASP A CB  1 
ATOM   267  C  CG  . ASP A 1 36  ? 25.721  -8.261  -9.389  1.00 31.32  ? 36  ASP A CG  1 
ATOM   268  O  OD1 . ASP A 1 36  ? 26.758  -8.162  -8.728  1.00 25.12  ? 36  ASP A OD1 1 
ATOM   269  O  OD2 . ASP A 1 36  ? 25.633  -8.951  -10.390 1.00 34.56  ? 36  ASP A OD2 1 
ATOM   270  N  N   . ILE A 1 37  ? 24.483  -6.286  -6.310  1.00 12.16  ? 37  ILE A N   1 
ATOM   271  C  CA  . ILE A 1 37  ? 24.910  -6.090  -4.945  1.00 11.87  ? 37  ILE A CA  1 
ATOM   272  C  C   . ILE A 1 37  ? 24.772  -7.431  -4.249  1.00 10.82  ? 37  ILE A C   1 
ATOM   273  O  O   . ILE A 1 37  ? 24.047  -8.330  -4.701  1.00 16.43  ? 37  ILE A O   1 
ATOM   274  C  CB  . ILE A 1 37  ? 24.098  -5.003  -4.186  1.00 14.33  ? 37  ILE A CB  1 
ATOM   275  C  CG1 . ILE A 1 37  ? 22.615  -5.360  -4.022  1.00 10.25  ? 37  ILE A CG1 1 
ATOM   276  C  CG2 . ILE A 1 37  ? 24.292  -3.645  -4.886  1.00 17.77  ? 37  ILE A CG2 1 
ATOM   277  C  CD1 . ILE A 1 37  ? 21.807  -4.349  -3.139  1.00 18.05  ? 37  ILE A CD1 1 
ATOM   278  N  N   . SER A 1 38  ? 25.473  -7.557  -3.134  1.00 16.68  ? 38  SER A N   1 
ATOM   279  C  CA  . SER A 1 38  ? 25.333  -8.716  -2.264  1.00 18.61  ? 38  SER A CA  1 
ATOM   280  C  C   . SER A 1 38  ? 23.926  -8.708  -1.696  1.00 16.11  ? 38  SER A C   1 
ATOM   281  O  O   . SER A 1 38  ? 23.389  -7.657  -1.327  1.00 13.84  ? 38  SER A O   1 
ATOM   282  C  CB  . SER A 1 38  ? 26.335  -8.625  -1.100  1.00 15.26  ? 38  SER A CB  1 
ATOM   283  O  OG  . SER A 1 38  ? 26.093  -9.694  -0.188  1.00 15.82  ? 38  SER A OG  1 
ATOM   284  N  N   . THR A 1 39  ? 23.380  -9.896  -1.547  1.00 14.34  ? 39  THR A N   1 
ATOM   285  C  CA  . THR A 1 39  ? 22.060  -10.078 -0.940  1.00 21.37  ? 39  THR A CA  1 
ATOM   286  C  C   . THR A 1 39  ? 22.089  -9.737  0.544   1.00 17.77  ? 39  THR A C   1 
ATOM   287  O  O   . THR A 1 39  ? 21.061  -9.433  1.140   1.00 20.40  ? 39  THR A O   1 
ATOM   288  C  CB  . THR A 1 39  ? 21.592  -11.522 -1.113  1.00 25.87  ? 39  THR A CB  1 
ATOM   289  O  OG1 . THR A 1 39  ? 22.684  -12.292 -0.609  1.00 26.81  ? 39  THR A OG1 1 
ATOM   290  C  CG2 . THR A 1 39  ? 21.206  -11.901 -2.541  1.00 20.93  ? 39  THR A CG2 1 
ATOM   291  N  N   . LYS A 1 40  ? 23.270  -9.774  1.168   1.00 14.09  ? 40  LYS A N   1 
ATOM   292  C  CA  . LYS A 1 40  ? 23.442  -9.254  2.526   1.00 16.21  ? 40  LYS A CA  1 
ATOM   293  C  C   . LYS A 1 40  ? 23.185  -7.770  2.677   1.00 22.04  ? 40  LYS A C   1 
ATOM   294  O  O   . LYS A 1 40  ? 23.020  -7.315  3.797   1.00 19.09  ? 40  LYS A O   1 
ATOM   295  C  CB  . LYS A 1 40  ? 24.826  -9.485  3.070   1.00 18.18  ? 40  LYS A CB  1 
ATOM   296  C  CG  . LYS A 1 40  ? 25.200  -10.927 3.035   1.00 32.67  ? 40  LYS A CG  1 
ATOM   297  C  CD  . LYS A 1 40  ? 24.298  -11.743 3.945   1.00 51.68  ? 40  LYS A CD  1 
ATOM   298  C  CE  . LYS A 1 40  ? 24.588  -13.154 3.482   1.00 85.09  ? 40  LYS A CE  1 
ATOM   299  N  NZ  . LYS A 1 40  ? 23.866  -14.196 4.197   1.00 73.23  ? 40  LYS A NZ  1 
ATOM   300  N  N   . GLU A 1 41  ? 23.248  -6.977  1.604   1.00 14.41  ? 41  GLU A N   1 
ATOM   301  C  CA  . GLU A 1 41  ? 23.008  -5.549  1.641   1.00 18.11  ? 41  GLU A CA  1 
ATOM   302  C  C   . GLU A 1 41  ? 21.616  -5.138  1.152   1.00 16.36  ? 41  GLU A C   1 
ATOM   303  O  O   . GLU A 1 41  ? 21.239  -3.952  1.174   1.00 14.59  ? 41  GLU A O   1 
ATOM   304  C  CB  . GLU A 1 41  ? 24.066  -4.831  0.789   1.00 22.91  ? 41  GLU A CB  1 
ATOM   305  C  CG  . GLU A 1 41  ? 25.520  -4.865  1.279   1.00 27.28  ? 41  GLU A CG  1 
ATOM   306  C  CD  . GLU A 1 41  ? 25.702  -4.411  2.721   1.00 44.10  ? 41  GLU A CD  1 
ATOM   307  O  OE1 . GLU A 1 41  ? 25.219  -3.346  3.114   1.00 36.77  ? 41  GLU A OE1 1 
ATOM   308  O  OE2 . GLU A 1 41  ? 26.332  -5.158  3.465   1.00 48.19  ? 41  GLU A OE2 1 
ATOM   309  N  N   . LEU A 1 42  ? 20.787  -6.101  0.749   1.00 15.68  ? 42  LEU A N   1 
ATOM   310  C  CA  . LEU A 1 42  ? 19.473  -5.804  0.195   1.00 16.19  ? 42  LEU A CA  1 
ATOM   311  C  C   . LEU A 1 42  ? 18.600  -5.090  1.197   1.00 17.69  ? 42  LEU A C   1 
ATOM   312  O  O   . LEU A 1 42  ? 17.969  -4.093  0.858   1.00 13.30  ? 42  LEU A O   1 
ATOM   313  C  CB  . LEU A 1 42  ? 18.764  -7.085  -0.188  1.00 18.34  ? 42  LEU A CB  1 
ATOM   314  C  CG  . LEU A 1 42  ? 17.396  -6.977  -0.837  1.00 21.10  ? 42  LEU A CG  1 
ATOM   315  C  CD1 . LEU A 1 42  ? 17.485  -6.135  -2.106  1.00 15.36  ? 42  LEU A CD1 1 
ATOM   316  C  CD2 . LEU A 1 42  ? 16.879  -8.352  -1.161  1.00 14.01  ? 42  LEU A CD2 1 
ATOM   317  N  N   . GLY A 1 43  ? 18.563  -5.559  2.437   1.00 13.43  ? 43  GLY A N   1 
ATOM   318  C  CA  . GLY A 1 43  ? 17.759  -4.925  3.471   1.00 16.31  ? 43  GLY A CA  1 
ATOM   319  C  C   . GLY A 1 43  ? 18.162  -3.488  3.685   1.00 12.47  ? 43  GLY A C   1 
ATOM   320  O  O   . GLY A 1 43  ? 17.299  -2.593  3.756   1.00 11.77  ? 43  GLY A O   1 
ATOM   321  N  N   . THR A 1 44  ? 19.470  -3.232  3.752   1.00 13.11  ? 44  THR A N   1 
ATOM   322  C  CA  . THR A 1 44  ? 19.980  -1.863  3.957   1.00 15.14  ? 44  THR A CA  1 
ATOM   323  C  C   . THR A 1 44  ? 19.541  -0.918  2.816   1.00 12.31  ? 44  THR A C   1 
ATOM   324  O  O   . THR A 1 44  ? 19.020  0.178   3.032   1.00 13.94  ? 44  THR A O   1 
ATOM   325  C  CB  . THR A 1 44  ? 21.552  -1.900  4.106   1.00 15.45  ? 44  THR A CB  1 
ATOM   326  O  OG1 . THR A 1 44  ? 21.908  -2.773  5.155   1.00 16.89  ? 44  THR A OG1 1 
ATOM   327  C  CG2 . THR A 1 44  ? 22.152  -0.549  4.473   1.00 25.32  ? 44  THR A CG2 1 
ATOM   328  N  N   . VAL A 1 45  ? 19.683  -1.333  1.563   1.00 9.56   ? 45  VAL A N   1 
ATOM   329  C  CA  . VAL A 1 45  ? 19.333  -0.447  0.471   1.00 12.17  ? 45  VAL A CA  1 
ATOM   330  C  C   . VAL A 1 45  ? 17.823  -0.220  0.457   1.00 12.93  ? 45  VAL A C   1 
ATOM   331  O  O   . VAL A 1 45  ? 17.335  0.897   0.249   1.00 12.99  ? 45  VAL A O   1 
ATOM   332  C  CB  . VAL A 1 45  ? 19.852  -0.970  -0.869  1.00 18.37  ? 45  VAL A CB  1 
ATOM   333  C  CG1 . VAL A 1 45  ? 19.658  0.147   -1.916  1.00 24.02  ? 45  VAL A CG1 1 
ATOM   334  C  CG2 . VAL A 1 45  ? 21.334  -1.297  -0.782  1.00 15.05  ? 45  VAL A CG2 1 
ATOM   335  N  N   . MET A 1 46  ? 17.040  -1.260  0.731   1.00 12.40  ? 46  MET A N   1 
ATOM   336  C  CA  . MET A 1 46  ? 15.605  -1.110  0.773   1.00 8.56   ? 46  MET A CA  1 
ATOM   337  C  C   . MET A 1 46  ? 15.160  -0.119  1.844   1.00 16.83  ? 46  MET A C   1 
ATOM   338  O  O   . MET A 1 46  ? 14.328  0.763   1.581   1.00 12.09  ? 46  MET A O   1 
ATOM   339  C  CB  . MET A 1 46  ? 14.896  -2.459  0.923   1.00 13.61  ? 46  MET A CB  1 
ATOM   340  C  CG  . MET A 1 46  ? 14.875  -3.326  -0.348  1.00 14.22  ? 46  MET A CG  1 
ATOM   341  S  SD  . MET A 1 46  ? 13.961  -4.879  -0.134  1.00 18.48  ? 46  MET A SD  1 
ATOM   342  C  CE  . MET A 1 46  ? 12.315  -4.514  -0.684  1.00 25.80  ? 46  MET A CE  1 
ATOM   343  N  N   . ARG A 1 47  ? 15.742  -0.200  3.035   1.00 14.98  ? 47  ARG A N   1 
ATOM   344  C  CA  . ARG A 1 47  ? 15.349  0.712   4.114   1.00 14.14  ? 47  ARG A CA  1 
ATOM   345  C  C   . ARG A 1 47  ? 15.837  2.141   3.884   1.00 15.18  ? 47  ARG A C   1 
ATOM   346  O  O   . ARG A 1 47  ? 15.137  3.114   4.205   1.00 12.55  ? 47  ARG A O   1 
ATOM   347  C  CB  . ARG A 1 47  ? 15.845  0.176   5.444   1.00 17.13  ? 47  ARG A CB  1 
ATOM   348  C  CG  . ARG A 1 47  ? 15.293  -1.191  5.765   1.00 11.52  ? 47  ARG A CG  1 
ATOM   349  C  CD  . ARG A 1 47  ? 15.980  -1.598  7.046   1.00 20.31  ? 47  ARG A CD  1 
ATOM   350  N  NE  . ARG A 1 47  ? 15.815  -3.025  7.207   1.00 31.24  ? 47  ARG A NE  1 
ATOM   351  C  CZ  . ARG A 1 47  ? 16.843  -3.868  7.161   1.00 12.41  ? 47  ARG A CZ  1 
ATOM   352  N  NH1 . ARG A 1 47  ? 18.108  -3.475  7.118   1.00 19.85  ? 47  ARG A NH1 1 
ATOM   353  N  NH2 . ARG A 1 47  ? 16.573  -5.156  7.123   1.00 25.87  ? 47  ARG A NH2 1 
ATOM   354  N  N   . MET A 1 48  ? 17.011  2.317   3.258   1.00 12.07  ? 48  MET A N   1 
ATOM   355  C  CA  . MET A 1 48  ? 17.479  3.618   2.802   1.00 14.26  ? 48  MET A CA  1 
ATOM   356  C  C   . MET A 1 48  ? 16.474  4.253   1.869   1.00 20.10  ? 48  MET A C   1 
ATOM   357  O  O   . MET A 1 48  ? 16.325  5.468   1.851   1.00 17.21  ? 48  MET A O   1 
ATOM   358  C  CB  . MET A 1 48  ? 18.739  3.519   1.964   1.00 13.32  ? 48  MET A CB  1 
ATOM   359  C  CG  . MET A 1 48  ? 19.997  3.337   2.769   1.00 25.29  ? 48  MET A CG  1 
ATOM   360  S  SD  . MET A 1 48  ? 21.410  3.090   1.670   1.00 27.09  ? 48  MET A SD  1 
ATOM   361  C  CE  . MET A 1 48  ? 21.487  4.648   0.841   1.00 26.09  ? 48  MET A CE  1 
ATOM   362  N  N   . LEU A 1 49  ? 15.822  3.435   1.042   1.00 13.81  ? 49  LEU A N   1 
ATOM   363  C  CA  . LEU A 1 49  ? 14.820  3.908   0.119   1.00 10.86  ? 49  LEU A CA  1 
ATOM   364  C  C   . LEU A 1 49  ? 13.414  3.849   0.687   1.00 14.32  ? 49  LEU A C   1 
ATOM   365  O  O   . LEU A 1 49  ? 12.451  3.923   -0.073  1.00 19.54  ? 49  LEU A O   1 
ATOM   366  C  CB  . LEU A 1 49  ? 14.925  3.195   -1.237  1.00 17.57  ? 49  LEU A CB  1 
ATOM   367  C  CG  . LEU A 1 49  ? 16.262  3.415   -1.962  1.00 26.61  ? 49  LEU A CG  1 
ATOM   368  C  CD1 . LEU A 1 49  ? 16.446  2.431   -3.106  1.00 15.63  ? 49  LEU A CD1 1 
ATOM   369  C  CD2 . LEU A 1 49  ? 16.405  4.871   -2.435  1.00 19.13  ? 49  LEU A CD2 1 
ATOM   370  N  N   . GLY A 1 50  ? 13.249  3.760   2.004   1.00 13.77  ? 50  GLY A N   1 
ATOM   371  C  CA  . GLY A 1 50  ? 11.967  4.025   2.638   1.00 16.79  ? 50  GLY A CA  1 
ATOM   372  C  C   . GLY A 1 50  ? 11.067  2.817   2.778   1.00 15.64  ? 50  GLY A C   1 
ATOM   373  O  O   . GLY A 1 50  ? 9.905   2.959   3.172   1.00 17.23  ? 50  GLY A O   1 
ATOM   374  N  N   . GLN A 1 51  ? 11.563  1.619   2.474   1.00 14.32  ? 51  GLN A N   1 
ATOM   375  C  CA  . GLN A 1 51  ? 10.726  0.430   2.543   1.00 17.93  ? 51  GLN A CA  1 
ATOM   376  C  C   . GLN A 1 51  ? 11.029  -0.262  3.842   1.00 23.94  ? 51  GLN A C   1 
ATOM   377  O  O   . GLN A 1 51  ? 12.115  -0.137  4.392   1.00 18.32  ? 51  GLN A O   1 
ATOM   378  C  CB  . GLN A 1 51  ? 10.945  -0.554  1.406   1.00 12.51  ? 51  GLN A CB  1 
ATOM   379  C  CG  . GLN A 1 51  ? 10.687  0.076   0.073   1.00 23.00  ? 51  GLN A CG  1 
ATOM   380  C  CD  . GLN A 1 51  ? 9.327   0.755   -0.054  1.00 22.99  ? 51  GLN A CD  1 
ATOM   381  O  OE1 . GLN A 1 51  ? 9.236   1.927   -0.407  1.00 60.36  ? 51  GLN A OE1 1 
ATOM   382  N  NE2 . GLN A 1 51  ? 8.195   0.130   0.220   1.00 32.04  ? 51  GLN A NE2 1 
ATOM   383  N  N   . ASN A 1 52  ? 10.088  -1.059  4.315   1.00 16.86  ? 52  ASN A N   1 
ATOM   384  C  CA  . ASN A 1 52  ? 10.264  -1.746  5.583   1.00 32.15  ? 52  ASN A CA  1 
ATOM   385  C  C   . ASN A 1 52  ? 9.936   -3.246  5.481   1.00 17.97  ? 52  ASN A C   1 
ATOM   386  O  O   . ASN A 1 52  ? 8.906   -3.715  5.982   1.00 20.28  ? 52  ASN A O   1 
ATOM   387  C  CB  . ASN A 1 52  ? 9.430   -1.026  6.651   1.00 26.80  ? 52  ASN A CB  1 
ATOM   388  C  CG  . ASN A 1 52  ? 8.005   -0.746  6.161   1.00 72.75  ? 52  ASN A CG  1 
ATOM   389  O  OD1 . ASN A 1 52  ? 7.723   0.331   5.630   1.00 80.40  ? 52  ASN A OD1 1 
ATOM   390  N  ND2 . ASN A 1 52  ? 7.046   -1.665  6.206   1.00 97.52  ? 52  ASN A ND2 1 
ATOM   391  N  N   . PRO A 1 53  ? 10.711  -4.065  4.759   1.00 17.82  ? 53  PRO A N   1 
ATOM   392  C  CA  . PRO A 1 53  ? 10.499  -5.515  4.701   1.00 12.75  ? 53  PRO A CA  1 
ATOM   393  C  C   . PRO A 1 53  ? 10.775  -6.122  6.070   1.00 14.50  ? 53  PRO A C   1 
ATOM   394  O  O   . PRO A 1 53  ? 11.671  -5.652  6.789   1.00 16.24  ? 53  PRO A O   1 
ATOM   395  C  CB  . PRO A 1 53  ? 11.571  -5.969  3.713   1.00 14.66  ? 53  PRO A CB  1 
ATOM   396  C  CG  . PRO A 1 53  ? 12.686  -4.927  3.859   1.00 19.40  ? 53  PRO A CG  1 
ATOM   397  C  CD  . PRO A 1 53  ? 11.869  -3.654  3.958   1.00 15.51  ? 53  PRO A CD  1 
ATOM   398  N  N   . THR A 1 54  ? 10.061  -7.157  6.467   1.00 16.34  ? 54  THR A N   1 
ATOM   399  C  CA  . THR A 1 54  ? 10.454  -7.894  7.671   1.00 16.69  ? 54  THR A CA  1 
ATOM   400  C  C   . THR A 1 54  ? 11.659  -8.772  7.354   1.00 17.19  ? 54  THR A C   1 
ATOM   401  O  O   . THR A 1 54  ? 11.955  -9.035  6.179   1.00 12.74  ? 54  THR A O   1 
ATOM   402  C  CB  . THR A 1 54  ? 9.289   -8.755  8.140   1.00 11.35  ? 54  THR A CB  1 
ATOM   403  O  OG1 . THR A 1 54  ? 9.119   -9.762  7.150   1.00 14.29  ? 54  THR A OG1 1 
ATOM   404  C  CG2 . THR A 1 54  ? 7.983   -7.985  8.369   1.00 11.24  ? 54  THR A CG2 1 
ATOM   405  N  N   . LYS A 1 55  ? 12.339  -9.310  8.357   1.00 11.88  ? 55  LYS A N   1 
ATOM   406  C  CA  . LYS A 1 55  ? 13.397  -10.272 8.096   1.00 12.52  ? 55  LYS A CA  1 
ATOM   407  C  C   . LYS A 1 55  ? 12.902  -11.503 7.313   1.00 19.18  ? 55  LYS A C   1 
ATOM   408  O  O   . LYS A 1 55  ? 13.590  -12.002 6.406   1.00 15.11  ? 55  LYS A O   1 
ATOM   409  C  CB  . LYS A 1 55  ? 14.078  -10.687 9.407   1.00 11.86  ? 55  LYS A CB  1 
ATOM   410  C  CG  . LYS A 1 55  ? 15.321  -9.842  9.742   1.00 36.20  ? 55  LYS A CG  1 
ATOM   411  C  CD  . LYS A 1 55  ? 14.921  -8.385  9.966   1.00 72.58  ? 55  LYS A CD  1 
ATOM   412  C  CE  . LYS A 1 55  ? 15.898  -7.388  10.623  1.00 77.00  ? 55  LYS A CE  1 
ATOM   413  N  NZ  . LYS A 1 55  ? 15.283  -6.087  10.924  1.00 31.60  ? 55  LYS A NZ  1 
ATOM   414  N  N   . GLU A 1 56  ? 11.693  -12.006 7.627   1.00 10.84  ? 56  GLU A N   1 
ATOM   415  C  CA  . GLU A 1 56  ? 11.137  -13.148 6.905   1.00 7.22   ? 56  GLU A CA  1 
ATOM   416  C  C   . GLU A 1 56  ? 10.944  -12.780 5.430   1.00 10.34  ? 56  GLU A C   1 
ATOM   417  O  O   . GLU A 1 56  ? 11.211  -13.598 4.532   1.00 14.72  ? 56  GLU A O   1 
ATOM   418  C  CB  . GLU A 1 56  ? 9.823   -13.568 7.568   1.00 9.28   ? 56  GLU A CB  1 
ATOM   419  C  CG  . GLU A 1 56  ? 9.132   -14.834 7.065   1.00 18.09  ? 56  GLU A CG  1 
ATOM   420  C  CD  . GLU A 1 56  ? 8.281   -14.615 5.836   1.00 35.53  ? 56  GLU A CD  1 
ATOM   421  O  OE1 . GLU A 1 56  ? 7.625   -13.570 5.732   1.00 37.26  ? 56  GLU A OE1 1 
ATOM   422  O  OE2 . GLU A 1 56  ? 8.278   -15.486 4.963   1.00 57.68  ? 56  GLU A OE2 1 
ATOM   423  N  N   . GLU A 1 57  ? 10.505  -11.562 5.145   1.00 10.62  ? 57  GLU A N   1 
ATOM   424  C  CA  . GLU A 1 57  ? 10.311  -11.151 3.764   1.00 12.00  ? 57  GLU A CA  1 
ATOM   425  C  C   . GLU A 1 57  ? 11.621  -11.119 3.011   1.00 11.65  ? 57  GLU A C   1 
ATOM   426  O  O   . GLU A 1 57  ? 11.693  -11.573 1.872   1.00 15.41  ? 57  GLU A O   1 
ATOM   427  C  CB  . GLU A 1 57  ? 9.646   -9.778  3.667   1.00 12.84  ? 57  GLU A CB  1 
ATOM   428  C  CG  . GLU A 1 57  ? 8.162   -9.927  3.934   1.00 13.78  ? 57  GLU A CG  1 
ATOM   429  C  CD  . GLU A 1 57  ? 7.385   -8.642  4.218   1.00 19.17  ? 57  GLU A CD  1 
ATOM   430  O  OE1 . GLU A 1 57  ? 7.955   -7.566  4.408   1.00 15.16  ? 57  GLU A OE1 1 
ATOM   431  O  OE2 . GLU A 1 57  ? 6.168   -8.750  4.274   1.00 22.68  ? 57  GLU A OE2 1 
ATOM   432  N  N   . LEU A 1 58  ? 12.664  -10.602 3.641   1.00 13.50  ? 58  LEU A N   1 
ATOM   433  C  CA  . LEU A 1 58  ? 13.981  -10.533 3.030   1.00 11.43  ? 58  LEU A CA  1 
ATOM   434  C  C   . LEU A 1 58  ? 14.546  -11.915 2.758   1.00 13.98  ? 58  LEU A C   1 
ATOM   435  O  O   . LEU A 1 58  ? 15.077  -12.174 1.670   1.00 13.90  ? 58  LEU A O   1 
ATOM   436  C  CB  . LEU A 1 58  ? 14.942  -9.815  3.945   1.00 13.91  ? 58  LEU A CB  1 
ATOM   437  C  CG  . LEU A 1 58  ? 15.356  -8.391  3.712   1.00 33.78  ? 58  LEU A CG  1 
ATOM   438  C  CD1 . LEU A 1 58  ? 14.898  -7.794  2.386   1.00 18.77  ? 58  LEU A CD1 1 
ATOM   439  C  CD2 . LEU A 1 58  ? 14.981  -7.642  4.970   1.00 22.69  ? 58  LEU A CD2 1 
ATOM   440  N  N   . ASP A 1 59  ? 14.399  -12.847 3.708   1.00 14.09  ? 59  ASP A N   1 
ATOM   441  C  CA  . ASP A 1 59  ? 14.831  -14.206 3.450   1.00 12.34  ? 59  ASP A CA  1 
ATOM   442  C  C   . ASP A 1 59  ? 14.101  -14.785 2.261   1.00 11.11  ? 59  ASP A C   1 
ATOM   443  O  O   . ASP A 1 59  ? 14.753  -15.415 1.434   1.00 14.97  ? 59  ASP A O   1 
ATOM   444  C  CB  . ASP A 1 59  ? 14.623  -15.075 4.671   1.00 11.01  ? 59  ASP A CB  1 
ATOM   445  C  CG  . ASP A 1 59  ? 15.616  -14.814 5.791   1.00 18.63  ? 59  ASP A CG  1 
ATOM   446  O  OD1 . ASP A 1 59  ? 16.569  -14.054 5.626   1.00 18.81  ? 59  ASP A OD1 1 
ATOM   447  O  OD2 . ASP A 1 59  ? 15.415  -15.357 6.864   1.00 19.17  ? 59  ASP A OD2 1 
ATOM   448  N  N   . ALA A 1 60  ? 12.792  -14.530 2.139   1.00 11.42  ? 60  ALA A N   1 
ATOM   449  C  CA  . ALA A 1 60  ? 11.995  -15.094 1.073   1.00 9.79   ? 60  ALA A CA  1 
ATOM   450  C  C   . ALA A 1 60  ? 12.484  -14.534 -0.260  1.00 17.51  ? 60  ALA A C   1 
ATOM   451  O  O   . ALA A 1 60  ? 12.662  -15.263 -1.246  1.00 15.63  ? 60  ALA A O   1 
ATOM   452  C  CB  . ALA A 1 60  ? 10.544  -14.711 1.318   1.00 11.86  ? 60  ALA A CB  1 
ATOM   453  N  N   . ILE A 1 61  ? 12.795  -13.241 -0.318  1.00 14.15  ? 61  ILE A N   1 
ATOM   454  C  CA  . ILE A 1 61  ? 13.286  -12.581 -1.528  1.00 17.36  ? 61  ILE A CA  1 
ATOM   455  C  C   . ILE A 1 61  ? 14.653  -13.128 -1.946  1.00 21.75  ? 61  ILE A C   1 
ATOM   456  O  O   . ILE A 1 61  ? 14.867  -13.460 -3.121  1.00 22.63  ? 61  ILE A O   1 
ATOM   457  C  CB  . ILE A 1 61  ? 13.356  -11.045 -1.313  1.00 19.58  ? 61  ILE A CB  1 
ATOM   458  C  CG1 . ILE A 1 61  ? 11.957  -10.427 -1.276  1.00 17.93  ? 61  ILE A CG1 1 
ATOM   459  C  CG2 . ILE A 1 61  ? 14.253  -10.360 -2.351  1.00 23.90  ? 61  ILE A CG2 1 
ATOM   460  C  CD1 . ILE A 1 61  ? 11.960  -9.039  -0.594  1.00 19.13  ? 61  ILE A CD1 1 
ATOM   461  N  N   . ILE A 1 62  ? 15.574  -13.243 -0.991  1.00 16.51  ? 62  ILE A N   1 
ATOM   462  C  CA  . ILE A 1 62  ? 16.920  -13.711 -1.259  1.00 15.98  ? 62  ILE A CA  1 
ATOM   463  C  C   . ILE A 1 62  ? 16.838  -15.119 -1.854  1.00 20.33  ? 62  ILE A C   1 
ATOM   464  O  O   . ILE A 1 62  ? 17.504  -15.452 -2.841  1.00 20.28  ? 62  ILE A O   1 
ATOM   465  C  CB  . ILE A 1 62  ? 17.678  -13.638 0.058   1.00 11.73  ? 62  ILE A CB  1 
ATOM   466  C  CG1 . ILE A 1 62  ? 17.994  -12.198 0.351   1.00 18.32  ? 62  ILE A CG1 1 
ATOM   467  C  CG2 . ILE A 1 62  ? 18.930  -14.490 0.042   1.00 19.07  ? 62  ILE A CG2 1 
ATOM   468  C  CD1 . ILE A 1 62  ? 18.419  -11.932 1.805   1.00 16.57  ? 62  ILE A CD1 1 
ATOM   469  N  N   . GLU A 1 63  ? 15.964  -15.956 -1.306  1.00 18.78  ? 63  GLU A N   1 
ATOM   470  C  CA  . GLU A 1 63  ? 15.811  -17.310 -1.778  1.00 18.78  ? 63  GLU A CA  1 
ATOM   471  C  C   . GLU A 1 63  ? 15.223  -17.319 -3.170  1.00 18.71  ? 63  GLU A C   1 
ATOM   472  O  O   . GLU A 1 63  ? 15.630  -18.153 -3.989  1.00 20.22  ? 63  GLU A O   1 
ATOM   473  C  CB  A GLU A 1 63  ? 15.051  -18.133 -0.756  0.50 35.13  ? 63  GLU A CB  1 
ATOM   474  C  CB  B GLU A 1 63  ? 14.923  -18.116 -0.776  0.50 39.39  ? 63  GLU A CB  1 
ATOM   475  C  CG  A GLU A 1 63  ? 15.933  -18.318 0.482   0.50 11.63  ? 63  GLU A CG  1 
ATOM   476  C  CG  B GLU A 1 63  ? 13.784  -19.078 -1.244  0.50 29.41  ? 63  GLU A CG  1 
ATOM   477  C  CD  A GLU A 1 63  ? 15.231  -18.498 1.822   0.50 9.17   ? 63  GLU A CD  1 
ATOM   478  C  CD  B GLU A 1 63  ? 12.327  -18.617 -0.914  0.50 79.91  ? 63  GLU A CD  1 
ATOM   479  O  OE1 A GLU A 1 63  ? 14.077  -18.911 1.878   0.50 7.88   ? 63  GLU A OE1 1 
ATOM   480  O  OE1 B GLU A 1 63  ? 11.907  -18.766 0.254   0.50 20.94  ? 63  GLU A OE1 1 
ATOM   481  O  OE2 A GLU A 1 63  ? 15.873  -18.203 2.820   0.50 12.35  ? 63  GLU A OE2 1 
ATOM   482  O  OE2 B GLU A 1 63  ? 11.589  -18.126 -1.801  0.50 6.93   ? 63  GLU A OE2 1 
ATOM   483  N  N   . GLU A 1 64  ? 14.328  -16.363 -3.478  1.00 20.61  ? 64  GLU A N   1 
ATOM   484  C  CA  . GLU A 1 64  ? 13.791  -16.243 -4.835  1.00 14.36  ? 64  GLU A CA  1 
ATOM   485  C  C   . GLU A 1 64  ? 14.843  -15.865 -5.869  1.00 24.43  ? 64  GLU A C   1 
ATOM   486  O  O   . GLU A 1 64  ? 14.870  -16.443 -6.963  1.00 19.65  ? 64  GLU A O   1 
ATOM   487  C  CB  . GLU A 1 64  ? 12.698  -15.224 -4.863  1.00 15.35  ? 64  GLU A CB  1 
ATOM   488  C  CG  . GLU A 1 64  ? 12.014  -15.081 -6.224  1.00 16.08  ? 64  GLU A CG  1 
ATOM   489  C  CD  . GLU A 1 64  ? 10.737  -14.266 -6.220  1.00 18.26  ? 64  GLU A CD  1 
ATOM   490  O  OE1 . GLU A 1 64  ? 10.183  -14.021 -5.152  1.00 14.22  ? 64  GLU A OE1 1 
ATOM   491  O  OE2 . GLU A 1 64  ? 10.301  -13.863 -7.294  1.00 18.15  ? 64  GLU A OE2 1 
ATOM   492  N  N   . VAL A 1 65  ? 15.685  -14.874 -5.564  1.00 16.60  ? 65  VAL A N   1 
ATOM   493  C  CA  . VAL A 1 65  ? 16.683  -14.364 -6.518  1.00 16.38  ? 65  VAL A CA  1 
ATOM   494  C  C   . VAL A 1 65  ? 18.046  -15.093 -6.535  1.00 42.86  ? 65  VAL A C   1 
ATOM   495  O  O   . VAL A 1 65  ? 18.814  -14.969 -7.501  1.00 24.28  ? 65  VAL A O   1 
ATOM   496  C  CB  . VAL A 1 65  ? 16.903  -12.863 -6.288  1.00 14.51  ? 65  VAL A CB  1 
ATOM   497  C  CG1 . VAL A 1 65  ? 15.614  -12.093 -6.511  1.00 17.15  ? 65  VAL A CG1 1 
ATOM   498  C  CG2 . VAL A 1 65  ? 17.498  -12.574 -4.923  1.00 18.67  ? 65  VAL A CG2 1 
ATOM   499  N  N   . ASP A 1 66  ? 18.398  -15.878 -5.514  1.00 25.63  ? 66  ASP A N   1 
ATOM   500  C  CA  . ASP A 1 66  ? 19.719  -16.455 -5.409  1.00 19.88  ? 66  ASP A CA  1 
ATOM   501  C  C   . ASP A 1 66  ? 19.748  -17.960 -5.558  1.00 18.84  ? 66  ASP A C   1 
ATOM   502  O  O   . ASP A 1 66  ? 20.539  -18.671 -4.932  1.00 24.45  ? 66  ASP A O   1 
ATOM   503  C  CB  . ASP A 1 66  ? 20.374  -16.034 -4.108  1.00 26.13  ? 66  ASP A CB  1 
ATOM   504  C  CG  . ASP A 1 66  ? 21.874  -16.293 -4.152  1.00 41.73  ? 66  ASP A CG  1 
ATOM   505  O  OD1 . ASP A 1 66  ? 22.475  -16.286 -5.226  1.00 32.49  ? 66  ASP A OD1 1 
ATOM   506  O  OD2 . ASP A 1 66  ? 22.443  -16.536 -3.101  1.00 40.19  ? 66  ASP A OD2 1 
ATOM   507  N  N   . GLU A 1 67  ? 18.946  -18.476 -6.466  1.00 20.78  ? 67  GLU A N   1 
ATOM   508  C  CA  . GLU A 1 67  ? 18.966  -19.892 -6.710  1.00 37.31  ? 67  GLU A CA  1 
ATOM   509  C  C   . GLU A 1 67  ? 20.300  -20.366 -7.276  1.00 29.77  ? 67  GLU A C   1 
ATOM   510  O  O   . GLU A 1 67  ? 20.718  -21.465 -6.911  1.00 36.58  ? 67  GLU A O   1 
ATOM   511  C  CB  . GLU A 1 67  ? 17.705  -20.353 -7.464  1.00 47.34  ? 67  GLU A CB  1 
ATOM   512  C  CG  . GLU A 1 67  ? 16.492  -20.277 -6.494  1.00 71.31  ? 67  GLU A CG  1 
ATOM   513  C  CD  . GLU A 1 67  ? 15.096  -20.745 -6.952  1.00 103.55 ? 67  GLU A CD  1 
ATOM   514  O  OE1 . GLU A 1 67  ? 15.001  -21.614 -7.833  1.00 93.68  ? 67  GLU A OE1 1 
ATOM   515  O  OE2 . GLU A 1 67  ? 14.103  -20.241 -6.400  1.00 66.34  ? 67  GLU A OE2 1 
ATOM   516  N  N   . ASP A 1 68  ? 21.080  -19.601 -8.044  1.00 19.77  ? 68  ASP A N   1 
ATOM   517  C  CA  . ASP A 1 68  ? 22.384  -20.108 -8.470  1.00 28.58  ? 68  ASP A CA  1 
ATOM   518  C  C   . ASP A 1 68  ? 23.504  -20.037 -7.436  1.00 24.38  ? 68  ASP A C   1 
ATOM   519  O  O   . ASP A 1 68  ? 24.645  -20.432 -7.699  1.00 22.58  ? 68  ASP A O   1 
ATOM   520  C  CB  . ASP A 1 68  ? 22.829  -19.506 -9.783  1.00 24.66  ? 68  ASP A CB  1 
ATOM   521  C  CG  . ASP A 1 68  ? 23.145  -18.014 -9.818  1.00 40.37  ? 68  ASP A CG  1 
ATOM   522  O  OD1 . ASP A 1 68  ? 23.372  -17.400 -8.780  1.00 35.24  ? 68  ASP A OD1 1 
ATOM   523  O  OD2 . ASP A 1 68  ? 23.150  -17.448 -10.913 1.00 57.36  ? 68  ASP A OD2 1 
ATOM   524  N  N   . GLY A 1 69  ? 23.216  -19.460 -6.274  1.00 16.18  ? 69  GLY A N   1 
ATOM   525  C  CA  . GLY A 1 69  ? 24.249  -19.385 -5.276  1.00 16.68  ? 69  GLY A CA  1 
ATOM   526  C  C   . GLY A 1 69  ? 25.303  -18.318 -5.594  1.00 26.83  ? 69  GLY A C   1 
ATOM   527  O  O   . GLY A 1 69  ? 26.391  -18.355 -5.025  1.00 22.84  ? 69  GLY A O   1 
ATOM   528  N  N   . SER A 1 70  ? 25.072  -17.282 -6.410  1.00 22.35  ? 70  SER A N   1 
ATOM   529  C  CA  . SER A 1 70  ? 26.095  -16.271 -6.648  1.00 20.88  ? 70  SER A CA  1 
ATOM   530  C  C   . SER A 1 70  ? 26.141  -15.247 -5.511  1.00 21.34  ? 70  SER A C   1 
ATOM   531  O  O   . SER A 1 70  ? 27.041  -14.407 -5.455  1.00 24.80  ? 70  SER A O   1 
ATOM   532  C  CB  . SER A 1 70  ? 25.841  -15.574 -7.967  1.00 26.11  ? 70  SER A CB  1 
ATOM   533  O  OG  . SER A 1 70  ? 24.601  -14.855 -7.939  1.00 26.22  ? 70  SER A OG  1 
ATOM   534  N  N   . GLY A 1 71  ? 25.128  -15.262 -4.625  1.00 18.86  ? 71  GLY A N   1 
ATOM   535  C  CA  . GLY A 1 71  ? 25.020  -14.357 -3.480  1.00 18.68  ? 71  GLY A CA  1 
ATOM   536  C  C   . GLY A 1 71  ? 24.747  -12.895 -3.802  1.00 16.08  ? 71  GLY A C   1 
ATOM   537  O  O   . GLY A 1 71  ? 25.014  -12.027 -2.967  1.00 17.71  ? 71  GLY A O   1 
ATOM   538  N  N   . THR A 1 72  ? 24.240  -12.621 -4.999  1.00 17.62  ? 72  THR A N   1 
ATOM   539  C  CA  . THR A 1 72  ? 23.957  -11.265 -5.446  1.00 16.10  ? 72  THR A CA  1 
ATOM   540  C  C   . THR A 1 72  ? 22.509  -11.114 -5.917  1.00 15.68  ? 72  THR A C   1 
ATOM   541  O  O   . THR A 1 72  ? 21.822  -12.107 -6.179  1.00 17.00  ? 72  THR A O   1 
ATOM   542  C  CB  . THR A 1 72  ? 24.919  -10.908 -6.591  1.00 13.98  ? 72  THR A CB  1 
ATOM   543  O  OG1 . THR A 1 72  ? 24.826  -11.883 -7.648  1.00 19.21  ? 72  THR A OG1 1 
ATOM   544  C  CG2 . THR A 1 72  ? 26.342  -10.703 -6.104  1.00 17.92  ? 72  THR A CG2 1 
ATOM   545  N  N   . ILE A 1 73  ? 22.058  -9.877  -6.027  1.00 18.25  ? 73  ILE A N   1 
ATOM   546  C  CA  . ILE A 1 73  ? 20.801  -9.541  -6.684  1.00 20.33  ? 73  ILE A CA  1 
ATOM   547  C  C   . ILE A 1 73  ? 21.087  -8.433  -7.713  1.00 18.98  ? 73  ILE A C   1 
ATOM   548  O  O   . ILE A 1 73  ? 21.847  -7.512  -7.371  1.00 17.62  ? 73  ILE A O   1 
ATOM   549  C  CB  . ILE A 1 73  ? 19.729  -9.108  -5.641  1.00 15.72  ? 73  ILE A CB  1 
ATOM   550  C  CG1 . ILE A 1 73  ? 18.384  -8.779  -6.326  1.00 11.87  ? 73  ILE A CG1 1 
ATOM   551  C  CG2 . ILE A 1 73  ? 20.247  -7.996  -4.737  1.00 11.91  ? 73  ILE A CG2 1 
ATOM   552  C  CD1 . ILE A 1 73  ? 17.143  -8.606  -5.416  1.00 13.88  ? 73  ILE A CD1 1 
ATOM   553  N  N   . ASP A 1 74  ? 20.590  -8.507  -8.959  1.00 11.01  ? 74  ASP A N   1 
ATOM   554  C  CA  . ASP A 1 74  ? 20.830  -7.446  -9.906  1.00 14.51  ? 74  ASP A CA  1 
ATOM   555  C  C   . ASP A 1 74  ? 19.801  -6.324  -9.770  1.00 10.41  ? 74  ASP A C   1 
ATOM   556  O  O   . ASP A 1 74  ? 18.753  -6.492  -9.131  1.00 13.53  ? 74  ASP A O   1 
ATOM   557  C  CB  . ASP A 1 74  ? 20.921  -7.928  -11.358 1.00 15.55  ? 74  ASP A CB  1 
ATOM   558  C  CG  . ASP A 1 74  ? 19.651  -8.556  -11.890 1.00 24.72  ? 74  ASP A CG  1 
ATOM   559  O  OD1 . ASP A 1 74  ? 18.612  -7.904  -11.981 1.00 19.91  ? 74  ASP A OD1 1 
ATOM   560  O  OD2 . ASP A 1 74  ? 19.702  -9.734  -12.204 1.00 41.37  ? 74  ASP A OD2 1 
ATOM   561  N  N   . PHE A 1 75  ? 20.040  -5.210  -10.458 1.00 15.03  ? 75  PHE A N   1 
ATOM   562  C  CA  . PHE A 1 75  ? 19.191  -4.041  -10.342 1.00 11.87  ? 75  PHE A CA  1 
ATOM   563  C  C   . PHE A 1 75  ? 17.792  -4.289  -10.841 1.00 10.15  ? 75  PHE A C   1 
ATOM   564  O  O   . PHE A 1 75  ? 16.845  -3.816  -10.223 1.00 12.40  ? 75  PHE A O   1 
ATOM   565  C  CB  . PHE A 1 75  ? 19.807  -2.867  -11.092 1.00 12.77  ? 75  PHE A CB  1 
ATOM   566  C  CG  . PHE A 1 75  ? 19.051  -1.568  -10.872 1.00 14.67  ? 75  PHE A CG  1 
ATOM   567  C  CD1 . PHE A 1 75  ? 18.931  -1.048  -9.599  1.00 13.83  ? 75  PHE A CD1 1 
ATOM   568  C  CD2 . PHE A 1 75  ? 18.447  -0.944  -11.942 1.00 12.96  ? 75  PHE A CD2 1 
ATOM   569  C  CE1 . PHE A 1 75  ? 18.200  0.098   -9.410  1.00 15.49  ? 75  PHE A CE1 1 
ATOM   570  C  CE2 . PHE A 1 75  ? 17.729  0.204   -11.736 1.00 10.49  ? 75  PHE A CE2 1 
ATOM   571  C  CZ  . PHE A 1 75  ? 17.613  0.722   -10.470 1.00 11.35  ? 75  PHE A CZ  1 
ATOM   572  N  N   . GLU A 1 76  ? 17.620  -5.014  -11.941 1.00 11.88  ? 76  GLU A N   1 
ATOM   573  C  CA  . GLU A 1 76  ? 16.285  -5.278  -12.451 1.00 16.21  ? 76  GLU A CA  1 
ATOM   574  C  C   . GLU A 1 76  ? 15.446  -6.101  -11.480 1.00 14.76  ? 76  GLU A C   1 
ATOM   575  O  O   . GLU A 1 76  ? 14.247  -5.842  -11.309 1.00 14.30  ? 76  GLU A O   1 
ATOM   576  C  CB  . GLU A 1 76  ? 16.341  -5.980  -13.811 1.00 18.34  ? 76  GLU A CB  1 
ATOM   577  C  CG  . GLU A 1 76  ? 17.101  -5.206  -14.889 1.00 16.47  ? 76  GLU A CG  1 
ATOM   578  C  CD  . GLU A 1 76  ? 16.599  -3.803  -15.143 1.00 29.51  ? 76  GLU A CD  1 
ATOM   579  O  OE1 . GLU A 1 76  ? 15.397  -3.618  -15.339 1.00 24.04  ? 76  GLU A OE1 1 
ATOM   580  O  OE2 . GLU A 1 76  ? 17.422  -2.889  -15.130 1.00 32.43  ? 76  GLU A OE2 1 
ATOM   581  N  N   . GLU A 1 77  ? 16.053  -7.077  -10.796 1.00 13.59  ? 77  GLU A N   1 
ATOM   582  C  CA  . GLU A 1 77  ? 15.356  -7.881  -9.803  1.00 14.09  ? 77  GLU A CA  1 
ATOM   583  C  C   . GLU A 1 77  ? 15.100  -7.031  -8.583  1.00 17.03  ? 77  GLU A C   1 
ATOM   584  O  O   . GLU A 1 77  ? 14.032  -7.159  -7.972  1.00 14.02  ? 77  GLU A O   1 
ATOM   585  C  CB  . GLU A 1 77  ? 16.120  -9.120  -9.338  1.00 16.01  ? 77  GLU A CB  1 
ATOM   586  C  CG  . GLU A 1 77  ? 16.576  -10.051 -10.444 1.00 30.52  ? 77  GLU A CG  1 
ATOM   587  C  CD  . GLU A 1 77  ? 17.609  -11.078 -10.005 1.00 46.55  ? 77  GLU A CD  1 
ATOM   588  O  OE1 . GLU A 1 77  ? 18.700  -10.702 -9.584  1.00 31.74  ? 77  GLU A OE1 1 
ATOM   589  O  OE2 . GLU A 1 77  ? 17.330  -12.268 -10.103 1.00 57.18  ? 77  GLU A OE2 1 
ATOM   590  N  N   . PHE A 1 78  ? 16.053  -6.163  -8.223  1.00 13.49  ? 78  PHE A N   1 
ATOM   591  C  CA  . PHE A 1 78  ? 15.859  -5.208  -7.142  1.00 12.47  ? 78  PHE A CA  1 
ATOM   592  C  C   . PHE A 1 78  ? 14.610  -4.345  -7.389  1.00 15.94  ? 78  PHE A C   1 
ATOM   593  O  O   . PHE A 1 78  ? 13.783  -4.166  -6.493  1.00 12.99  ? 78  PHE A O   1 
ATOM   594  C  CB  . PHE A 1 78  ? 17.105  -4.369  -7.039  1.00 8.00   ? 78  PHE A CB  1 
ATOM   595  C  CG  . PHE A 1 78  ? 16.934  -3.231  -6.061  1.00 14.79  ? 78  PHE A CG  1 
ATOM   596  C  CD1 . PHE A 1 78  ? 16.991  -3.485  -4.702  1.00 18.21  ? 78  PHE A CD1 1 
ATOM   597  C  CD2 . PHE A 1 78  ? 16.739  -1.940  -6.531  1.00 19.32  ? 78  PHE A CD2 1 
ATOM   598  C  CE1 . PHE A 1 78  ? 16.879  -2.432  -3.800  1.00 16.20  ? 78  PHE A CE1 1 
ATOM   599  C  CE2 . PHE A 1 78  ? 16.625  -0.901  -5.618  1.00 20.26  ? 78  PHE A CE2 1 
ATOM   600  C  CZ  . PHE A 1 78  ? 16.700  -1.146  -4.259  1.00 14.37  ? 78  PHE A CZ  1 
ATOM   601  N  N   . LEU A 1 79  ? 14.391  -3.816  -8.580  1.00 9.63   ? 79  LEU A N   1 
ATOM   602  C  CA  . LEU A 1 79  ? 13.193  -3.035  -8.862  1.00 11.69  ? 79  LEU A CA  1 
ATOM   603  C  C   . LEU A 1 79  ? 11.913  -3.844  -8.691  1.00 17.59  ? 79  LEU A C   1 
ATOM   604  O  O   . LEU A 1 79  ? 10.937  -3.332  -8.130  1.00 12.65  ? 79  LEU A O   1 
ATOM   605  C  CB  . LEU A 1 79  ? 13.220  -2.404  -10.274 1.00 14.25  ? 79  LEU A CB  1 
ATOM   606  C  CG  . LEU A 1 79  ? 14.206  -1.284  -10.623 1.00 19.07  ? 79  LEU A CG  1 
ATOM   607  C  CD1 . LEU A 1 79  ? 14.052  -0.911  -12.102 1.00 12.91  ? 79  LEU A CD1 1 
ATOM   608  C  CD2 . LEU A 1 79  ? 14.064  -0.072  -9.684  1.00 9.40   ? 79  LEU A CD2 1 
ATOM   609  N  N   . VAL A 1 80  ? 11.864  -5.105  -9.150  1.00 13.49  ? 80  VAL A N   1 
ATOM   610  C  CA  . VAL A 1 80  ? 10.709  -5.973  -8.920  1.00 9.99   ? 80  VAL A CA  1 
ATOM   611  C  C   . VAL A 1 80  ? 10.396  -6.051  -7.423  1.00 16.08  ? 80  VAL A C   1 
ATOM   612  O  O   . VAL A 1 80  ? 9.224   -5.864  -7.051  1.00 10.88  ? 80  VAL A O   1 
ATOM   613  C  CB  . VAL A 1 80  ? 10.909  -7.387  -9.558  1.00 10.55  ? 80  VAL A CB  1 
ATOM   614  C  CG1 . VAL A 1 80  ? 9.790   -8.371  -9.262  1.00 11.43  ? 80  VAL A CG1 1 
ATOM   615  C  CG2 . VAL A 1 80  ? 10.972  -7.256  -11.062 1.00 7.27   ? 80  VAL A CG2 1 
ATOM   616  N  N   . MET A 1 81  ? 11.420  -6.274  -6.570  1.00 11.82  ? 81  MET A N   1 
ATOM   617  C  CA  . MET A 1 81  ? 11.248  -6.413  -5.120  1.00 16.14  ? 81  MET A CA  1 
ATOM   618  C  C   . MET A 1 81  ? 10.808  -5.126  -4.414  1.00 15.61  ? 81  MET A C   1 
ATOM   619  O  O   . MET A 1 81  ? 9.938   -5.139  -3.534  1.00 12.26  ? 81  MET A O   1 
ATOM   620  C  CB  . MET A 1 81  ? 12.525  -6.990  -4.481  1.00 8.91   ? 81  MET A CB  1 
ATOM   621  C  CG  . MET A 1 81  ? 12.927  -8.375  -5.080  1.00 10.66  ? 81  MET A CG  1 
ATOM   622  S  SD  . MET A 1 81  ? 11.545  -9.567  -5.142  1.00 16.84  ? 81  MET A SD  1 
ATOM   623  C  CE  . MET A 1 81  ? 12.135  -10.761 -6.318  1.00 14.35  ? 81  MET A CE  1 
ATOM   624  N  N   . MET A 1 82  ? 11.376  -3.984  -4.829  1.00 13.00  ? 82  MET A N   1 
ATOM   625  C  CA  . MET A 1 82  ? 10.946  -2.690  -4.345  1.00 11.27  ? 82  MET A CA  1 
ATOM   626  C  C   . MET A 1 82  ? 9.480   -2.447  -4.677  1.00 10.83  ? 82  MET A C   1 
ATOM   627  O  O   . MET A 1 82  ? 8.761   -1.958  -3.825  1.00 12.27  ? 82  MET A O   1 
ATOM   628  C  CB  . MET A 1 82  ? 11.789  -1.621  -5.016  1.00 9.55   ? 82  MET A CB  1 
ATOM   629  C  CG  . MET A 1 82  ? 13.185  -1.476  -4.413  1.00 19.53  ? 82  MET A CG  1 
ATOM   630  S  SD  . MET A 1 82  ? 13.228  -0.840  -2.720  1.00 16.20  ? 82  MET A SD  1 
ATOM   631  C  CE  . MET A 1 82  ? 12.832  0.827   -2.997  1.00 12.12  ? 82  MET A CE  1 
ATOM   632  N  N   . VAL A 1 83  ? 8.978   -2.710  -5.895  1.00 12.47  ? 83  VAL A N   1 
ATOM   633  C  CA  . VAL A 1 83  ? 7.588   -2.471  -6.270  1.00 9.33   ? 83  VAL A CA  1 
ATOM   634  C  C   . VAL A 1 83  ? 6.678   -3.389  -5.492  1.00 11.71  ? 83  VAL A C   1 
ATOM   635  O  O   . VAL A 1 83  ? 5.619   -2.951  -5.014  1.00 15.08  ? 83  VAL A O   1 
ATOM   636  C  CB  . VAL A 1 83  ? 7.447   -2.621  -7.813  1.00 10.62  ? 83  VAL A CB  1 
ATOM   637  C  CG1 . VAL A 1 83  ? 5.989   -2.536  -8.271  1.00 13.44  ? 83  VAL A CG1 1 
ATOM   638  C  CG2 . VAL A 1 83  ? 8.216   -1.460  -8.506  1.00 12.20  ? 83  VAL A CG2 1 
ATOM   639  N  N   . ARG A 1 84  ? 7.045   -4.660  -5.303  1.00 11.08  ? 84  ARG A N   1 
ATOM   640  C  CA  . ARG A 1 84  ? 6.254   -5.517  -4.421  1.00 11.51  ? 84  ARG A CA  1 
ATOM   641  C  C   . ARG A 1 84  ? 6.126   -4.909  -3.044  1.00 13.28  ? 84  ARG A C   1 
ATOM   642  O  O   . ARG A 1 84  ? 5.022   -4.803  -2.498  1.00 16.29  ? 84  ARG A O   1 
ATOM   643  C  CB  . ARG A 1 84  ? 6.873   -6.889  -4.237  1.00 8.44   ? 84  ARG A CB  1 
ATOM   644  C  CG  . ARG A 1 84  ? 6.768   -7.739  -5.453  1.00 15.73  ? 84  ARG A CG  1 
ATOM   645  C  CD  . ARG A 1 84  ? 7.273   -9.125  -5.054  1.00 25.71  ? 84  ARG A CD  1 
ATOM   646  N  NE  . ARG A 1 84  ? 7.401   -9.946  -6.238  1.00 17.59  ? 84  ARG A NE  1 
ATOM   647  C  CZ  . ARG A 1 84  ? 8.119   -11.066 -6.254  1.00 20.03  ? 84  ARG A CZ  1 
ATOM   648  N  NH1 . ARG A 1 84  ? 8.693   -11.536 -5.150  1.00 17.26  ? 84  ARG A NH1 1 
ATOM   649  N  NH2 . ARG A 1 84  ? 8.270   -11.704 -7.421  1.00 15.83  ? 84  ARG A NH2 1 
ATOM   650  N  N   . GLN A 1 85  ? 7.227   -4.461  -2.460  1.00 12.06  ? 85  GLN A N   1 
ATOM   651  C  CA  . GLN A 1 85  ? 7.191   -3.894  -1.121  1.00 10.27  ? 85  GLN A CA  1 
ATOM   652  C  C   . GLN A 1 85  ? 6.400   -2.588  -1.069  1.00 16.20  ? 85  GLN A C   1 
ATOM   653  O  O   . GLN A 1 85  ? 5.693   -2.334  -0.087  1.00 15.18  ? 85  GLN A O   1 
ATOM   654  C  CB  . GLN A 1 85  ? 8.604   -3.643  -0.601  1.00 15.00  ? 85  GLN A CB  1 
ATOM   655  C  CG  . GLN A 1 85  ? 8.722   -3.616  0.904   1.00 22.03  ? 85  GLN A CG  1 
ATOM   656  C  CD  . GLN A 1 85  ? 8.325   -4.945  1.531   1.00 17.39  ? 85  GLN A CD  1 
ATOM   657  O  OE1 . GLN A 1 85  ? 8.829   -5.999  1.150   1.00 17.41  ? 85  GLN A OE1 1 
ATOM   658  N  NE2 . GLN A 1 85  ? 7.414   -4.970  2.491   1.00 23.44  ? 85  GLN A NE2 1 
ATOM   659  N  N   . MET A 1 86  ? 6.514   -1.720  -2.065  1.00 15.39  ? 86  MET A N   1 
ATOM   660  C  CA  . MET A 1 86  ? 5.788   -0.458  -2.093  1.00 13.53  ? 86  MET A CA  1 
ATOM   661  C  C   . MET A 1 86  ? 4.315   -0.723  -2.091  1.00 12.65  ? 86  MET A C   1 
ATOM   662  O  O   . MET A 1 86  ? 3.552   -0.143  -1.324  1.00 17.47  ? 86  MET A O   1 
ATOM   663  C  CB  . MET A 1 86  ? 6.114   0.308   -3.348  1.00 16.29  ? 86  MET A CB  1 
ATOM   664  C  CG  . MET A 1 86  ? 7.453   1.026   -3.231  1.00 21.90  ? 86  MET A CG  1 
ATOM   665  S  SD  . MET A 1 86  ? 7.886   1.810   -4.802  1.00 28.05  ? 86  MET A SD  1 
ATOM   666  C  CE  . MET A 1 86  ? 9.540   1.267   -4.791  1.00 45.59  ? 86  MET A CE  1 
ATOM   667  N  N   . LYS A 1 87  ? 3.907   -1.693  -2.888  1.00 13.27  ? 87  LYS A N   1 
ATOM   668  C  CA  . LYS A 1 87  ? 2.506   -2.007  -2.914  1.00 14.63  ? 87  LYS A CA  1 
ATOM   669  C  C   . LYS A 1 87  ? 2.023   -2.571  -1.590  1.00 23.27  ? 87  LYS A C   1 
ATOM   670  O  O   . LYS A 1 87  ? 0.920   -2.256  -1.122  1.00 18.32  ? 87  LYS A O   1 
ATOM   671  C  CB  . LYS A 1 87  ? 2.185   -2.972  -4.023  1.00 14.64  ? 87  LYS A CB  1 
ATOM   672  C  CG  . LYS A 1 87  ? 2.349   -2.380  -5.406  1.00 15.63  ? 87  LYS A CG  1 
ATOM   673  C  CD  . LYS A 1 87  ? 2.255   -3.539  -6.351  1.00 17.43  ? 87  LYS A CD  1 
ATOM   674  C  CE  . LYS A 1 87  ? 2.363   -3.009  -7.753  1.00 25.97  ? 87  LYS A CE  1 
ATOM   675  N  NZ  . LYS A 1 87  ? 2.295   -4.077  -8.740  1.00 37.69  ? 87  LYS A NZ  1 
ATOM   676  N  N   . GLU A 1 88  ? 2.812   -3.422  -0.951  1.00 13.56  ? 88  GLU A N   1 
ATOM   677  C  CA  . GLU A 1 88  ? 2.375   -4.002  0.305   1.00 15.70  ? 88  GLU A CA  1 
ATOM   678  C  C   . GLU A 1 88  ? 2.314   -2.916  1.373   1.00 16.51  ? 88  GLU A C   1 
ATOM   679  O  O   . GLU A 1 88  ? 1.306   -2.869  2.089   1.00 25.52  ? 88  GLU A O   1 
ATOM   680  C  CB  . GLU A 1 88  ? 3.345   -5.102  0.694   1.00 17.32  ? 88  GLU A CB  1 
ATOM   681  C  CG  . GLU A 1 88  ? 3.052   -5.806  2.007   1.00 30.12  ? 88  GLU A CG  1 
ATOM   682  C  CD  . GLU A 1 88  ? 4.173   -6.731  2.481   1.00 50.36  ? 88  GLU A CD  1 
ATOM   683  O  OE1 . GLU A 1 88  ? 4.670   -7.551  1.690   1.00 33.50  ? 88  GLU A OE1 1 
ATOM   684  O  OE2 . GLU A 1 88  ? 4.536   -6.615  3.657   1.00 27.00  ? 88  GLU A OE2 1 
ATOM   685  N  N   . ASP A 1 89  ? 3.310   -2.021  1.491   1.00 17.53  ? 89  ASP A N   1 
ATOM   686  C  CA  . ASP A 1 89  ? 3.363   -1.029  2.558   1.00 18.76  ? 89  ASP A CA  1 
ATOM   687  C  C   . ASP A 1 89  ? 2.224   -0.031  2.335   1.00 31.67  ? 89  ASP A C   1 
ATOM   688  O  O   . ASP A 1 89  ? 1.462   0.254   3.281   1.00 26.52  ? 89  ASP A O   1 
ATOM   689  C  CB  . ASP A 1 89  ? 4.779   -0.331  2.740   1.00 28.19  ? 89  ASP A CB  1 
ATOM   690  C  CG  . ASP A 1 89  ? 6.028   -1.224  3.057   1.00 50.67  ? 89  ASP A CG  1 
ATOM   691  O  OD1 . ASP A 1 89  ? 5.892   -2.398  3.428   1.00 27.82  ? 89  ASP A OD1 1 
ATOM   692  O  OD2 . ASP A 1 89  ? 7.175   -0.761  2.927   1.00 33.49  ? 89  ASP A OD2 1 
ATOM   693  N  N   . ALA A 1 90  ? 2.022   0.470   1.113   1.00 18.68  ? 90  ALA A N   1 
ATOM   694  C  CA  . ALA A 1 90  ? 0.907   1.360   0.831   1.00 18.55  ? 90  ALA A CA  1 
ATOM   695  C  C   . ALA A 1 90  ? -0.435  0.761   1.226   1.00 16.15  ? 90  ALA A C   1 
ATOM   696  O  O   . ALA A 1 90  ? -1.214  1.406   1.916   1.00 35.16  ? 90  ALA A O   1 
ATOM   697  C  CB  . ALA A 1 90  ? 0.877   1.782   -0.638  1.00 17.73  ? 90  ALA A CB  1 
ATOM   698  N  N   . LYS A 1 91  ? -0.719  -0.500  0.926   1.00 19.55  ? 91  LYS A N   1 
ATOM   699  C  CA  . LYS A 1 91  ? -1.926  -1.206  1.357   1.00 22.92  ? 91  LYS A CA  1 
ATOM   700  C  C   . LYS A 1 91  ? -2.113  -1.184  2.867   1.00 34.87  ? 91  LYS A C   1 
ATOM   701  O  O   . LYS A 1 91  ? -3.193  -0.948  3.417   1.00 27.99  ? 91  LYS A O   1 
ATOM   702  C  CB  . LYS A 1 91  ? -1.773  -2.644  0.842   1.00 32.84  ? 91  LYS A CB  1 
ATOM   703  C  CG  . LYS A 1 91  ? -2.536  -3.838  1.418   1.00 55.43  ? 91  LYS A CG  1 
ATOM   704  C  CD  . LYS A 1 91  ? -4.001  -3.896  0.984   1.00 96.66  ? 91  LYS A CD  1 
ATOM   705  C  CE  . LYS A 1 91  ? -4.607  -5.249  1.381   1.00 90.39  ? 91  LYS A CE  1 
ATOM   706  N  NZ  . LYS A 1 91  ? -6.001  -5.366  0.974   1.00 97.26  ? 91  LYS A NZ  1 
ATOM   707  N  N   . GLY A 1 92  ? -1.016  -1.390  3.578   1.00 29.16  ? 92  GLY A N   1 
ATOM   708  C  CA  . GLY A 1 92  ? -1.073  -1.388  5.026   1.00 27.92  ? 92  GLY A CA  1 
ATOM   709  C  C   . GLY A 1 92  ? -1.344  0.009   5.550   1.00 24.80  ? 92  GLY A C   1 
ATOM   710  O  O   . GLY A 1 92  ? -2.058  0.178   6.547   1.00 27.71  ? 92  GLY A O   1 
ATOM   711  N  N   . LYS A 1 93  ? -0.798  1.027   4.892   1.00 17.27  ? 93  LYS A N   1 
ATOM   712  C  CA  . LYS A 1 93  ? -1.019  2.391   5.320   1.00 25.84  ? 93  LYS A CA  1 
ATOM   713  C  C   . LYS A 1 93  ? -2.478  2.725   5.105   1.00 34.99  ? 93  LYS A C   1 
ATOM   714  O  O   . LYS A 1 93  ? -3.086  3.303   6.011   1.00 31.12  ? 93  LYS A O   1 
ATOM   715  C  CB  . LYS A 1 93  ? -0.190  3.317   4.491   1.00 22.08  ? 93  LYS A CB  1 
ATOM   716  C  CG  . LYS A 1 93  ? 0.598   4.367   5.248   1.00 51.61  ? 93  LYS A CG  1 
ATOM   717  C  CD  . LYS A 1 93  ? -0.086  5.730   5.314   1.00 46.58  ? 93  LYS A CD  1 
ATOM   718  C  CE  . LYS A 1 93  ? 0.957   6.855   5.172   1.00 62.29  ? 93  LYS A CE  1 
ATOM   719  N  NZ  . LYS A 1 93  ? 1.125   7.601   6.410   1.00 82.06  ? 93  LYS A NZ  1 
ATOM   720  N  N   . SER A 1 94  ? -3.078  2.336   3.972   1.00 23.99  ? 94  SER A N   1 
ATOM   721  C  CA  . SER A 1 94  ? -4.470  2.667   3.697   1.00 33.97  ? 94  SER A CA  1 
ATOM   722  C  C   . SER A 1 94  ? -5.424  2.007   4.674   1.00 19.33  ? 94  SER A C   1 
ATOM   723  O  O   . SER A 1 94  ? -6.316  2.696   5.172   1.00 22.74  ? 94  SER A O   1 
ATOM   724  C  CB  . SER A 1 94  ? -4.875  2.354   2.250   1.00 16.91  ? 94  SER A CB  1 
ATOM   725  O  OG  . SER A 1 94  ? -4.758  0.983   2.017   1.00 53.18  ? 94  SER A OG  1 
ATOM   726  N  N   . GLU A 1 95  ? -5.255  0.727   5.006   1.00 26.51  ? 95  GLU A N   1 
ATOM   727  C  CA  . GLU A 1 95  ? -6.053  0.078   6.050   1.00 39.02  ? 95  GLU A CA  1 
ATOM   728  C  C   . GLU A 1 95  ? -5.995  0.723   7.448   1.00 38.41  ? 95  GLU A C   1 
ATOM   729  O  O   . GLU A 1 95  ? -6.998  0.920   8.162   1.00 26.81  ? 95  GLU A O   1 
ATOM   730  C  CB  . GLU A 1 95  ? -5.661  -1.369  6.172   1.00 29.96  ? 95  GLU A CB  1 
ATOM   731  C  CG  . GLU A 1 95  ? -5.918  -2.159  4.909   1.00 58.90  ? 95  GLU A CG  1 
ATOM   732  C  CD  . GLU A 1 95  ? -5.380  -3.582  4.970   1.00 76.94  ? 95  GLU A CD  1 
ATOM   733  O  OE1 . GLU A 1 95  ? -4.388  -3.869  5.656   1.00 74.81  ? 95  GLU A OE1 1 
ATOM   734  O  OE2 . GLU A 1 95  ? -5.981  -4.413  4.298   1.00 81.55  ? 95  GLU A OE2 1 
ATOM   735  N  N   . GLU A 1 96  ? -4.792  1.115   7.841   1.00 23.14  ? 96  GLU A N   1 
ATOM   736  C  CA  . GLU A 1 96  ? -4.574  1.821   9.095   1.00 35.71  ? 96  GLU A CA  1 
ATOM   737  C  C   . GLU A 1 96  ? -5.326  3.163   9.114   1.00 17.82  ? 96  GLU A C   1 
ATOM   738  O  O   . GLU A 1 96  ? -6.043  3.479   10.070  1.00 20.36  ? 96  GLU A O   1 
ATOM   739  C  CB  . GLU A 1 96  ? -3.098  2.055   9.165   1.00 27.59  ? 96  GLU A CB  1 
ATOM   740  C  CG  . GLU A 1 96  ? -2.564  2.127   10.559  1.00 57.87  ? 96  GLU A CG  1 
ATOM   741  C  CD  . GLU A 1 96  ? -1.223  2.848   10.582  1.00 92.70  ? 96  GLU A CD  1 
ATOM   742  O  OE1 . GLU A 1 96  ? -0.230  2.314   10.064  1.00 70.97  ? 96  GLU A OE1 1 
ATOM   743  O  OE2 . GLU A 1 96  ? -1.198  3.962   11.113  1.00 98.93  ? 96  GLU A OE2 1 
ATOM   744  N  N   . GLU A 1 97  ? -5.206  3.963   8.046   1.00 18.87  ? 97  GLU A N   1 
ATOM   745  C  CA  . GLU A 1 97  ? -5.911  5.218   7.910   1.00 18.50  ? 97  GLU A CA  1 
ATOM   746  C  C   . GLU A 1 97  ? -7.406  5.044   7.877   1.00 26.82  ? 97  GLU A C   1 
ATOM   747  O  O   . GLU A 1 97  ? -8.094  5.818   8.541   1.00 29.59  ? 97  GLU A O   1 
ATOM   748  C  CB  . GLU A 1 97  ? -5.463  5.993   6.694   1.00 20.91  ? 97  GLU A CB  1 
ATOM   749  C  CG  . GLU A 1 97  ? -4.024  6.514   6.824   1.00 32.14  ? 97  GLU A CG  1 
ATOM   750  C  CD  . GLU A 1 97  ? -3.812  7.434   8.012   1.00 18.75  ? 97  GLU A CD  1 
ATOM   751  O  OE1 . GLU A 1 97  ? -4.215  8.586   7.966   1.00 69.47  ? 97  GLU A OE1 1 
ATOM   752  O  OE2 . GLU A 1 97  ? -3.244  7.004   9.006   1.00 69.52  ? 97  GLU A OE2 1 
ATOM   753  N  N   . LEU A 1 98  ? -7.950  4.031   7.203   1.00 18.23  ? 98  LEU A N   1 
ATOM   754  C  CA  . LEU A 1 98  ? -9.393  3.801   7.196   1.00 18.62  ? 98  LEU A CA  1 
ATOM   755  C  C   . LEU A 1 98  ? -9.912  3.436   8.607   1.00 21.59  ? 98  LEU A C   1 
ATOM   756  O  O   . LEU A 1 98  ? -10.952 3.966   9.024   1.00 20.06  ? 98  LEU A O   1 
ATOM   757  C  CB  . LEU A 1 98  ? -9.767  2.753   6.134   1.00 13.53  ? 98  LEU A CB  1 
ATOM   758  C  CG  . LEU A 1 98  ? -9.693  3.224   4.689   1.00 15.21  ? 98  LEU A CG  1 
ATOM   759  C  CD1 . LEU A 1 98  ? -9.674  2.082   3.700   1.00 17.85  ? 98  LEU A CD1 1 
ATOM   760  C  CD2 . LEU A 1 98  ? -10.854 4.135   4.401   1.00 21.17  ? 98  LEU A CD2 1 
ATOM   761  N  N   . ALA A 1 99  ? -9.199  2.607   9.387   1.00 14.97  ? 99  ALA A N   1 
ATOM   762  C  CA  . ALA A 1 99  ? -9.555  2.312   10.775  1.00 23.16  ? 99  ALA A CA  1 
ATOM   763  C  C   . ALA A 1 99  ? -9.554  3.583   11.635  1.00 19.86  ? 99  ALA A C   1 
ATOM   764  O  O   . ALA A 1 99  ? -10.485 3.773   12.427  1.00 20.95  ? 99  ALA A O   1 
ATOM   765  C  CB  . ALA A 1 99  ? -8.615  1.257   11.397  1.00 10.68  ? 99  ALA A CB  1 
ATOM   766  N  N   . ASN A 1 100 ? -8.613  4.524   11.450  1.00 22.10  ? 100 ASN A N   1 
ATOM   767  C  CA  . ASN A 1 100 ? -8.659  5.782   12.195  1.00 26.14  ? 100 ASN A CA  1 
ATOM   768  C  C   . ASN A 1 100 ? -9.831  6.647   11.757  1.00 17.76  ? 100 ASN A C   1 
ATOM   769  O  O   . ASN A 1 100 ? -10.527 7.185   12.607  1.00 26.52  ? 100 ASN A O   1 
ATOM   770  C  CB  . ASN A 1 100 ? -7.372  6.599   12.090  1.00 27.02  ? 100 ASN A CB  1 
ATOM   771  C  CG  . ASN A 1 100 ? -6.142  5.875   12.616  1.00 18.99  ? 100 ASN A CG  1 
ATOM   772  O  OD1 . ASN A 1 100 ? -5.051  6.225   12.185  1.00 36.13  ? 100 ASN A OD1 1 
ATOM   773  N  ND2 . ASN A 1 100 ? -6.241  4.964   13.443  1.00 34.45  ? 100 ASN A ND2 1 
ATOM   774  N  N   . CYS A 1 101 ? -10.108 6.770   10.471  1.00 16.64  ? 101 CYS A N   1 
ATOM   775  C  CA  . CYS A 1 101 ? -11.272 7.461   9.943   1.00 19.56  ? 101 CYS A CA  1 
ATOM   776  C  C   . CYS A 1 101 ? -12.572 6.935   10.529  1.00 18.48  ? 101 CYS A C   1 
ATOM   777  O  O   . CYS A 1 101 ? -13.454 7.731   10.861  1.00 18.42  ? 101 CYS A O   1 
ATOM   778  C  CB  A CYS A 1 101 ? -11.218 7.350   8.404   0.50 13.89  ? 101 CYS A CB  1 
ATOM   779  C  CB  B CYS A 1 101 ? -11.406 7.323   8.449   0.50 24.30  ? 101 CYS A CB  1 
ATOM   780  S  SG  A CYS A 1 101 ? -12.544 8.004   7.340   0.50 16.22  ? 101 CYS A SG  1 
ATOM   781  S  SG  B CYS A 1 101 ? -10.235 8.316   7.531   0.50 41.93  ? 101 CYS A SG  1 
ATOM   782  N  N   . PHE A 1 102 ? -12.722 5.619   10.708  1.00 19.69  ? 102 PHE A N   1 
ATOM   783  C  CA  . PHE A 1 102 ? -13.947 5.063   11.259  1.00 16.89  ? 102 PHE A CA  1 
ATOM   784  C  C   . PHE A 1 102 ? -14.073 5.481   12.719  1.00 24.79  ? 102 PHE A C   1 
ATOM   785  O  O   . PHE A 1 102 ? -15.155 5.874   13.179  1.00 17.34  ? 102 PHE A O   1 
ATOM   786  C  CB  . PHE A 1 102 ? -13.929 3.548   11.156  1.00 9.99   ? 102 PHE A CB  1 
ATOM   787  C  CG  . PHE A 1 102 ? -15.225 2.920   11.583  1.00 10.40  ? 102 PHE A CG  1 
ATOM   788  C  CD1 . PHE A 1 102 ? -16.250 2.853   10.679  1.00 13.44  ? 102 PHE A CD1 1 
ATOM   789  C  CD2 . PHE A 1 102 ? -15.381 2.442   12.879  1.00 19.19  ? 102 PHE A CD2 1 
ATOM   790  C  CE1 . PHE A 1 102 ? -17.458 2.332   11.093  1.00 25.40  ? 102 PHE A CE1 1 
ATOM   791  C  CE2 . PHE A 1 102 ? -16.583 1.908   13.290  1.00 18.90  ? 102 PHE A CE2 1 
ATOM   792  C  CZ  . PHE A 1 102 ? -17.627 1.861   12.389  1.00 18.23  ? 102 PHE A CZ  1 
ATOM   793  N  N   . ARG A 1 103 ? -12.971 5.426   13.475  1.00 22.99  ? 103 ARG A N   1 
ATOM   794  C  CA  . ARG A 1 103 ? -13.034 5.771   14.899  1.00 52.05  ? 103 ARG A CA  1 
ATOM   795  C  C   . ARG A 1 103 ? -13.395 7.244   15.105  1.00 22.52  ? 103 ARG A C   1 
ATOM   796  O  O   . ARG A 1 103 ? -14.093 7.569   16.060  1.00 24.92  ? 103 ARG A O   1 
ATOM   797  C  CB  . ARG A 1 103 ? -11.813 5.248   15.728  1.00 24.97  ? 103 ARG A CB  1 
ATOM   798  C  CG  . ARG A 1 103 ? -11.748 3.698   15.609  1.00 27.36  ? 103 ARG A CG  1 
ATOM   799  C  CD  . ARG A 1 103 ? -11.034 2.960   16.736  1.00 28.04  ? 103 ARG A CD  1 
ATOM   800  N  NE  . ARG A 1 103 ? -9.681  3.454   16.925  1.00 30.72  ? 103 ARG A NE  1 
ATOM   801  C  CZ  . ARG A 1 103 ? -8.627  2.985   16.250  1.00 45.31  ? 103 ARG A CZ  1 
ATOM   802  N  NH1 . ARG A 1 103 ? -8.751  2.041   15.318  1.00 33.92  ? 103 ARG A NH1 1 
ATOM   803  N  NH2 . ARG A 1 103 ? -7.415  3.476   16.535  1.00 50.76  ? 103 ARG A NH2 1 
ATOM   804  N  N   . ILE A 1 104 ? -13.007 8.132   14.190  1.00 26.59  ? 104 ILE A N   1 
ATOM   805  C  CA  . ILE A 1 104 ? -13.459 9.511   14.191  1.00 26.17  ? 104 ILE A CA  1 
ATOM   806  C  C   . ILE A 1 104 ? -14.915 9.651   13.797  1.00 25.91  ? 104 ILE A C   1 
ATOM   807  O  O   . ILE A 1 104 ? -15.655 10.332  14.512  1.00 26.68  ? 104 ILE A O   1 
ATOM   808  C  CB  . ILE A 1 104 ? -12.531 10.407  13.330  1.00 28.48  ? 104 ILE A CB  1 
ATOM   809  C  CG1 . ILE A 1 104 ? -11.178 10.566  14.038  1.00 39.61  ? 104 ILE A CG1 1 
ATOM   810  C  CG2 . ILE A 1 104 ? -13.133 11.772  12.993  1.00 31.59  ? 104 ILE A CG2 1 
ATOM   811  C  CD1 . ILE A 1 104 ? -10.126 11.293  13.164  1.00 60.34  ? 104 ILE A CD1 1 
ATOM   812  N  N   . PHE A 1 105 ? -15.351 9.100   12.665  1.00 16.52  ? 105 PHE A N   1 
ATOM   813  C  CA  . PHE A 1 105 ? -16.748 9.119   12.268  1.00 17.27  ? 105 PHE A CA  1 
ATOM   814  C  C   . PHE A 1 105 ? -17.682 8.581   13.360  1.00 24.56  ? 105 PHE A C   1 
ATOM   815  O  O   . PHE A 1 105 ? -18.803 9.063   13.582  1.00 17.37  ? 105 PHE A O   1 
ATOM   816  C  CB  . PHE A 1 105 ? -16.908 8.218   11.067  1.00 29.07  ? 105 PHE A CB  1 
ATOM   817  C  CG  . PHE A 1 105 ? -16.858 8.791   9.653   1.00 57.16  ? 105 PHE A CG  1 
ATOM   818  C  CD1 . PHE A 1 105 ? -15.659 8.964   8.996   1.00 31.02  ? 105 PHE A CD1 1 
ATOM   819  C  CD2 . PHE A 1 105 ? -18.054 9.013   8.972   1.00 67.39  ? 105 PHE A CD2 1 
ATOM   820  C  CE1 . PHE A 1 105 ? -15.667 9.301   7.649   1.00 48.47  ? 105 PHE A CE1 1 
ATOM   821  C  CE2 . PHE A 1 105 ? -18.054 9.365   7.637   1.00 43.21  ? 105 PHE A CE2 1 
ATOM   822  C  CZ  . PHE A 1 105 ? -16.851 9.491   6.964   1.00 38.83  ? 105 PHE A CZ  1 
ATOM   823  N  N   . ASP A 1 106 ? -17.298 7.530   14.081  1.00 11.07  ? 106 ASP A N   1 
ATOM   824  C  CA  . ASP A 1 106 ? -18.168 6.948   15.083  1.00 10.47  ? 106 ASP A CA  1 
ATOM   825  C  C   . ASP A 1 106 ? -17.995 7.697   16.400  1.00 14.99  ? 106 ASP A C   1 
ATOM   826  O  O   . ASP A 1 106 ? -17.361 7.203   17.330  1.00 19.31  ? 106 ASP A O   1 
ATOM   827  C  CB  . ASP A 1 106 ? -17.827 5.485   15.227  1.00 13.62  ? 106 ASP A CB  1 
ATOM   828  C  CG  . ASP A 1 106 ? -18.597 4.722   16.282  1.00 23.99  ? 106 ASP A CG  1 
ATOM   829  O  OD1 . ASP A 1 106 ? -19.664 5.152   16.730  1.00 15.49  ? 106 ASP A OD1 1 
ATOM   830  O  OD2 . ASP A 1 106 ? -18.104 3.659   16.637  1.00 14.98  ? 106 ASP A OD2 1 
ATOM   831  N  N   . LYS A 1 107 ? -18.686 8.833   16.494  1.00 15.77  ? 107 LYS A N   1 
ATOM   832  C  CA  . LYS A 1 107 ? -18.531 9.795   17.587  1.00 19.48  ? 107 LYS A CA  1 
ATOM   833  C  C   . LYS A 1 107 ? -18.814 9.255   18.960  1.00 16.05  ? 107 LYS A C   1 
ATOM   834  O  O   . LYS A 1 107 ? -18.198 9.614   19.947  1.00 20.44  ? 107 LYS A O   1 
ATOM   835  C  CB  . LYS A 1 107 ? -19.469 10.971  17.366  1.00 25.35  ? 107 LYS A CB  1 
ATOM   836  C  CG  . LYS A 1 107 ? -18.983 11.719  16.171  1.00 43.79  ? 107 LYS A CG  1 
ATOM   837  C  CD  . LYS A 1 107 ? -19.817 12.934  15.851  1.00 59.54  ? 107 LYS A CD  1 
ATOM   838  C  CE  . LYS A 1 107 ? -19.584 13.253  14.369  1.00 68.13  ? 107 LYS A CE  1 
ATOM   839  N  NZ  . LYS A 1 107 ? -19.919 12.107  13.514  1.00 55.38  ? 107 LYS A NZ  1 
ATOM   840  N  N   . ASN A 1 108 ? -19.853 8.426   19.011  1.00 24.24  ? 108 ASN A N   1 
ATOM   841  C  CA  . ASN A 1 108 ? -20.209 7.755   20.246  1.00 23.93  ? 108 ASN A CA  1 
ATOM   842  C  C   . ASN A 1 108 ? -19.504 6.447   20.594  1.00 26.10  ? 108 ASN A C   1 
ATOM   843  O  O   . ASN A 1 108 ? -19.860 5.779   21.568  1.00 20.05  ? 108 ASN A O   1 
ATOM   844  C  CB  . ASN A 1 108 ? -21.685 7.590   20.261  1.00 20.58  ? 108 ASN A CB  1 
ATOM   845  C  CG  . ASN A 1 108 ? -22.242 6.535   19.305  1.00 18.98  ? 108 ASN A CG  1 
ATOM   846  O  OD1 . ASN A 1 108 ? -21.669 6.053   18.279  1.00 23.23  ? 108 ASN A OD1 1 
ATOM   847  N  ND2 . ASN A 1 108 ? -23.482 6.204   19.648  1.00 27.60  ? 108 ASN A ND2 1 
ATOM   848  N  N   . ALA A 1 109 ? -18.532 6.038   19.754  1.00 20.53  ? 109 ALA A N   1 
ATOM   849  C  CA  . ALA A 1 109 ? -17.737 4.833   19.943  1.00 14.50  ? 109 ALA A CA  1 
ATOM   850  C  C   . ALA A 1 109 ? -18.527 3.559   20.165  1.00 23.59  ? 109 ALA A C   1 
ATOM   851  O  O   . ALA A 1 109 ? -18.142 2.683   20.920  1.00 22.10  ? 109 ALA A O   1 
ATOM   852  C  CB  . ALA A 1 109 ? -16.728 5.044   21.086  1.00 18.79  ? 109 ALA A CB  1 
ATOM   853  N  N   . ASP A 1 110 ? -19.663 3.393   19.473  1.00 18.67  ? 110 ASP A N   1 
ATOM   854  C  CA  . ASP A 1 110 ? -20.425 2.164   19.628  1.00 17.08  ? 110 ASP A CA  1 
ATOM   855  C  C   . ASP A 1 110 ? -20.163 1.112   18.584  1.00 20.93  ? 110 ASP A C   1 
ATOM   856  O  O   . ASP A 1 110 ? -20.871 0.115   18.534  1.00 24.00  ? 110 ASP A O   1 
ATOM   857  C  CB  . ASP A 1 110 ? -21.910 2.459   19.686  1.00 18.81  ? 110 ASP A CB  1 
ATOM   858  C  CG  . ASP A 1 110 ? -22.637 2.978   18.434  1.00 31.21  ? 110 ASP A CG  1 
ATOM   859  O  OD1 . ASP A 1 110 ? -22.007 3.250   17.414  1.00 18.79  ? 110 ASP A OD1 1 
ATOM   860  O  OD2 . ASP A 1 110 ? -23.855 3.142   18.502  1.00 17.88  ? 110 ASP A OD2 1 
ATOM   861  N  N   . GLY A 1 111 ? -19.230 1.358   17.666  1.00 14.24  ? 111 GLY A N   1 
ATOM   862  C  CA  . GLY A 1 111 ? -18.943 0.418   16.597  1.00 13.24  ? 111 GLY A CA  1 
ATOM   863  C  C   . GLY A 1 111 ? -19.809 0.578   15.350  1.00 18.40  ? 111 GLY A C   1 
ATOM   864  O  O   . GLY A 1 111 ? -19.749 -0.232  14.421  1.00 17.48  ? 111 GLY A O   1 
ATOM   865  N  N   . PHE A 1 112 ? -20.649 1.609   15.289  1.00 9.52   ? 112 PHE A N   1 
ATOM   866  C  CA  . PHE A 1 112 ? -21.416 1.882   14.086  1.00 12.33  ? 112 PHE A CA  1 
ATOM   867  C  C   . PHE A 1 112 ? -21.446 3.384   13.831  1.00 10.70  ? 112 PHE A C   1 
ATOM   868  O  O   . PHE A 1 112 ? -21.455 4.238   14.800  1.00 22.25  ? 112 PHE A O   1 
ATOM   869  C  CB  . PHE A 1 112 ? -22.886 1.433   14.277  1.00 21.56  ? 112 PHE A CB  1 
ATOM   870  C  CG  . PHE A 1 112 ? -23.118 -0.012  14.726  1.00 28.74  ? 112 PHE A CG  1 
ATOM   871  C  CD1 . PHE A 1 112 ? -23.201 -1.034  13.795  1.00 29.53  ? 112 PHE A CD1 1 
ATOM   872  C  CD2 . PHE A 1 112 ? -23.265 -0.303  16.066  1.00 27.36  ? 112 PHE A CD2 1 
ATOM   873  C  CE1 . PHE A 1 112 ? -23.431 -2.335  14.205  1.00 21.08  ? 112 PHE A CE1 1 
ATOM   874  C  CE2 . PHE A 1 112 ? -23.466 -1.613  16.470  1.00 21.48  ? 112 PHE A CE2 1 
ATOM   875  C  CZ  . PHE A 1 112 ? -23.554 -2.630  15.544  1.00 23.01  ? 112 PHE A CZ  1 
ATOM   876  N  N   . ILE A 1 113 ? -21.491 3.680   12.527  1.00 7.76   ? 113 ILE A N   1 
ATOM   877  C  CA  . ILE A 1 113 ? -21.878 5.010   12.020  1.00 12.28  ? 113 ILE A CA  1 
ATOM   878  C  C   . ILE A 1 113 ? -23.385 5.045   11.758  1.00 13.74  ? 113 ILE A C   1 
ATOM   879  O  O   . ILE A 1 113 ? -23.895 4.278   10.946  1.00 15.81  ? 113 ILE A O   1 
ATOM   880  C  CB  . ILE A 1 113 ? -21.094 5.399   10.727  1.00 13.08  ? 113 ILE A CB  1 
ATOM   881  C  CG1 . ILE A 1 113 ? -19.599 5.319   11.041  1.00 15.85  ? 113 ILE A CG1 1 
ATOM   882  C  CG2 . ILE A 1 113 ? -21.383 6.816   10.226  1.00 8.39   ? 113 ILE A CG2 1 
ATOM   883  C  CD1 . ILE A 1 113 ? -18.828 5.435   9.740   1.00 26.60  ? 113 ILE A CD1 1 
ATOM   884  N  N   . ASP A 1 114 ? -24.151 5.891   12.440  1.00 14.68  ? 114 ASP A N   1 
ATOM   885  C  CA  . ASP A 1 114 ? -25.604 5.902   12.234  1.00 10.96  ? 114 ASP A CA  1 
ATOM   886  C  C   . ASP A 1 114 ? -25.908 7.088   11.349  1.00 7.39   ? 114 ASP A C   1 
ATOM   887  O  O   . ASP A 1 114 ? -24.960 7.838   11.030  1.00 12.71  ? 114 ASP A O   1 
ATOM   888  C  CB  . ASP A 1 114 ? -26.345 5.974   13.558  1.00 11.79  ? 114 ASP A CB  1 
ATOM   889  C  CG  . ASP A 1 114 ? -26.034 7.139   14.485  1.00 20.28  ? 114 ASP A CG  1 
ATOM   890  O  OD1 . ASP A 1 114 ? -25.897 8.281   14.053  1.00 17.42  ? 114 ASP A OD1 1 
ATOM   891  O  OD2 . ASP A 1 114 ? -25.944 6.907   15.682  1.00 15.98  ? 114 ASP A OD2 1 
ATOM   892  N  N   . ILE A 1 115 ? -27.174 7.363   10.973  1.00 15.19  ? 115 ILE A N   1 
ATOM   893  C  CA  . ILE A 1 115 ? -27.479 8.442   10.008  1.00 19.91  ? 115 ILE A CA  1 
ATOM   894  C  C   . ILE A 1 115 ? -27.156 9.788   10.601  1.00 14.98  ? 115 ILE A C   1 
ATOM   895  O  O   . ILE A 1 115 ? -26.740 10.677  9.866   1.00 15.81  ? 115 ILE A O   1 
ATOM   896  C  CB  . ILE A 1 115 ? -28.902 8.657   9.342   1.00 24.44  ? 115 ILE A CB  1 
ATOM   897  C  CG1 . ILE A 1 115 ? -30.041 7.974   10.012  1.00 43.62  ? 115 ILE A CG1 1 
ATOM   898  C  CG2 . ILE A 1 115 ? -28.965 8.638   7.806   1.00 25.20  ? 115 ILE A CG2 1 
ATOM   899  C  CD1 . ILE A 1 115 ? -30.483 8.736   11.260  1.00 48.64  ? 115 ILE A CD1 1 
ATOM   900  N  N   . GLU A 1 116 ? -27.318 9.974   11.912  1.00 13.19  ? 116 GLU A N   1 
ATOM   901  C  CA  . GLU A 1 116 ? -26.939 11.253  12.499  1.00 16.64  ? 116 GLU A CA  1 
ATOM   902  C  C   . GLU A 1 116 ? -25.457 11.514  12.426  1.00 14.35  ? 116 GLU A C   1 
ATOM   903  O  O   . GLU A 1 116 ? -25.074 12.621  12.050  1.00 20.19  ? 116 GLU A O   1 
ATOM   904  C  CB  . GLU A 1 116 ? -27.418 11.397  13.915  1.00 22.34  ? 116 GLU A CB  1 
ATOM   905  C  CG  . GLU A 1 116 ? -28.935 11.502  13.851  1.00 38.72  ? 116 GLU A CG  1 
ATOM   906  C  CD  . GLU A 1 116 ? -29.670 10.425  14.629  1.00 69.96  ? 116 GLU A CD  1 
ATOM   907  O  OE1 . GLU A 1 116 ? -29.488 9.235   14.342  1.00 83.18  ? 116 GLU A OE1 1 
ATOM   908  O  OE2 . GLU A 1 116 ? -30.424 10.792  15.529  1.00 87.14  ? 116 GLU A OE2 1 
ATOM   909  N  N   . GLU A 1 117 ? -24.601 10.538  12.724  1.00 16.25  ? 117 GLU A N   1 
ATOM   910  C  CA  . GLU A 1 117 ? -23.146 10.737  12.634  1.00 20.68  ? 117 GLU A CA  1 
ATOM   911  C  C   . GLU A 1 117 ? -22.721 10.962  11.179  1.00 16.23  ? 117 GLU A C   1 
ATOM   912  O  O   . GLU A 1 117 ? -21.859 11.806  10.878  1.00 15.87  ? 117 GLU A O   1 
ATOM   913  C  CB  . GLU A 1 117 ? -22.337 9.560   13.190  1.00 13.57  ? 117 GLU A CB  1 
ATOM   914  C  CG  . GLU A 1 117 ? -22.598 9.336   14.681  1.00 21.01  ? 117 GLU A CG  1 
ATOM   915  C  CD  . GLU A 1 117 ? -22.138 8.009   15.276  1.00 18.61  ? 117 GLU A CD  1 
ATOM   916  O  OE1 . GLU A 1 117 ? -22.319 6.978   14.656  1.00 14.28  ? 117 GLU A OE1 1 
ATOM   917  O  OE2 . GLU A 1 117 ? -21.621 7.988   16.383  1.00 20.62  ? 117 GLU A OE2 1 
ATOM   918  N  N   . LEU A 1 118 ? -23.350 10.217  10.263  1.00 10.97  ? 118 LEU A N   1 
ATOM   919  C  CA  . LEU A 1 118 ? -23.018 10.316  8.841   1.00 13.93  ? 118 LEU A CA  1 
ATOM   920  C  C   . LEU A 1 118 ? -23.419 11.707  8.340   1.00 17.17  ? 118 LEU A C   1 
ATOM   921  O  O   . LEU A 1 118 ? -22.596 12.357  7.680   1.00 17.59  ? 118 LEU A O   1 
ATOM   922  C  CB  . LEU A 1 118 ? -23.734 9.222   8.024   1.00 16.15  ? 118 LEU A CB  1 
ATOM   923  C  CG  . LEU A 1 118 ? -23.460 9.173   6.532   1.00 8.92   ? 118 LEU A CG  1 
ATOM   924  C  CD1 . LEU A 1 118 ? -22.010 8.836   6.271   1.00 11.38  ? 118 LEU A CD1 1 
ATOM   925  C  CD2 . LEU A 1 118 ? -24.332 8.135   5.917   1.00 9.80   ? 118 LEU A CD2 1 
ATOM   926  N  N   . GLY A 1 119 ? -24.612 12.220  8.676   1.00 15.16  ? 119 GLY A N   1 
ATOM   927  C  CA  . GLY A 1 119 ? -25.050 13.521  8.210   1.00 14.07  ? 119 GLY A CA  1 
ATOM   928  C  C   . GLY A 1 119 ? -24.160 14.639  8.730   1.00 20.04  ? 119 GLY A C   1 
ATOM   929  O  O   . GLY A 1 119 ? -23.799 15.596  8.025   1.00 16.91  ? 119 GLY A O   1 
ATOM   930  N  N   . GLU A 1 120 ? -23.757 14.486  9.986   1.00 17.36  ? 120 GLU A N   1 
ATOM   931  C  CA  . GLU A 1 120 ? -22.928 15.494  10.607  1.00 12.87  ? 120 GLU A CA  1 
ATOM   932  C  C   . GLU A 1 120 ? -21.521 15.543  9.996   1.00 21.07  ? 120 GLU A C   1 
ATOM   933  O  O   . GLU A 1 120 ? -20.982 16.620  9.696   1.00 18.97  ? 120 GLU A O   1 
ATOM   934  C  CB  . GLU A 1 120 ? -22.914 15.139  12.045  1.00 15.73  ? 120 GLU A CB  1 
ATOM   935  C  CG  . GLU A 1 120 ? -22.387 16.262  12.875  1.00 38.09  ? 120 GLU A CG  1 
ATOM   936  C  CD  . GLU A 1 120 ? -22.375 15.963  14.369  1.00 54.77  ? 120 GLU A CD  1 
ATOM   937  O  OE1 . GLU A 1 120 ? -22.728 14.860  14.798  1.00 69.88  ? 120 GLU A OE1 1 
ATOM   938  O  OE2 . GLU A 1 120 ? -22.006 16.867  15.108  1.00 67.78  ? 120 GLU A OE2 1 
ATOM   939  N  N   . ILE A 1 121 ? -20.870 14.408  9.753   1.00 11.40  ? 121 ILE A N   1 
ATOM   940  C  CA  . ILE A 1 121 ? -19.585 14.413  9.087   1.00 12.58  ? 121 ILE A CA  1 
ATOM   941  C  C   . ILE A 1 121 ? -19.748 14.939  7.687   1.00 13.13  ? 121 ILE A C   1 
ATOM   942  O  O   . ILE A 1 121 ? -18.941 15.769  7.276   1.00 19.31  ? 121 ILE A O   1 
ATOM   943  C  CB  . ILE A 1 121 ? -19.005 12.993  9.053   1.00 27.04  ? 121 ILE A CB  1 
ATOM   944  C  CG1 . ILE A 1 121 ? -18.755 12.482  10.454  1.00 19.93  ? 121 ILE A CG1 1 
ATOM   945  C  CG2 . ILE A 1 121 ? -17.676 12.956  8.290   1.00 24.45  ? 121 ILE A CG2 1 
ATOM   946  C  CD1 . ILE A 1 121 ? -17.644 13.248  11.226  1.00 32.49  ? 121 ILE A CD1 1 
ATOM   947  N  N   . LEU A 1 122 ? -20.746 14.544  6.912   1.00 11.37  ? 122 LEU A N   1 
ATOM   948  C  CA  . LEU A 1 122 ? -20.841 15.051  5.547   1.00 11.14  ? 122 LEU A CA  1 
ATOM   949  C  C   . LEU A 1 122 ? -21.161 16.539  5.484   1.00 16.86  ? 122 LEU A C   1 
ATOM   950  O  O   . LEU A 1 122 ? -20.575 17.278  4.687   1.00 13.71  ? 122 LEU A O   1 
ATOM   951  C  CB  . LEU A 1 122 ? -21.820 14.212  4.699   1.00 15.04  ? 122 LEU A CB  1 
ATOM   952  C  CG  . LEU A 1 122 ? -21.528 12.700  4.473   1.00 21.39  ? 122 LEU A CG  1 
ATOM   953  C  CD1 . LEU A 1 122 ? -22.497 12.119  3.442   1.00 17.42  ? 122 LEU A CD1 1 
ATOM   954  C  CD2 . LEU A 1 122 ? -20.117 12.420  4.050   1.00 13.71  ? 122 LEU A CD2 1 
ATOM   955  N  N   . ARG A 1 123 ? -22.044 17.069  6.316   1.00 11.82  ? 123 ARG A N   1 
ATOM   956  C  CA  . ARG A 1 123 ? -22.313 18.495  6.293   1.00 10.95  ? 123 ARG A CA  1 
ATOM   957  C  C   . ARG A 1 123 ? -21.095 19.294  6.659   1.00 14.23  ? 123 ARG A C   1 
ATOM   958  O  O   . ARG A 1 123 ? -20.848 20.345  6.096   1.00 14.83  ? 123 ARG A O   1 
ATOM   959  C  CB  A ARG A 1 123 ? -23.489 18.840  7.198   0.50 18.02  ? 123 ARG A CB  1 
ATOM   960  C  CB  B ARG A 1 123 ? -23.353 18.862  7.316   0.50 19.61  ? 123 ARG A CB  1 
ATOM   961  C  CG  A ARG A 1 123 ? -24.821 18.379  6.624   0.50 6.31   ? 123 ARG A CG  1 
ATOM   962  C  CG  B ARG A 1 123 ? -24.785 18.732  6.886   0.50 26.98  ? 123 ARG A CG  1 
ATOM   963  C  CD  A ARG A 1 123 ? -25.983 18.905  7.473   0.50 27.66  ? 123 ARG A CD  1 
ATOM   964  C  CD  B ARG A 1 123 ? -25.588 19.278  8.060   0.50 46.07  ? 123 ARG A CD  1 
ATOM   965  N  NE  A ARG A 1 123 ? -27.250 18.711  6.800   0.50 17.25  ? 123 ARG A NE  1 
ATOM   966  N  NE  B ARG A 1 123 ? -26.011 18.218  8.957   0.50 52.53  ? 123 ARG A NE  1 
ATOM   967  C  CZ  A ARG A 1 123 ? -28.026 17.657  7.007   0.50 2.36   ? 123 ARG A CZ  1 
ATOM   968  C  CZ  B ARG A 1 123 ? -25.761 18.133  10.275  0.50 23.67  ? 123 ARG A CZ  1 
ATOM   969  N  NH1 A ARG A 1 123 ? -27.820 16.820  8.015   0.50 10.04  ? 123 ARG A NH1 1 
ATOM   970  N  NH1 B ARG A 1 123 ? -24.982 18.951  11.006  0.50 13.07  ? 123 ARG A NH1 1 
ATOM   971  N  NH2 A ARG A 1 123 ? -29.076 17.488  6.208   0.50 7.86   ? 123 ARG A NH2 1 
ATOM   972  N  NH2 B ARG A 1 123 ? -26.352 17.114  10.864  0.50 11.24  ? 123 ARG A NH2 1 
ATOM   973  N  N   . ALA A 1 124 ? -20.241 18.778  7.548   1.00 16.20  ? 124 ALA A N   1 
ATOM   974  C  CA  . ALA A 1 124 ? -19.074 19.546  7.995   1.00 13.38  ? 124 ALA A CA  1 
ATOM   975  C  C   . ALA A 1 124 ? -18.027 19.683  6.924   1.00 14.08  ? 124 ALA A C   1 
ATOM   976  O  O   . ALA A 1 124 ? -17.078 20.446  7.071   1.00 16.81  ? 124 ALA A O   1 
ATOM   977  C  CB  . ALA A 1 124 ? -18.429 18.882  9.188   1.00 16.35  ? 124 ALA A CB  1 
ATOM   978  N  N   . THR A 1 125 ? -18.152 18.954  5.824   1.00 14.77  ? 125 THR A N   1 
ATOM   979  C  CA  . THR A 1 125 ? -17.181 19.099  4.758   1.00 17.59  ? 125 THR A CA  1 
ATOM   980  C  C   . THR A 1 125 ? -17.411 20.426  4.042   1.00 17.27  ? 125 THR A C   1 
ATOM   981  O  O   . THR A 1 125 ? -16.536 20.883  3.309   1.00 16.83  ? 125 THR A O   1 
ATOM   982  C  CB  . THR A 1 125 ? -17.318 17.961  3.749   1.00 14.85  ? 125 THR A CB  1 
ATOM   983  O  OG1 . THR A 1 125 ? -18.592 18.168  3.116   1.00 20.48  ? 125 THR A OG1 1 
ATOM   984  C  CG2 . THR A 1 125 ? -17.132 16.560  4.391   1.00 11.46  ? 125 THR A CG2 1 
ATOM   985  N  N   . GLY A 1 126 ? -18.597 21.028  4.156   1.00 15.80  ? 126 GLY A N   1 
ATOM   986  C  CA  . GLY A 1 126 ? -18.898 22.266  3.458   1.00 17.02  ? 126 GLY A CA  1 
ATOM   987  C  C   . GLY A 1 126 ? -19.568 22.052  2.130   1.00 15.24  ? 126 GLY A C   1 
ATOM   988  O  O   . GLY A 1 126 ? -19.984 23.007  1.473   1.00 18.96  ? 126 GLY A O   1 
ATOM   989  N  N   . GLU A 1 127 ? -19.648 20.808  1.692   1.00 12.20  ? 127 GLU A N   1 
ATOM   990  C  CA  . GLU A 1 127 ? -20.333 20.482  0.458   1.00 14.99  ? 127 GLU A CA  1 
ATOM   991  C  C   . GLU A 1 127 ? -21.814 20.742  0.573   1.00 16.23  ? 127 GLU A C   1 
ATOM   992  O  O   . GLU A 1 127 ? -22.395 20.672  1.667   1.00 20.32  ? 127 GLU A O   1 
ATOM   993  C  CB  . GLU A 1 127 ? -20.134 19.033  0.150   1.00 17.84  ? 127 GLU A CB  1 
ATOM   994  C  CG  . GLU A 1 127 ? -18.798 18.803  -0.505  1.00 17.13  ? 127 GLU A CG  1 
ATOM   995  C  CD  . GLU A 1 127 ? -18.746 19.479  -1.861  1.00 24.51  ? 127 GLU A CD  1 
ATOM   996  O  OE1 . GLU A 1 127 ? -19.662 19.335  -2.672  1.00 20.33  ? 127 GLU A OE1 1 
ATOM   997  O  OE2 . GLU A 1 127 ? -17.775 20.171  -2.110  1.00 20.52  ? 127 GLU A OE2 1 
ATOM   998  N  N   . HIS A 1 128 ? -22.505 21.056  -0.510  1.00 21.47  ? 128 HIS A N   1 
ATOM   999  C  CA  . HIS A 1 128 ? -23.933 21.263  -0.399  1.00 35.20  ? 128 HIS A CA  1 
ATOM   1000 C  C   . HIS A 1 128 ? -24.568 19.898  -0.511  1.00 22.09  ? 128 HIS A C   1 
ATOM   1001 O  O   . HIS A 1 128 ? -25.011 19.496  -1.578  1.00 28.02  ? 128 HIS A O   1 
ATOM   1002 C  CB  . HIS A 1 128 ? -24.491 22.273  -1.423  1.00 27.68  ? 128 HIS A CB  1 
ATOM   1003 C  CG  . HIS A 1 128 ? -24.039 23.683  -1.080  1.00 63.32  ? 128 HIS A CG  1 
ATOM   1004 N  ND1 . HIS A 1 128 ? -24.734 24.814  -0.975  1.00 69.70  ? 128 HIS A ND1 1 
ATOM   1005 C  CD2 . HIS A 1 128 ? -22.722 24.000  -0.817  1.00 72.20  ? 128 HIS A CD2 1 
ATOM   1006 C  CE1 . HIS A 1 128 ? -23.876 25.774  -0.674  1.00 74.18  ? 128 HIS A CE1 1 
ATOM   1007 N  NE2 . HIS A 1 128 ? -22.669 25.271  -0.579  1.00 69.45  ? 128 HIS A NE2 1 
ATOM   1008 N  N   . VAL A 1 129 ? -24.539 19.161  0.587   1.00 18.01  ? 129 VAL A N   1 
ATOM   1009 C  CA  . VAL A 1 129 ? -25.149 17.838  0.632   1.00 16.81  ? 129 VAL A CA  1 
ATOM   1010 C  C   . VAL A 1 129 ? -26.535 18.043  1.218   1.00 20.24  ? 129 VAL A C   1 
ATOM   1011 O  O   . VAL A 1 129 ? -26.657 18.822  2.169   1.00 21.91  ? 129 VAL A O   1 
ATOM   1012 C  CB  . VAL A 1 129 ? -24.507 16.812  1.581   1.00 22.85  ? 129 VAL A CB  1 
ATOM   1013 C  CG1 . VAL A 1 129 ? -24.421 15.449  0.943   1.00 16.79  ? 129 VAL A CG1 1 
ATOM   1014 C  CG2 . VAL A 1 129 ? -23.216 17.282  2.189   1.00 28.62  ? 129 VAL A CG2 1 
ATOM   1015 N  N   . THR A 1 130 ? -27.567 17.341  0.722   1.00 17.62  ? 130 THR A N   1 
ATOM   1016 C  CA  . THR A 1 130 ? -28.927 17.436  1.253   1.00 22.09  ? 130 THR A CA  1 
ATOM   1017 C  C   . THR A 1 130 ? -29.192 16.203  2.118   1.00 23.38  ? 130 THR A C   1 
ATOM   1018 O  O   . THR A 1 130 ? -28.437 15.215  2.039   1.00 18.31  ? 130 THR A O   1 
ATOM   1019 C  CB  . THR A 1 130 ? -29.942 17.541  0.080   1.00 17.98  ? 130 THR A CB  1 
ATOM   1020 O  OG1 . THR A 1 130 ? -29.920 16.253  -0.530  1.00 17.06  ? 130 THR A OG1 1 
ATOM   1021 C  CG2 . THR A 1 130 ? -29.585 18.605  -0.964  1.00 16.12  ? 130 THR A CG2 1 
ATOM   1022 N  N   . GLU A 1 131 ? -30.272 16.173  2.908   1.00 12.55  ? 131 GLU A N   1 
ATOM   1023 C  CA  . GLU A 1 131 ? -30.615 14.981  3.671   1.00 16.44  ? 131 GLU A CA  1 
ATOM   1024 C  C   . GLU A 1 131 ? -30.869 13.787  2.767   1.00 13.69  ? 131 GLU A C   1 
ATOM   1025 O  O   . GLU A 1 131 ? -30.550 12.650  3.118   1.00 12.05  ? 131 GLU A O   1 
ATOM   1026 C  CB  . GLU A 1 131 ? -31.845 15.187  4.559   1.00 21.25  ? 131 GLU A CB  1 
ATOM   1027 C  CG  . GLU A 1 131 ? -32.086 14.097  5.649   1.00 15.64  ? 131 GLU A CG  1 
ATOM   1028 C  CD  . GLU A 1 131 ? -30.904 13.810  6.570   1.00 27.29  ? 131 GLU A CD  1 
ATOM   1029 O  OE1 . GLU A 1 131 ? -30.245 14.753  7.033   1.00 28.37  ? 131 GLU A OE1 1 
ATOM   1030 O  OE2 . GLU A 1 131 ? -30.642 12.630  6.829   1.00 21.58  ? 131 GLU A OE2 1 
ATOM   1031 N  N   . GLU A 1 132 ? -31.395 14.025  1.569   1.00 14.46  ? 132 GLU A N   1 
ATOM   1032 C  CA  . GLU A 1 132 ? -31.655 12.944  0.644   1.00 11.54  ? 132 GLU A CA  1 
ATOM   1033 C  C   . GLU A 1 132 ? -30.362 12.319  0.147   1.00 9.88   ? 132 GLU A C   1 
ATOM   1034 O  O   . GLU A 1 132 ? -30.256 11.090  0.002   1.00 12.55  ? 132 GLU A O   1 
ATOM   1035 C  CB  . GLU A 1 132 ? -32.417 13.543  -0.473  1.00 22.73  ? 132 GLU A CB  1 
ATOM   1036 C  CG  . GLU A 1 132 ? -32.712 12.638  -1.619  1.00 23.52  ? 132 GLU A CG  1 
ATOM   1037 C  CD  . GLU A 1 132 ? -33.653 13.325  -2.592  1.00 31.99  ? 132 GLU A CD  1 
ATOM   1038 O  OE1 . GLU A 1 132 ? -33.200 14.137  -3.399  1.00 29.73  ? 132 GLU A OE1 1 
ATOM   1039 O  OE2 . GLU A 1 132 ? -34.832 13.018  -2.501  1.00 29.38  ? 132 GLU A OE2 1 
ATOM   1040 N  N   . ASP A 1 133 ? -29.350 13.150  -0.101  1.00 15.16  ? 133 ASP A N   1 
ATOM   1041 C  CA  . ASP A 1 133 ? -28.043 12.624  -0.481  1.00 14.09  ? 133 ASP A CA  1 
ATOM   1042 C  C   . ASP A 1 133 ? -27.480 11.770  0.639   1.00 13.34  ? 133 ASP A C   1 
ATOM   1043 O  O   . ASP A 1 133 ? -26.970 10.677  0.380   1.00 13.53  ? 133 ASP A O   1 
ATOM   1044 C  CB  . ASP A 1 133 ? -27.044 13.728  -0.814  1.00 13.40  ? 133 ASP A CB  1 
ATOM   1045 C  CG  . ASP A 1 133 ? -27.400 14.657  -1.984  1.00 21.31  ? 133 ASP A CG  1 
ATOM   1046 O  OD1 . ASP A 1 133 ? -28.113 14.272  -2.908  1.00 15.06  ? 133 ASP A OD1 1 
ATOM   1047 O  OD2 . ASP A 1 133 ? -26.944 15.794  -1.966  1.00 14.72  ? 133 ASP A OD2 1 
ATOM   1048 N  N   . ILE A 1 134 ? -27.597 12.213  1.897   1.00 11.71  ? 134 ILE A N   1 
ATOM   1049 C  CA  . ILE A 1 134 ? -27.074 11.460  3.049   1.00 13.40  ? 134 ILE A CA  1 
ATOM   1050 C  C   . ILE A 1 134 ? -27.811 10.151  3.208   1.00 12.29  ? 134 ILE A C   1 
ATOM   1051 O  O   . ILE A 1 134 ? -27.209 9.094   3.348   1.00 12.17  ? 134 ILE A O   1 
ATOM   1052 C  CB  . ILE A 1 134 ? -27.211 12.357  4.304   1.00 20.44  ? 134 ILE A CB  1 
ATOM   1053 C  CG1 . ILE A 1 134 ? -26.316 13.589  4.159   1.00 20.78  ? 134 ILE A CG1 1 
ATOM   1054 C  CG2 . ILE A 1 134 ? -26.929 11.592  5.599   1.00 17.23  ? 134 ILE A CG2 1 
ATOM   1055 C  CD1 . ILE A 1 134 ? -26.725 14.721  5.120   1.00 16.91  ? 134 ILE A CD1 1 
ATOM   1056 N  N   . GLU A 1 135 ? -29.129 10.166  3.162   1.00 11.20  ? 135 GLU A N   1 
ATOM   1057 C  CA  . GLU A 1 135 ? -29.936 8.952   3.199   1.00 9.64   ? 135 GLU A CA  1 
ATOM   1058 C  C   . GLU A 1 135 ? -29.592 8.019   2.054   1.00 11.50  ? 135 GLU A C   1 
ATOM   1059 O  O   . GLU A 1 135 ? -29.572 6.815   2.267   1.00 12.42  ? 135 GLU A O   1 
ATOM   1060 C  CB  . GLU A 1 135 ? -31.418 9.296   3.057   1.00 13.33  ? 135 GLU A CB  1 
ATOM   1061 C  CG  . GLU A 1 135 ? -32.006 9.947   4.289   1.00 21.31  ? 135 GLU A CG  1 
ATOM   1062 C  CD  . GLU A 1 135 ? -33.429 10.509  4.166   1.00 47.42  ? 135 GLU A CD  1 
ATOM   1063 O  OE1 . GLU A 1 135 ? -33.884 10.749  3.041   1.00 42.03  ? 135 GLU A OE1 1 
ATOM   1064 O  OE2 . GLU A 1 135 ? -34.066 10.722  5.208   1.00 36.98  ? 135 GLU A OE2 1 
ATOM   1065 N  N   . ASP A 1 136 ? -29.328 8.497   0.835   1.00 10.78  ? 136 ASP A N   1 
ATOM   1066 C  CA  . ASP A 1 136 ? -28.939 7.656   -0.284  1.00 8.93   ? 136 ASP A CA  1 
ATOM   1067 C  C   . ASP A 1 136 ? -27.602 6.998   -0.044  1.00 11.40  ? 136 ASP A C   1 
ATOM   1068 O  O   . ASP A 1 136 ? -27.462 5.818   -0.355  1.00 12.19  ? 136 ASP A O   1 
ATOM   1069 C  CB  . ASP A 1 136 ? -28.816 8.443   -1.579  1.00 9.47   ? 136 ASP A CB  1 
ATOM   1070 C  CG  . ASP A 1 136 ? -30.118 8.937   -2.205  1.00 17.60  ? 136 ASP A CG  1 
ATOM   1071 O  OD1 . ASP A 1 136 ? -31.175 8.373   -1.936  1.00 15.90  ? 136 ASP A OD1 1 
ATOM   1072 O  OD2 . ASP A 1 136 ? -30.080 9.903   -2.969  1.00 15.96  ? 136 ASP A OD2 1 
ATOM   1073 N  N   . LEU A 1 137 ? -26.602 7.692   0.506   1.00 10.03  ? 137 LEU A N   1 
ATOM   1074 C  CA  . LEU A 1 137 ? -25.342 7.012   0.847   1.00 12.22  ? 137 LEU A CA  1 
ATOM   1075 C  C   . LEU A 1 137 ? -25.575 5.937   1.930   1.00 12.79  ? 137 LEU A C   1 
ATOM   1076 O  O   . LEU A 1 137 ? -25.081 4.799   1.819   1.00 13.92  ? 137 LEU A O   1 
ATOM   1077 C  CB  . LEU A 1 137 ? -24.284 8.012   1.298   1.00 7.64   ? 137 LEU A CB  1 
ATOM   1078 C  CG  . LEU A 1 137 ? -22.869 7.449   1.492   1.00 11.19  ? 137 LEU A CG  1 
ATOM   1079 C  CD1 . LEU A 1 137 ? -22.344 6.827   0.227   1.00 12.09  ? 137 LEU A CD1 1 
ATOM   1080 C  CD2 . LEU A 1 137 ? -21.936 8.534   2.000   1.00 11.01  ? 137 LEU A CD2 1 
ATOM   1081 N  N   . MET A 1 138 ? -26.367 6.240   2.967   1.00 12.04  ? 138 MET A N   1 
ATOM   1082 C  CA  . MET A 1 138 ? -26.681 5.278   4.024   1.00 12.27  ? 138 MET A CA  1 
ATOM   1083 C  C   . MET A 1 138 ? -27.281 4.032   3.430   1.00 16.54  ? 138 MET A C   1 
ATOM   1084 O  O   . MET A 1 138 ? -26.734 2.953   3.628   1.00 14.20  ? 138 MET A O   1 
ATOM   1085 C  CB  . MET A 1 138 ? -27.593 5.880   5.070   1.00 6.13   ? 138 MET A CB  1 
ATOM   1086 C  CG  . MET A 1 138 ? -28.020 4.938   6.153   1.00 7.84   ? 138 MET A CG  1 
ATOM   1087 S  SD  . MET A 1 138 ? -26.625 4.113   6.981   1.00 23.33  ? 138 MET A SD  1 
ATOM   1088 C  CE  . MET A 1 138 ? -26.076 5.362   8.101   1.00 16.18  ? 138 MET A CE  1 
ATOM   1089 N  N   . LYS A 1 139 ? -28.323 4.166   2.617   1.00 11.68  ? 139 LYS A N   1 
ATOM   1090 C  CA  . LYS A 1 139 ? -29.059 3.011   2.113   1.00 10.84  ? 139 LYS A CA  1 
ATOM   1091 C  C   . LYS A 1 139 ? -28.157 2.191   1.227   1.00 14.35  ? 139 LYS A C   1 
ATOM   1092 O  O   . LYS A 1 139 ? -28.162 0.967   1.263   1.00 16.94  ? 139 LYS A O   1 
ATOM   1093 C  CB  . LYS A 1 139 ? -30.255 3.488   1.252   1.00 18.60  ? 139 LYS A CB  1 
ATOM   1094 C  CG  . LYS A 1 139 ? -31.494 3.904   2.016   1.00 42.15  ? 139 LYS A CG  1 
ATOM   1095 C  CD  . LYS A 1 139 ? -32.349 4.857   1.160   1.00 60.67  ? 139 LYS A CD  1 
ATOM   1096 C  CE  . LYS A 1 139 ? -33.686 5.256   1.821   1.00 84.36  ? 139 LYS A CE  1 
ATOM   1097 N  NZ  . LYS A 1 139 ? -34.299 6.417   1.186   1.00 54.43  ? 139 LYS A NZ  1 
ATOM   1098 N  N   . ASP A 1 140 ? -27.350 2.842   0.411   1.00 12.85  ? 140 ASP A N   1 
ATOM   1099 C  CA  . ASP A 1 140 ? -26.476 2.109   -0.476  1.00 20.90  ? 140 ASP A CA  1 
ATOM   1100 C  C   . ASP A 1 140 ? -25.341 1.403   0.266   1.00 21.56  ? 140 ASP A C   1 
ATOM   1101 O  O   . ASP A 1 140 ? -24.859 0.393   -0.232  1.00 24.25  ? 140 ASP A O   1 
ATOM   1102 C  CB  A ASP A 1 140 ? -25.969 3.018   -1.601  0.50 16.76  ? 140 ASP A CB  1 
ATOM   1103 C  CB  B ASP A 1 140 ? -25.805 3.063   -1.441  0.50 16.04  ? 140 ASP A CB  1 
ATOM   1104 C  CG  A ASP A 1 140 ? -27.028 3.624   -2.549  0.50 18.41  ? 140 ASP A CG  1 
ATOM   1105 C  CG  B ASP A 1 140 ? -25.220 2.304   -2.613  0.50 32.85  ? 140 ASP A CG  1 
ATOM   1106 O  OD1 A ASP A 1 140 ? -28.231 3.402   -2.417  0.50 11.76  ? 140 ASP A OD1 1 
ATOM   1107 O  OD1 B ASP A 1 140 ? -26.013 1.848   -3.426  0.50 61.76  ? 140 ASP A OD1 1 
ATOM   1108 O  OD2 A ASP A 1 140 ? -26.619 4.357   -3.440  0.50 25.75  ? 140 ASP A OD2 1 
ATOM   1109 O  OD2 B ASP A 1 140 ? -24.003 2.160   -2.738  0.50 38.59  ? 140 ASP A OD2 1 
ATOM   1110 N  N   . SER A 1 141 ? -24.914 1.879   1.424   1.00 12.23  ? 141 SER A N   1 
ATOM   1111 C  CA  . SER A 1 141 ? -23.775 1.278   2.102   1.00 12.79  ? 141 SER A CA  1 
ATOM   1112 C  C   . SER A 1 141 ? -24.186 0.247   3.147   1.00 14.83  ? 141 SER A C   1 
ATOM   1113 O  O   . SER A 1 141 ? -23.423 -0.617  3.586   1.00 10.46  ? 141 SER A O   1 
ATOM   1114 C  CB  . SER A 1 141 ? -23.011 2.408   2.777   1.00 14.19  ? 141 SER A CB  1 
ATOM   1115 O  OG  . SER A 1 141 ? -22.628 3.372   1.819   1.00 15.12  ? 141 SER A OG  1 
ATOM   1116 N  N   . ASP A 1 142 ? -25.438 0.337   3.565   1.00 11.73  ? 142 ASP A N   1 
ATOM   1117 C  CA  . ASP A 1 142 ? -25.988 -0.524  4.555   1.00 14.81  ? 142 ASP A CA  1 
ATOM   1118 C  C   . ASP A 1 142 ? -26.505 -1.818  3.941   1.00 25.58  ? 142 ASP A C   1 
ATOM   1119 O  O   . ASP A 1 142 ? -27.700 -2.050  3.750   1.00 16.63  ? 142 ASP A O   1 
ATOM   1120 C  CB  . ASP A 1 142 ? -27.087 0.203   5.325   1.00 13.51  ? 142 ASP A CB  1 
ATOM   1121 C  CG  . ASP A 1 142 ? -27.761 -0.576  6.466   1.00 15.60  ? 142 ASP A CG  1 
ATOM   1122 O  OD1 . ASP A 1 142 ? -27.159 -1.474  7.059   1.00 13.38  ? 142 ASP A OD1 1 
ATOM   1123 O  OD2 . ASP A 1 142 ? -28.911 -0.267  6.754   1.00 16.27  ? 142 ASP A OD2 1 
ATOM   1124 N  N   . LYS A 1 143 ? -25.554 -2.753  3.871   1.00 15.87  ? 143 LYS A N   1 
ATOM   1125 C  CA  . LYS A 1 143 ? -25.872 -4.055  3.288   1.00 24.21  ? 143 LYS A CA  1 
ATOM   1126 C  C   . LYS A 1 143 ? -26.888 -4.932  4.005   1.00 22.87  ? 143 LYS A C   1 
ATOM   1127 O  O   . LYS A 1 143 ? -27.758 -5.566  3.409   1.00 17.06  ? 143 LYS A O   1 
ATOM   1128 C  CB  . LYS A 1 143 ? -24.569 -4.797  3.042   1.00 16.05  ? 143 LYS A CB  1 
ATOM   1129 C  CG  . LYS A 1 143 ? -23.698 -3.978  2.105   1.00 34.08  ? 143 LYS A CG  1 
ATOM   1130 C  CD  . LYS A 1 143 ? -24.491 -3.714  0.825   1.00 55.60  ? 143 LYS A CD  1 
ATOM   1131 C  CE  . LYS A 1 143 ? -23.918 -2.574  0.040   1.00 63.28  ? 143 LYS A CE  1 
ATOM   1132 N  NZ  . LYS A 1 143 ? -24.870 -2.206  -0.998  1.00 64.15  ? 143 LYS A NZ  1 
ATOM   1133 N  N   . ASN A 1 144 ? -26.764 -4.983  5.336   1.00 18.51  ? 144 ASN A N   1 
ATOM   1134 C  CA  . ASN A 1 144 ? -27.684 -5.793  6.139   1.00 12.73  ? 144 ASN A CA  1 
ATOM   1135 C  C   . ASN A 1 144 ? -28.949 -5.044  6.567   1.00 15.42  ? 144 ASN A C   1 
ATOM   1136 O  O   . ASN A 1 144 ? -29.695 -5.547  7.396   1.00 15.43  ? 144 ASN A O   1 
ATOM   1137 C  CB  . ASN A 1 144 ? -26.930 -6.345  7.354   1.00 9.70   ? 144 ASN A CB  1 
ATOM   1138 C  CG  . ASN A 1 144 ? -26.544 -5.281  8.405   1.00 15.67  ? 144 ASN A CG  1 
ATOM   1139 O  OD1 . ASN A 1 144 ? -26.371 -4.029  8.208   1.00 15.58  ? 144 ASN A OD1 1 
ATOM   1140 N  ND2 . ASN A 1 144 ? -26.419 -5.845  9.595   1.00 16.47  ? 144 ASN A ND2 1 
ATOM   1141 N  N   . ASN A 1 145 ? -29.234 -3.821  6.097   1.00 10.08  ? 145 ASN A N   1 
ATOM   1142 C  CA  . ASN A 1 145 ? -30.470 -3.086  6.416   1.00 14.32  ? 145 ASN A CA  1 
ATOM   1143 C  C   . ASN A 1 145 ? -30.830 -2.818  7.883   1.00 29.17  ? 145 ASN A C   1 
ATOM   1144 O  O   . ASN A 1 145 ? -32.005 -2.777  8.268   1.00 18.94  ? 145 ASN A O   1 
ATOM   1145 C  CB  . ASN A 1 145 ? -31.670 -3.682  5.684   1.00 22.20  ? 145 ASN A CB  1 
ATOM   1146 C  CG  . ASN A 1 145 ? -31.506 -3.639  4.169   1.00 30.39  ? 145 ASN A CG  1 
ATOM   1147 O  OD1 . ASN A 1 145 ? -31.401 -2.572  3.562   1.00 27.05  ? 145 ASN A OD1 1 
ATOM   1148 N  ND2 . ASN A 1 145 ? -31.440 -4.795  3.522   1.00 18.38  ? 145 ASN A ND2 1 
ATOM   1149 N  N   . ASP A 1 146 ? -29.801 -2.688  8.744   1.00 15.04  ? 146 ASP A N   1 
ATOM   1150 C  CA  . ASP A 1 146 ? -30.036 -2.311  10.132  1.00 11.31  ? 146 ASP A CA  1 
ATOM   1151 C  C   . ASP A 1 146 ? -30.022 -0.816  10.380  1.00 17.74  ? 146 ASP A C   1 
ATOM   1152 O  O   . ASP A 1 146 ? -29.953 -0.387  11.524  1.00 21.81  ? 146 ASP A O   1 
ATOM   1153 C  CB  . ASP A 1 146 ? -29.023 -2.982  11.065  1.00 13.79  ? 146 ASP A CB  1 
ATOM   1154 C  CG  . ASP A 1 146 ? -27.544 -2.630  10.906  1.00 22.27  ? 146 ASP A CG  1 
ATOM   1155 O  OD1 . ASP A 1 146 ? -27.200 -1.839  10.036  1.00 12.53  ? 146 ASP A OD1 1 
ATOM   1156 O  OD2 . ASP A 1 146 ? -26.721 -3.176  11.647  1.00 25.15  ? 146 ASP A OD2 1 
ATOM   1157 N  N   . GLY A 1 147 ? -29.937 -0.007  9.332   1.00 16.38  ? 147 GLY A N   1 
ATOM   1158 C  CA  . GLY A 1 147 ? -29.908 1.440   9.487   1.00 18.34  ? 147 GLY A CA  1 
ATOM   1159 C  C   . GLY A 1 147 ? -28.547 2.066   9.773   1.00 29.78  ? 147 GLY A C   1 
ATOM   1160 O  O   . GLY A 1 147 ? -28.427 3.297   9.855   1.00 25.65  ? 147 GLY A O   1 
ATOM   1161 N  N   . ARG A 1 148 ? -27.516 1.225   9.930   1.00 19.40  ? 148 ARG A N   1 
ATOM   1162 C  CA  . ARG A 1 148 ? -26.167 1.712   10.190  1.00 14.01  ? 148 ARG A CA  1 
ATOM   1163 C  C   . ARG A 1 148 ? -25.069 0.956   9.475   1.00 11.10  ? 148 ARG A C   1 
ATOM   1164 O  O   . ARG A 1 148 ? -25.249 -0.172  8.910   1.00 14.04  ? 148 ARG A O   1 
ATOM   1165 C  CB  . ARG A 1 148 ? -25.942 1.745   11.694  1.00 24.16  ? 148 ARG A CB  1 
ATOM   1166 C  CG  . ARG A 1 148 ? -26.149 0.401   12.285  1.00 28.85  ? 148 ARG A CG  1 
ATOM   1167 C  CD  . ARG A 1 148 ? -26.741 0.415   13.665  1.00 31.25  ? 148 ARG A CD  1 
ATOM   1168 N  NE  . ARG A 1 148 ? -26.607 -0.973  14.089  1.00 73.50  ? 148 ARG A NE  1 
ATOM   1169 C  CZ  . ARG A 1 148 ? -27.218 -1.545  15.133  1.00 79.26  ? 148 ARG A CZ  1 
ATOM   1170 N  NH1 . ARG A 1 148 ? -27.949 -0.848  16.004  1.00 81.87  ? 148 ARG A NH1 1 
ATOM   1171 N  NH2 . ARG A 1 148 ? -27.103 -2.871  15.287  1.00 82.63  ? 148 ARG A NH2 1 
ATOM   1172 N  N   . ILE A 1 149 ? -23.936 1.654   9.539   1.00 8.84   ? 149 ILE A N   1 
ATOM   1173 C  CA  . ILE A 1 149 ? -22.707 1.252   8.844   1.00 14.77  ? 149 ILE A CA  1 
ATOM   1174 C  C   . ILE A 1 149 ? -21.662 0.753   9.847   1.00 18.76  ? 149 ILE A C   1 
ATOM   1175 O  O   . ILE A 1 149 ? -21.166 1.502   10.687  1.00 11.53  ? 149 ILE A O   1 
ATOM   1176 C  CB  . ILE A 1 149 ? -22.144 2.428   7.985   1.00 18.23  ? 149 ILE A CB  1 
ATOM   1177 C  CG1 . ILE A 1 149 ? -23.193 2.898   6.964   1.00 12.64  ? 149 ILE A CG1 1 
ATOM   1178 C  CG2 . ILE A 1 149 ? -20.827 2.028   7.290   1.00 13.12  ? 149 ILE A CG2 1 
ATOM   1179 C  CD1 . ILE A 1 149 ? -22.789 4.181   6.230   1.00 13.41  ? 149 ILE A CD1 1 
ATOM   1180 N  N   . ASP A 1 150 ? -21.347 -0.542  9.792   1.00 11.91  ? 150 ASP A N   1 
ATOM   1181 C  CA  . ASP A 1 150 ? -20.345 -1.053  10.727  1.00 12.89  ? 150 ASP A CA  1 
ATOM   1182 C  C   . ASP A 1 150 ? -19.014 -0.979  10.006  1.00 14.96  ? 150 ASP A C   1 
ATOM   1183 O  O   . ASP A 1 150 ? -18.987 -0.581  8.825   1.00 14.84  ? 150 ASP A O   1 
ATOM   1184 C  CB  . ASP A 1 150 ? -20.671 -2.470  11.144  1.00 13.16  ? 150 ASP A CB  1 
ATOM   1185 C  CG  . ASP A 1 150 ? -20.768 -3.505  10.025  1.00 27.03  ? 150 ASP A CG  1 
ATOM   1186 O  OD1 . ASP A 1 150 ? -20.199 -3.340  8.960   1.00 17.07  ? 150 ASP A OD1 1 
ATOM   1187 O  OD2 . ASP A 1 150 ? -21.421 -4.518  10.230  1.00 26.77  ? 150 ASP A OD2 1 
ATOM   1188 N  N   . PHE A 1 151 ? -17.915 -1.441  10.580  1.00 9.85   ? 151 PHE A N   1 
ATOM   1189 C  CA  . PHE A 1 151 ? -16.618 -1.222  9.961   1.00 15.70  ? 151 PHE A CA  1 
ATOM   1190 C  C   . PHE A 1 151 ? -16.443 -2.011  8.676   1.00 12.20  ? 151 PHE A C   1 
ATOM   1191 O  O   . PHE A 1 151 ? -15.864 -1.512  7.710   1.00 13.41  ? 151 PHE A O   1 
ATOM   1192 C  CB  . PHE A 1 151 ? -15.487 -1.488  10.969  1.00 21.10  ? 151 PHE A CB  1 
ATOM   1193 C  CG  . PHE A 1 151 ? -14.099 -1.230  10.430  1.00 14.21  ? 151 PHE A CG  1 
ATOM   1194 C  CD1 . PHE A 1 151 ? -13.709 0.044   10.115  1.00 13.62  ? 151 PHE A CD1 1 
ATOM   1195 C  CD2 . PHE A 1 151 ? -13.219 -2.286  10.277  1.00 19.95  ? 151 PHE A CD2 1 
ATOM   1196 C  CE1 . PHE A 1 151 ? -12.415 0.264   9.678   1.00 37.99  ? 151 PHE A CE1 1 
ATOM   1197 C  CE2 . PHE A 1 151 ? -11.937 -2.056  9.830   1.00 21.12  ? 151 PHE A CE2 1 
ATOM   1198 C  CZ  . PHE A 1 151 ? -11.515 -0.774  9.545   1.00 21.32  ? 151 PHE A CZ  1 
ATOM   1199 N  N   . ASP A 1 152 ? -16.956 -3.230  8.593   1.00 12.21  ? 152 ASP A N   1 
ATOM   1200 C  CA  . ASP A 1 152 ? -16.904 -3.950  7.335   1.00 15.10  ? 152 ASP A CA  1 
ATOM   1201 C  C   . ASP A 1 152 ? -17.630 -3.210  6.193   1.00 11.27  ? 152 ASP A C   1 
ATOM   1202 O  O   . ASP A 1 152 ? -17.075 -3.046  5.093   1.00 12.23  ? 152 ASP A O   1 
ATOM   1203 C  CB  A ASP A 1 152 ? -17.517 -5.353  7.512   0.50 20.40  ? 152 ASP A CB  1 
ATOM   1204 C  CB  B ASP A 1 152 ? -17.431 -5.380  7.566   0.50 25.14  ? 152 ASP A CB  1 
ATOM   1205 C  CG  A ASP A 1 152 ? -17.675 -6.161  6.222   0.50 16.12  ? 152 ASP A CG  1 
ATOM   1206 C  CG  B ASP A 1 152 ? -16.564 -6.246  8.491   0.50 40.97  ? 152 ASP A CG  1 
ATOM   1207 O  OD1 A ASP A 1 152 ? -16.671 -6.596  5.673   0.50 19.93  ? 152 ASP A OD1 1 
ATOM   1208 O  OD1 B ASP A 1 152 ? -16.132 -5.812  9.562   0.50 42.16  ? 152 ASP A OD1 1 
ATOM   1209 O  OD2 A ASP A 1 152 ? -18.809 -6.343  5.776   0.50 27.29  ? 152 ASP A OD2 1 
ATOM   1210 O  OD2 B ASP A 1 152 ? -16.318 -7.397  8.142   0.50 58.62  ? 152 ASP A OD2 1 
ATOM   1211 N  N   . GLU A 1 153 ? -18.848 -2.709  6.422   1.00 10.94  ? 153 GLU A N   1 
ATOM   1212 C  CA  . GLU A 1 153 ? -19.574 -1.969  5.396   1.00 12.20  ? 153 GLU A CA  1 
ATOM   1213 C  C   . GLU A 1 153 ? -18.857 -0.640  5.063   1.00 20.57  ? 153 GLU A C   1 
ATOM   1214 O  O   . GLU A 1 153 ? -18.930 -0.171  3.923   1.00 13.34  ? 153 GLU A O   1 
ATOM   1215 C  CB  . GLU A 1 153 ? -20.968 -1.669  5.874   1.00 9.41   ? 153 GLU A CB  1 
ATOM   1216 C  CG  . GLU A 1 153 ? -21.856 -2.901  6.037   1.00 10.07  ? 153 GLU A CG  1 
ATOM   1217 C  CD  . GLU A 1 153 ? -23.168 -2.623  6.778   1.00 13.83  ? 153 GLU A CD  1 
ATOM   1218 O  OE1 . GLU A 1 153 ? -23.206 -1.765  7.655   1.00 10.91  ? 153 GLU A OE1 1 
ATOM   1219 O  OE2 . GLU A 1 153 ? -24.168 -3.295  6.538   1.00 12.94  ? 153 GLU A OE2 1 
ATOM   1220 N  N   . PHE A 1 154 ? -18.151 -0.010  6.043   1.00 18.81  ? 154 PHE A N   1 
ATOM   1221 C  CA  . PHE A 1 154 ? -17.381 1.244   5.873   1.00 14.44  ? 154 PHE A CA  1 
ATOM   1222 C  C   . PHE A 1 154 ? -16.254 1.022   4.883   1.00 17.66  ? 154 PHE A C   1 
ATOM   1223 O  O   . PHE A 1 154 ? -16.097 1.805   3.939   1.00 13.95  ? 154 PHE A O   1 
ATOM   1224 C  CB  . PHE A 1 154 ? -16.790 1.714   7.211   1.00 11.50  ? 154 PHE A CB  1 
ATOM   1225 C  CG  . PHE A 1 154 ? -15.914 2.963   7.192   1.00 14.18  ? 154 PHE A CG  1 
ATOM   1226 C  CD1 . PHE A 1 154 ? -16.479 4.204   6.997   1.00 17.61  ? 154 PHE A CD1 1 
ATOM   1227 C  CD2 . PHE A 1 154 ? -14.539 2.858   7.366   1.00 18.59  ? 154 PHE A CD2 1 
ATOM   1228 C  CE1 . PHE A 1 154 ? -15.668 5.332   6.943   1.00 18.40  ? 154 PHE A CE1 1 
ATOM   1229 C  CE2 . PHE A 1 154 ? -13.732 3.980   7.297   1.00 17.22  ? 154 PHE A CE2 1 
ATOM   1230 C  CZ  . PHE A 1 154 ? -14.296 5.216   7.088   1.00 21.07  ? 154 PHE A CZ  1 
ATOM   1231 N  N   . LEU A 1 155 ? -15.501 -0.067  5.098   1.00 13.12  ? 155 LEU A N   1 
ATOM   1232 C  CA  . LEU A 1 155 ? -14.426 -0.431  4.209   1.00 12.31  ? 155 LEU A CA  1 
ATOM   1233 C  C   . LEU A 1 155 ? -14.963 -0.608  2.797   1.00 24.59  ? 155 LEU A C   1 
ATOM   1234 O  O   . LEU A 1 155 ? -14.390 -0.047  1.870   1.00 17.72  ? 155 LEU A O   1 
ATOM   1235 C  CB  . LEU A 1 155 ? -13.805 -1.703  4.712   1.00 13.87  ? 155 LEU A CB  1 
ATOM   1236 C  CG  . LEU A 1 155 ? -12.457 -1.687  5.409   1.00 41.19  ? 155 LEU A CG  1 
ATOM   1237 C  CD1 . LEU A 1 155 ? -12.063 -0.346  6.004   1.00 23.42  ? 155 LEU A CD1 1 
ATOM   1238 C  CD2 . LEU A 1 155 ? -12.368 -2.850  6.383   1.00 22.41  ? 155 LEU A CD2 1 
ATOM   1239 N  N   . LYS A 1 156 ? -16.079 -1.312  2.617   1.00 13.53  ? 156 LYS A N   1 
ATOM   1240 C  CA  . LYS A 1 156 ? -16.706 -1.461  1.310   1.00 14.65  ? 156 LYS A CA  1 
ATOM   1241 C  C   . LYS A 1 156 ? -17.183 -0.134  0.735   1.00 25.09  ? 156 LYS A C   1 
ATOM   1242 O  O   . LYS A 1 156 ? -17.066 0.148   -0.449  1.00 20.24  ? 156 LYS A O   1 
ATOM   1243 C  CB  . LYS A 1 156 ? -17.883 -2.415  1.350   1.00 15.13  ? 156 LYS A CB  1 
ATOM   1244 C  CG  . LYS A 1 156 ? -17.499 -3.859  1.641   1.00 27.65  ? 156 LYS A CG  1 
ATOM   1245 C  CD  . LYS A 1 156 ? -18.762 -4.688  1.429   1.00 65.86  ? 156 LYS A CD  1 
ATOM   1246 C  CE  . LYS A 1 156 ? -19.917 -4.296  2.386   1.00 75.19  ? 156 LYS A CE  1 
ATOM   1247 N  NZ  . LYS A 1 156 ? -20.883 -5.377  2.536   1.00 74.97  ? 156 LYS A NZ  1 
ATOM   1248 N  N   . MET A 1 157 ? -17.748 0.735   1.554   1.00 13.75  ? 157 MET A N   1 
ATOM   1249 C  CA  . MET A 1 157 ? -18.230 2.009   1.094   1.00 9.29   ? 157 MET A CA  1 
ATOM   1250 C  C   . MET A 1 157 ? -17.066 2.837   0.569   1.00 18.76  ? 157 MET A C   1 
ATOM   1251 O  O   . MET A 1 157 ? -17.116 3.417   -0.517  1.00 17.79  ? 157 MET A O   1 
ATOM   1252 C  CB  . MET A 1 157 ? -18.896 2.692   2.276   1.00 10.66  ? 157 MET A CB  1 
ATOM   1253 C  CG  . MET A 1 157 ? -19.402 4.086   1.949   1.00 19.13  ? 157 MET A CG  1 
ATOM   1254 S  SD  . MET A 1 157 ? -20.145 4.817   3.412   1.00 23.84  ? 157 MET A SD  1 
ATOM   1255 C  CE  . MET A 1 157 ? -18.713 5.701   3.969   1.00 27.46  ? 157 MET A CE  1 
ATOM   1256 N  N   . MET A 1 158 ? -15.991 2.877   1.342   1.00 15.47  ? 158 MET A N   1 
ATOM   1257 C  CA  . MET A 1 158 ? -14.873 3.741   1.036   1.00 13.63  ? 158 MET A CA  1 
ATOM   1258 C  C   . MET A 1 158 ? -14.103 3.203   -0.139  1.00 16.99  ? 158 MET A C   1 
ATOM   1259 O  O   . MET A 1 158 ? -13.799 3.963   -1.049  1.00 18.04  ? 158 MET A O   1 
ATOM   1260 C  CB  . MET A 1 158 ? -13.952 3.848   2.244   1.00 14.78  ? 158 MET A CB  1 
ATOM   1261 C  CG  . MET A 1 158 ? -14.613 4.657   3.377   1.00 16.46  ? 158 MET A CG  1 
ATOM   1262 S  SD  . MET A 1 158 ? -15.047 6.369   2.961   1.00 22.65  ? 158 MET A SD  1 
ATOM   1263 C  CE  . MET A 1 158 ? -13.476 7.122   3.211   1.00 16.28  ? 158 MET A CE  1 
ATOM   1264 N  N   . GLU A 1 159 ? -13.793 1.911   -0.138  1.00 14.45  ? 159 GLU A N   1 
ATOM   1265 C  CA  . GLU A 1 159 ? -12.967 1.323   -1.174  1.00 16.56  ? 159 GLU A CA  1 
ATOM   1266 C  C   . GLU A 1 159 ? -13.702 0.998   -2.426  1.00 34.15  ? 159 GLU A C   1 
ATOM   1267 O  O   . GLU A 1 159 ? -13.045 0.840   -3.455  1.00 33.80  ? 159 GLU A O   1 
ATOM   1268 C  CB  . GLU A 1 159 ? -12.227 0.109   -0.750  1.00 17.37  ? 159 GLU A CB  1 
ATOM   1269 C  CG  . GLU A 1 159 ? -11.115 0.704   0.064   1.00 28.70  ? 159 GLU A CG  1 
ATOM   1270 C  CD  . GLU A 1 159 ? -10.358 -0.291  0.901   1.00 35.89  ? 159 GLU A CD  1 
ATOM   1271 O  OE1 . GLU A 1 159 ? -10.991 -0.965  1.704   1.00 48.03  ? 159 GLU A OE1 1 
ATOM   1272 O  OE2 . GLU A 1 159 ? -9.136  -0.367  0.772   1.00 85.61  ? 159 GLU A OE2 1 
ATOM   1273 N  N   . GLY A 1 160 ? -15.012 0.790   -2.355  1.00 46.15  ? 160 GLY A N   1 
ATOM   1274 C  CA  . GLY A 1 160 ? -15.914 1.192   -3.414  1.00 31.46  ? 160 GLY A CA  1 
ATOM   1275 C  C   . GLY A 1 160 ? -16.137 0.055   -4.392  1.00 69.85  ? 160 GLY A C   1 
ATOM   1276 O  O   . GLY A 1 160 ? -17.254 -0.290  -4.793  1.00 129.58 ? 160 GLY A O   1 
ATOM   1277 N  N   . VAL A 1 161 ? -15.006 -0.418  -4.888  1.00 71.08  ? 161 VAL A N   1 
ATOM   1278 C  CA  . VAL A 1 161 ? -14.936 -1.566  -5.754  1.00 74.17  ? 161 VAL A CA  1 
ATOM   1279 C  C   . VAL A 1 161 ? -15.202 -2.774  -4.902  1.00 89.27  ? 161 VAL A C   1 
ATOM   1280 O  O   . VAL A 1 161 ? -15.880 -3.699  -5.357  1.00 116.50 ? 161 VAL A O   1 
ATOM   1281 C  CB  . VAL A 1 161 ? -13.546 -1.633  -6.408  1.00 77.10  ? 161 VAL A CB  1 
ATOM   1282 C  CG1 . VAL A 1 161 ? -13.253 -2.984  -7.060  1.00 49.12  ? 161 VAL A CG1 1 
ATOM   1283 C  CG2 . VAL A 1 161 ? -13.481 -0.479  -7.412  1.00 91.85  ? 161 VAL A CG2 1 
ATOM   1284 N  N   . GLN A 1 162 ? -14.498 -2.703  -3.768  1.00 82.34  ? 162 GLN A N   1 
ATOM   1285 C  CA  . GLN A 1 162 ? -14.654 -3.581  -2.632  1.00 80.77  ? 162 GLN A CA  1 
ATOM   1286 C  C   . GLN A 1 162 ? -15.922 -3.154  -1.915  1.00 82.89  ? 162 GLN A C   1 
ATOM   1287 O  O   . GLN A 1 162 ? -16.200 -1.958  -1.928  1.00 90.08  ? 162 GLN A O   1 
ATOM   1288 C  CB  . GLN A 1 162 ? -13.451 -3.340  -1.769  1.00 59.78  ? 162 GLN A CB  1 
ATOM   1289 C  CG  . GLN A 1 162 ? -13.558 -3.881  -0.373  1.00 50.72  ? 162 GLN A CG  1 
ATOM   1290 C  CD  . GLN A 1 162 ? -12.279 -3.689  0.394   1.00 68.41  ? 162 GLN A CD  1 
ATOM   1291 O  OE1 . GLN A 1 162 ? -11.165 -3.925  -0.074  1.00 72.52  ? 162 GLN A OE1 1 
ATOM   1292 N  NE2 . GLN A 1 162 ? -12.387 -3.244  1.628   1.00 48.90  ? 162 GLN A NE2 1 
ATOM   1293 O  OXT . GLN A 1 162 ? -16.598 -4.009  -1.350  1.00 73.99  ? 162 GLN A OXT 1 
HETATM 1294 CA CA  . CA  B 2 .   ? -21.837 5.466   16.429  1.00 15.06  ? 163 CA  A CA  1 
HETATM 1295 CA CA  . CA  C 2 .   ? -25.486 -2.149  8.421   1.00 13.36  ? 164 CA  A CA  1 
HETATM 1296 S  S   . SO4 D 3 .   ? 19.422  -7.095  7.215   1.00 38.57  ? 225 SO4 A S   1 
HETATM 1297 O  O1  . SO4 D 3 .   ? 18.219  -7.307  7.918   1.00 46.60  ? 225 SO4 A O1  1 
HETATM 1298 O  O2  . SO4 D 3 .   ? 20.478  -6.738  8.104   1.00 49.13  ? 225 SO4 A O2  1 
HETATM 1299 O  O3  . SO4 D 3 .   ? 19.211  -6.065  6.279   1.00 67.32  ? 225 SO4 A O3  1 
HETATM 1300 O  O4  . SO4 D 3 .   ? 19.747  -8.266  6.486   1.00 54.35  ? 225 SO4 A O4  1 
HETATM 1301 O  O   . HOH E 4 .   ? -1.078  -0.556  -2.777  1.00 26.81  ? 165 HOH A O   1 
HETATM 1302 O  O   . HOH E 4 .   ? -23.156 9.518   18.156  1.00 27.28  ? 166 HOH A O   1 
HETATM 1303 O  O   . HOH E 4 .   ? -16.409 15.906  8.167   1.00 61.52  ? 167 HOH A O   1 
HETATM 1304 O  O   . HOH E 4 .   ? -30.098 20.771  2.428   1.00 34.21  ? 168 HOH A O   1 
HETATM 1305 O  O   . HOH E 4 .   ? -29.116 5.282   11.592  1.00 20.24  ? 170 HOH A O   1 
HETATM 1306 O  O   . HOH E 4 .   ? 17.450  -10.224 -14.136 1.00 53.64  ? 172 HOH A O   1 
HETATM 1307 O  O   . HOH E 4 .   ? -1.154  4.295   1.249   1.00 23.96  ? 173 HOH A O   1 
HETATM 1308 O  O   . HOH E 4 .   ? 9.560   -15.004 -2.716  1.00 13.67  ? 174 HOH A O   1 
HETATM 1309 O  O   . HOH E 4 .   ? 4.821   2.260   -0.214  1.00 74.43  ? 175 HOH A O   1 
HETATM 1310 O  O   . HOH E 4 .   ? -23.337 5.293   16.401  1.00 31.39  ? 176 HOH A O   1 
HETATM 1311 O  O   . HOH E 4 .   ? -30.152 -6.927  10.048  1.00 52.46  ? 177 HOH A O   1 
HETATM 1312 O  O   . HOH E 4 .   ? -16.097 22.012  -0.779  1.00 33.04  ? 178 HOH A O   1 
HETATM 1313 O  O   . HOH E 4 .   ? -30.894 16.583  -3.038  1.00 36.29  ? 179 HOH A O   1 
HETATM 1314 O  O   . HOH E 4 .   ? 13.273  -4.314  -13.588 1.00 109.78 ? 181 HOH A O   1 
HETATM 1315 O  O   . HOH E 4 .   ? -15.316 23.275  4.523   1.00 94.88  ? 182 HOH A O   1 
HETATM 1316 O  O   . HOH E 4 .   ? -0.095  -4.949  3.594   1.00 62.18  ? 183 HOH A O   1 
HETATM 1317 O  O   . HOH E 4 .   ? -6.687  -0.877  13.506  1.00 61.63  ? 184 HOH A O   1 
HETATM 1318 O  O   . HOH E 4 .   ? 13.807  -10.601 -10.883 1.00 41.97  ? 185 HOH A O   1 
HETATM 1319 O  O   . HOH E 4 .   ? -14.780 5.314   17.987  1.00 20.48  ? 186 HOH A O   1 
HETATM 1320 O  O   . HOH E 4 .   ? -25.731 3.024   16.575  1.00 78.73  ? 187 HOH A O   1 
HETATM 1321 O  O   . HOH E 4 .   ? 14.679  -14.576 -11.207 1.00 65.02  ? 188 HOH A O   1 
HETATM 1322 O  O   . HOH E 4 .   ? -17.670 2.150   23.825  1.00 64.86  ? 189 HOH A O   1 
HETATM 1323 O  O   . HOH E 4 .   ? -21.953 21.418  9.207   1.00 53.39  ? 190 HOH A O   1 
HETATM 1324 O  O   . HOH E 4 .   ? -17.845 -2.044  13.414  1.00 27.26  ? 191 HOH A O   1 
HETATM 1325 O  O   . HOH E 4 .   ? 25.012  -1.491  -10.131 1.00 40.54  ? 192 HOH A O   1 
HETATM 1326 O  O   . HOH E 4 .   ? 17.773  -16.759 7.809   1.00 24.48  ? 193 HOH A O   1 
HETATM 1327 O  O   . HOH E 4 .   ? 11.452  -16.578 4.701   1.00 22.17  ? 194 HOH A O   1 
HETATM 1328 O  O   . HOH E 4 .   ? -21.122 21.606  -2.893  1.00 23.46  ? 195 HOH A O   1 
HETATM 1329 O  O   . HOH E 4 .   ? -30.346 1.464   5.186   1.00 26.91  ? 196 HOH A O   1 
HETATM 1330 O  O   . HOH E 4 .   ? 21.846  -14.738 -7.299  1.00 31.36  ? 197 HOH A O   1 
HETATM 1331 O  O   . HOH E 4 .   ? 20.310  -12.966 -9.058  1.00 58.72  ? 198 HOH A O   1 
HETATM 1332 O  O   . HOH E 4 .   ? 6.247   -9.001  -8.897  1.00 21.63  ? 199 HOH A O   1 
HETATM 1333 O  O   . HOH E 4 .   ? 9.073   -7.150  -1.580  1.00 34.30  ? 200 HOH A O   1 
HETATM 1334 O  O   . HOH E 4 .   ? -24.308 -6.553  13.861  1.00 50.48  ? 201 HOH A O   1 
HETATM 1335 O  O   . HOH E 4 .   ? 7.778   7.012   -9.491  1.00 20.16  ? 202 HOH A O   1 
HETATM 1336 O  O   . HOH E 4 .   ? 27.148  -5.457  -2.020  1.00 31.06  ? 204 HOH A O   1 
HETATM 1337 O  O   . HOH E 4 .   ? 6.501   -5.416  5.724   1.00 37.12  ? 205 HOH A O   1 
HETATM 1338 O  O   . HOH E 4 .   ? -19.785 24.489  -1.305  1.00 81.38  ? 206 HOH A O   1 
HETATM 1339 O  O   . HOH E 4 .   ? -27.310 17.571  -3.992  1.00 33.38  ? 207 HOH A O   1 
HETATM 1340 O  O   . HOH E 4 .   ? 12.869  -3.153  7.645   1.00 22.95  ? 208 HOH A O   1 
HETATM 1341 O  O   . HOH E 4 .   ? -24.745 -2.684  9.644   1.00 37.52  ? 209 HOH A O   1 
HETATM 1342 O  O   . HOH E 4 .   ? -23.651 -5.855  6.390   1.00 24.90  ? 210 HOH A O   1 
HETATM 1343 O  O   . HOH E 4 .   ? -4.378  0.452   -1.005  1.00 38.13  ? 211 HOH A O   1 
HETATM 1344 O  O   . HOH E 4 .   ? 12.866  2.488   6.001   1.00 40.26  ? 212 HOH A O   1 
HETATM 1345 O  O   . HOH E 4 .   ? -15.399 2.914   16.835  1.00 21.92  ? 213 HOH A O   1 
HETATM 1346 O  O   . HOH E 4 .   ? 9.236   4.082   -16.571 1.00 34.68  ? 214 HOH A O   1 
HETATM 1347 O  O   . HOH E 4 .   ? 13.332  -3.486  10.430  1.00 39.38  ? 216 HOH A O   1 
HETATM 1348 O  O   . HOH E 4 .   ? 12.932  -18.638 4.235   1.00 29.34  ? 217 HOH A O   1 
HETATM 1349 O  O   . HOH E 4 .   ? 9.322   12.053  -15.964 1.00 33.83  ? 218 HOH A O   1 
HETATM 1350 O  O   . HOH E 4 .   ? 7.249   -13.261 2.550   1.00 57.34  ? 219 HOH A O   1 
HETATM 1351 O  O   . HOH E 4 .   ? 9.731   13.358  -9.412  1.00 23.37  ? 220 HOH A O   1 
HETATM 1352 O  O   . HOH E 4 .   ? 8.834   8.356   -16.151 1.00 44.43  ? 221 HOH A O   1 
HETATM 1353 O  O   . HOH E 4 .   ? 8.475   -1.318  -19.023 1.00 33.00  ? 222 HOH A O   1 
HETATM 1354 O  O   . HOH E 4 .   ? -22.680 21.211  4.270   1.00 31.95  ? 223 HOH A O   1 
HETATM 1355 O  O   . HOH E 4 .   ? -21.704 19.134  10.764  1.00 30.45  ? 224 HOH A O   1 
HETATM 1356 O  O   . HOH E 4 .   ? -31.509 3.813   5.980   1.00 34.95  ? 227 HOH A O   1 
HETATM 1357 O  O   . HOH E 4 .   ? 21.719  -21.593 -3.874  1.00 84.27  ? 228 HOH A O   1 
HETATM 1358 O  O   . HOH E 4 .   ? -28.640 12.760  8.882   1.00 22.69  ? 229 HOH A O   1 
HETATM 1359 O  O   . HOH E 4 .   ? 21.628  -4.155  9.273   1.00 69.98  ? 230 HOH A O   1 
HETATM 1360 O  O   . HOH E 4 .   ? -21.874 -6.403  8.245   1.00 31.39  ? 231 HOH A O   1 
HETATM 1361 O  O   . HOH E 4 .   ? -21.897 2.598   -0.692  1.00 28.49  ? 232 HOH A O   1 
HETATM 1362 O  O   . HOH E 4 .   ? -35.094 -3.856  7.680   1.00 55.64  ? 233 HOH A O   1 
HETATM 1363 O  O   . HOH E 4 .   ? 21.404  -5.316  4.529   1.00 22.15  ? 234 HOH A O   1 
HETATM 1364 O  O   . HOH E 4 .   ? -25.856 9.500   16.928  1.00 37.56  ? 235 HOH A O   1 
HETATM 1365 O  O   . HOH E 4 .   ? -29.946 -0.226  2.985   1.00 40.53  ? 236 HOH A O   1 
HETATM 1366 O  O   . HOH E 4 .   ? 2.445   3.841   -14.623 1.00 17.38  ? 237 HOH A O   1 
HETATM 1367 O  O   . HOH E 4 .   ? 29.553  -13.033 -6.074  1.00 37.73  ? 238 HOH A O   1 
HETATM 1368 O  O   . HOH E 4 .   ? 27.648  -17.105 -2.604  1.00 29.69  ? 239 HOH A O   1 
HETATM 1369 O  O   . HOH E 4 .   ? 19.602  -8.029  3.407   1.00 24.34  ? 240 HOH A O   1 
HETATM 1370 O  O   . HOH E 4 .   ? -30.933 2.446   -2.447  1.00 43.83  ? 241 HOH A O   1 
HETATM 1371 O  O   . HOH E 4 .   ? -33.394 3.228   -3.120  1.00 30.18  ? 242 HOH A O   1 
HETATM 1372 O  O   . HOH E 4 .   ? -20.962 -1.035  2.301   1.00 16.23  ? 244 HOH A O   1 
HETATM 1373 O  O   . HOH E 4 .   ? 28.643  -6.666  -6.193  1.00 40.62  ? 246 HOH A O   1 
HETATM 1374 O  O   . HOH E 4 .   ? 30.400  2.351   -6.912  1.00 58.76  ? 247 HOH A O   1 
HETATM 1375 O  O   . HOH E 4 .   ? 29.071  0.501   -8.244  1.00 62.70  ? 248 HOH A O   1 
HETATM 1376 O  O   . HOH E 4 .   ? 27.601  1.743   -11.264 1.00 103.83 ? 249 HOH A O   1 
HETATM 1377 O  O   . HOH E 4 .   ? 22.733  -11.483 -9.681  1.00 42.97  ? 250 HOH A O   1 
HETATM 1378 O  O   . HOH E 4 .   ? 23.560  -10.268 -11.954 1.00 87.47  ? 251 HOH A O   1 
HETATM 1379 O  O   . HOH E 4 .   ? 24.971  -8.280  -13.212 1.00 71.87  ? 252 HOH A O   1 
HETATM 1380 O  O   . HOH E 4 .   ? 18.708  -6.636  10.350  1.00 57.70  ? 254 HOH A O   1 
HETATM 1381 O  O   . HOH E 4 .   ? -20.885 -0.252  -0.338  1.00 24.48  ? 255 HOH A O   1 
HETATM 1382 O  O   . HOH E 4 .   ? 8.904   -4.300  9.002   1.00 42.54  ? 258 HOH A O   1 
HETATM 1383 O  O   . HOH E 4 .   ? 5.541   -12.714 0.407   1.00 53.82  ? 260 HOH A O   1 
HETATM 1384 O  O   . HOH E 4 .   ? 9.118   -14.624 -9.637  1.00 37.14  ? 262 HOH A O   1 
HETATM 1385 O  O   . HOH E 4 .   ? 21.153  -17.366 -0.728  1.00 71.60  ? 263 HOH A O   1 
HETATM 1386 O  O   . HOH E 4 .   ? 22.373  -14.976 -0.761  1.00 53.62  ? 264 HOH A O   1 
HETATM 1387 O  O   . HOH E 4 .   ? 6.718   10.036  -16.665 1.00 88.63  ? 266 HOH A O   1 
HETATM 1388 O  O   . HOH E 4 .   ? 20.293  -2.444  -15.154 1.00 44.36  ? 267 HOH A O   1 
HETATM 1389 O  O   . HOH E 4 .   ? 20.549  -5.000  -13.415 1.00 86.81  ? 268 HOH A O   1 
HETATM 1390 O  O   . HOH E 4 .   ? 19.286  -8.153  -15.301 1.00 103.59 ? 269 HOH A O   1 
HETATM 1391 O  O   . HOH E 4 .   ? 6.896   -6.165  -8.430  1.00 22.09  ? 270 HOH A O   1 
HETATM 1392 O  O   . HOH E 4 .   ? 6.467   -6.611  -11.103 1.00 35.93  ? 271 HOH A O   1 
HETATM 1393 O  O   . HOH E 4 .   ? 2.722   -7.061  -5.740  1.00 63.80  ? 273 HOH A O   1 
HETATM 1394 O  O   . HOH E 4 .   ? 3.034   -6.729  -2.990  1.00 31.84  ? 274 HOH A O   1 
HETATM 1395 O  O   . HOH E 4 .   ? 7.068   2.331   3.794   1.00 89.24  ? 276 HOH A O   1 
HETATM 1396 O  O   . HOH E 4 .   ? -8.452  -1.967  7.878   1.00 92.46  ? 278 HOH A O   1 
HETATM 1397 O  O   . HOH E 4 .   ? -2.516  -2.320  7.905   1.00 93.77  ? 279 HOH A O   1 
HETATM 1398 O  O   . HOH E 4 .   ? -4.018  4.982   1.739   1.00 51.99  ? 280 HOH A O   1 
HETATM 1399 O  O   . HOH E 4 .   ? -12.339 10.492  7.176   1.00 20.34  ? 281 HOH A O   1 
HETATM 1400 O  O   . HOH E 4 .   ? 26.281  5.475   -10.104 1.00 42.27  ? 283 HOH A O   1 
HETATM 1401 O  O   . HOH E 4 .   ? 26.944  6.055   -7.437  1.00 80.34  ? 284 HOH A O   1 
HETATM 1402 O  O   . HOH E 4 .   ? -10.626 14.524  10.392  1.00 57.73  ? 285 HOH A O   1 
HETATM 1403 O  O   . HOH E 4 .   ? -15.895 16.118  10.963  1.00 68.03  ? 286 HOH A O   1 
HETATM 1404 O  O   . HOH E 4 .   ? -16.215 13.649  14.296  1.00 63.13  ? 288 HOH A O   1 
HETATM 1405 O  O   . HOH E 4 .   ? -18.446 16.616  12.485  1.00 48.86  ? 289 HOH A O   1 
HETATM 1406 O  O   . HOH E 4 .   ? -18.007 -4.654  11.200  1.00 67.95  ? 290 HOH A O   1 
HETATM 1407 O  O   . HOH E 4 .   ? -14.926 -4.870  4.598   1.00 40.50  ? 291 HOH A O   1 
HETATM 1408 O  O   . HOH E 4 .   ? -20.405 -8.738  8.084   1.00 52.31  ? 292 HOH A O   1 
HETATM 1409 O  O   . HOH E 4 .   ? -17.953 -6.966  2.954   1.00 48.35  ? 293 HOH A O   1 
HETATM 1410 O  O   . HOH E 4 .   ? -17.084 -2.729  -7.637  1.00 45.50  ? 294 HOH A O   1 
HETATM 1411 O  O   . HOH E 4 .   ? -11.854 -5.871  -7.222  1.00 41.08  ? 295 HOH A O   1 
HETATM 1412 O  O   . HOH E 4 .   ? 12.560  2.629   -17.565 1.00 50.47  ? 296 HOH A O   1 
HETATM 1413 O  O   . HOH E 4 .   ? 11.508  6.156   -19.372 1.00 77.01  ? 297 HOH A O   1 
HETATM 1414 O  O   . HOH E 4 .   ? 16.998  -1.431  -18.944 1.00 69.34  ? 298 HOH A O   1 
HETATM 1415 O  O   . HOH E 4 .   ? 2.547   -0.553  5.951   1.00 51.30  ? 304 HOH A O   1 
HETATM 1416 O  O   . HOH E 4 .   ? 22.195  -9.397  5.765   1.00 41.47  ? 306 HOH A O   1 
HETATM 1417 O  O   . HOH E 4 .   ? 31.226  -0.005  -2.310  1.00 80.86  ? 307 HOH A O   1 
HETATM 1418 O  O   . HOH E 4 .   ? -23.201 1.663   23.790  1.00 100.64 ? 308 HOH A O   1 
HETATM 1419 O  O   . HOH E 4 .   ? -21.798 -1.342  20.548  1.00 70.41  ? 309 HOH A O   1 
HETATM 1420 O  O   . HOH E 4 .   ? -28.349 19.707  4.195   1.00 38.45  ? 310 HOH A O   1 
HETATM 1421 O  O   . HOH E 4 .   ? -20.898 23.211  6.482   1.00 77.84  ? 311 HOH A O   1 
HETATM 1422 O  O   . HOH E 4 .   ? -27.183 20.449  -3.339  1.00 63.42  ? 312 HOH A O   1 
HETATM 1423 O  O   . HOH E 4 .   ? -33.078 9.429   0.073   1.00 36.99  ? 313 HOH A O   1 
HETATM 1424 O  O   . HOH E 4 .   ? -24.539 3.703   -5.241  1.00 31.61  ? 316 HOH A O   1 
HETATM 1425 O  O   . HOH E 4 .   ? -22.278 0.651   -6.289  1.00 46.79  ? 317 HOH A O   1 
HETATM 1426 O  O   . HOH E 4 .   ? -31.508 6.356   4.588   1.00 45.70  ? 318 HOH A O   1 
HETATM 1427 O  O   . HOH E 4 .   ? 11.785  6.756   -2.137  1.00 40.67  ? 322 HOH A O   1 
HETATM 1428 O  O   . HOH E 4 .   ? 7.059   3.869   -1.286  1.00 47.53  ? 323 HOH A O   1 
HETATM 1429 O  O   . HOH E 4 .   ? 10.567  -2.457  10.292  1.00 42.27  ? 324 HOH A O   1 
HETATM 1430 O  O   . HOH E 4 .   ? 17.929  -10.773 6.882   1.00 54.30  ? 325 HOH A O   1 
HETATM 1431 O  O   . HOH E 4 .   ? 28.171  -12.089 -2.959  1.00 65.07  ? 326 HOH A O   1 
HETATM 1432 O  O   . HOH E 4 .   ? 19.017  -13.999 7.443   1.00 49.91  ? 327 HOH A O   1 
HETATM 1433 O  O   . HOH E 4 .   ? 11.245  -6.684  -19.285 1.00 54.52  ? 331 HOH A O   1 
HETATM 1434 O  O   . HOH E 4 .   ? 16.815  -21.795 -0.879  1.00 52.69  ? 332 HOH A O   1 
HETATM 1435 O  O   . HOH E 4 .   ? 17.290  -17.396 -8.633  1.00 84.21  ? 333 HOH A O   1 
HETATM 1436 O  O   . HOH E 4 .   ? 20.350  -16.913 -8.831  1.00 71.44  ? 334 HOH A O   1 
HETATM 1437 O  O   . HOH E 4 .   ? 3.737   -6.996  -12.115 1.00 66.31  ? 337 HOH A O   1 
HETATM 1438 O  O   . HOH E 4 .   ? 27.363  -6.854  -15.640 1.00 43.91  ? 338 HOH A O   1 
HETATM 1439 O  O   . HOH E 4 .   ? 11.316  10.903  -4.788  1.00 59.35  ? 341 HOH A O   1 
HETATM 1440 O  O   . HOH E 4 .   ? 4.344   -5.954  -7.545  1.00 24.15  ? 344 HOH A O   1 
HETATM 1441 O  O   . HOH E 4 .   ? 6.226   -15.015 -20.420 1.00 56.53  ? 345 HOH A O   1 
HETATM 1442 O  O   . HOH E 4 .   ? 9.558   -11.143 -22.797 1.00 63.34  ? 346 HOH A O   1 
HETATM 1443 O  O   . HOH E 4 .   ? 8.896   -11.212 0.546   1.00 28.45  ? 347 HOH A O   1 
HETATM 1444 O  O   . HOH E 4 .   ? 14.095  -6.138  8.023   1.00 37.99  ? 348 HOH A O   1 
HETATM 1445 O  O   . HOH E 4 .   ? -10.386 -26.479 -22.854 1.00 57.80  ? 350 HOH A O   1 
HETATM 1446 O  O   . HOH E 4 .   ? 8.268   -15.043 -13.303 1.00 79.95  ? 351 HOH A O   1 
HETATM 1447 O  O   . HOH E 4 .   ? -24.019 -5.213  11.429  1.00 75.77  ? 355 HOH A O   1 
HETATM 1448 O  O   . HOH E 4 .   ? 2.098   -9.593  -13.283 1.00 97.23  ? 357 HOH A O   1 
HETATM 1449 O  O   . HOH E 4 .   ? -20.035 3.533   23.276  1.00 58.03  ? 360 HOH A O   1 
HETATM 1450 O  O   . HOH E 4 .   ? -13.695 11.725  9.079   1.00 38.29  ? 363 HOH A O   1 
HETATM 1451 O  O   . HOH E 4 .   ? -12.052 15.310  12.633  1.00 86.69  ? 369 HOH A O   1 
HETATM 1452 O  O   . HOH E 4 .   ? 4.314   -3.954  4.902   1.00 49.67  ? 372 HOH A O   1 
HETATM 1453 O  O   . HOH E 4 .   ? 3.292   -9.607  -5.829  1.00 57.01  ? 373 HOH A O   1 
HETATM 1454 O  O   . HOH E 4 .   ? -15.273 0.281   16.454  1.00 69.69  ? 376 HOH A O   1 
HETATM 1455 O  O   . HOH E 4 .   ? -11.627 0.128   13.971  1.00 32.22  ? 377 HOH A O   1 
HETATM 1456 O  O   . HOH E 4 .   ? -17.250 4.723   24.823  1.00 86.12  ? 378 HOH A O   1 
HETATM 1457 O  O   . HOH E 4 .   ? -30.881 4.957   9.068   1.00 41.76  ? 380 HOH A O   1 
HETATM 1458 O  O   . HOH E 4 .   ? -28.845 14.973  10.265  1.00 56.35  ? 381 HOH A O   1 
HETATM 1459 O  O   . HOH E 4 .   ? -26.916 14.905  12.042  1.00 33.11  ? 382 HOH A O   1 
HETATM 1460 O  O   . HOH E 4 .   ? -33.425 10.850  8.614   1.00 63.46  ? 383 HOH A O   1 
HETATM 1461 O  O   . HOH E 4 .   ? -24.970 -0.367  -4.225  1.00 57.11  ? 385 HOH A O   1 
HETATM 1462 O  O   . HOH E 4 .   ? 10.476  -13.311 -21.339 1.00 63.07  ? 386 HOH A O   1 
HETATM 1463 O  O   . HOH E 4 .   ? 25.426  -1.046  -13.254 1.00 42.87  ? 387 HOH A O   1 
HETATM 1464 O  O   . HOH E 4 .   ? 27.135  -2.653  -14.961 1.00 90.69  ? 388 HOH A O   1 
# 
